data_2MUK
#
_entry.id   2MUK
#
_entity_poly.entity_id   1
_entity_poly.type   'polypeptide(L)'
_entity_poly.pdbx_seq_one_letter_code
;GGPEAAAFVKVSMDGAPYLRKIDLRMYKSYDELSNALSNMFSSFTMGKHGGEEGMIDFMNERKLMDLVNSWDYVPSYENK
DGNWMLVGDVPWPMFVDTCKRLRLMKGSDAIGL
;
_entity_poly.pdbx_strand_id   X
#
# COMPACT_ATOMS: atom_id res chain seq x y z
N GLY A 1 19.36 9.05 -11.43
CA GLY A 1 19.83 7.75 -10.87
C GLY A 1 18.77 7.18 -9.94
N GLY A 2 18.65 5.86 -9.93
CA GLY A 2 17.66 5.20 -9.08
C GLY A 2 17.69 3.69 -9.26
N PRO A 3 16.78 3.00 -8.65
CA PRO A 3 16.68 1.52 -8.73
C PRO A 3 16.74 1.01 -10.16
N GLU A 4 15.74 1.41 -10.96
CA GLU A 4 15.66 1.02 -12.38
C GLU A 4 16.49 -0.24 -12.65
N ALA A 5 16.25 -1.25 -11.83
CA ALA A 5 16.97 -2.52 -11.95
C ALA A 5 16.88 -3.28 -10.63
N ALA A 6 16.80 -2.55 -9.53
CA ALA A 6 16.69 -3.17 -8.22
C ALA A 6 16.00 -2.26 -7.21
N ALA A 7 14.70 -2.47 -7.02
CA ALA A 7 13.93 -1.69 -6.06
C ALA A 7 13.07 -2.62 -5.23
N PHE A 8 12.96 -2.34 -3.93
CA PHE A 8 12.16 -3.18 -3.05
C PHE A 8 11.36 -2.33 -2.07
N VAL A 9 10.06 -2.59 -2.00
CA VAL A 9 9.21 -1.86 -1.08
C VAL A 9 8.19 -2.81 -0.45
N LYS A 10 8.12 -2.80 0.87
CA LYS A 10 7.17 -3.68 1.57
C LYS A 10 5.78 -3.05 1.58
N VAL A 11 4.75 -3.84 1.91
CA VAL A 11 3.40 -3.30 1.94
C VAL A 11 2.55 -3.91 3.04
N SER A 12 2.01 -3.04 3.88
CA SER A 12 1.17 -3.47 4.99
C SER A 12 -0.04 -2.54 5.16
N MET A 13 -1.08 -3.06 5.81
CA MET A 13 -2.31 -2.29 6.05
C MET A 13 -2.61 -2.27 7.55
N ASP A 14 -2.59 -1.09 8.15
CA ASP A 14 -2.86 -1.00 9.58
C ASP A 14 -4.14 -1.75 9.93
N GLY A 15 -4.04 -2.72 10.82
CA GLY A 15 -5.20 -3.50 11.23
C GLY A 15 -5.24 -4.86 10.55
N ALA A 16 -5.85 -4.90 9.37
CA ALA A 16 -5.96 -6.16 8.62
C ALA A 16 -4.56 -6.65 8.23
N PRO A 17 -4.35 -7.94 8.12
CA PRO A 17 -3.02 -8.50 7.75
C PRO A 17 -2.68 -8.29 6.27
N TYR A 18 -1.49 -7.76 6.02
CA TYR A 18 -1.01 -7.52 4.65
C TYR A 18 0.52 -7.53 4.64
N LEU A 19 1.12 -8.42 3.85
CA LEU A 19 2.58 -8.47 3.76
C LEU A 19 3.02 -8.87 2.36
N ARG A 20 3.63 -7.94 1.66
CA ARG A 20 4.12 -8.22 0.32
C ARG A 20 5.17 -7.19 -0.11
N LYS A 21 6.05 -7.61 -1.01
CA LYS A 21 7.10 -6.73 -1.53
C LYS A 21 6.84 -6.46 -3.01
N ILE A 22 7.36 -5.35 -3.51
CA ILE A 22 7.16 -4.98 -4.89
C ILE A 22 8.39 -4.28 -5.46
N ASP A 23 8.42 -4.07 -6.78
CA ASP A 23 9.53 -3.39 -7.41
C ASP A 23 9.02 -2.14 -8.09
N LEU A 24 9.52 -0.99 -7.69
CA LEU A 24 9.10 0.27 -8.30
C LEU A 24 9.89 0.51 -9.58
N ARG A 25 11.02 -0.18 -9.71
CA ARG A 25 11.85 -0.05 -10.90
C ARG A 25 11.04 -0.40 -12.12
N MET A 26 10.01 -1.20 -11.90
CA MET A 26 9.11 -1.60 -12.96
C MET A 26 8.35 -0.38 -13.43
N TYR A 27 8.03 0.48 -12.47
CA TYR A 27 7.28 1.69 -12.74
C TYR A 27 8.12 2.90 -12.37
N LYS A 28 8.60 3.60 -13.39
CA LYS A 28 9.43 4.78 -13.17
C LYS A 28 8.57 5.98 -12.87
N SER A 29 7.25 5.81 -12.94
CA SER A 29 6.34 6.92 -12.66
C SER A 29 5.39 6.53 -11.55
N TYR A 30 4.97 7.52 -10.77
CA TYR A 30 4.06 7.22 -9.68
C TYR A 30 2.73 6.73 -10.24
N ASP A 31 2.43 7.14 -11.48
CA ASP A 31 1.18 6.72 -12.10
C ASP A 31 1.14 5.21 -12.23
N GLU A 32 2.09 4.64 -12.98
CA GLU A 32 2.10 3.20 -13.15
C GLU A 32 2.28 2.51 -11.81
N LEU A 33 2.99 3.15 -10.89
CA LEU A 33 3.15 2.55 -9.58
C LEU A 33 1.81 2.40 -8.94
N SER A 34 1.06 3.48 -8.94
CA SER A 34 -0.23 3.44 -8.30
C SER A 34 -1.11 2.37 -8.93
N ASN A 35 -1.05 2.23 -10.24
CA ASN A 35 -1.85 1.23 -10.93
C ASN A 35 -1.32 -0.18 -10.65
N ALA A 36 -0.01 -0.34 -10.75
CA ALA A 36 0.61 -1.62 -10.52
C ALA A 36 0.36 -2.09 -9.09
N LEU A 37 0.53 -1.19 -8.14
CA LEU A 37 0.29 -1.52 -6.74
C LEU A 37 -1.20 -1.74 -6.50
N SER A 38 -2.02 -0.91 -7.12
CA SER A 38 -3.46 -1.02 -6.95
C SER A 38 -3.95 -2.40 -7.41
N ASN A 39 -3.44 -2.84 -8.55
CA ASN A 39 -3.80 -4.15 -9.09
C ASN A 39 -3.11 -5.28 -8.34
N MET A 40 -1.83 -5.08 -8.04
CA MET A 40 -1.05 -6.10 -7.34
C MET A 40 -1.55 -6.32 -5.92
N PHE A 41 -1.89 -5.24 -5.24
CA PHE A 41 -2.36 -5.32 -3.87
C PHE A 41 -3.67 -6.09 -3.78
N SER A 42 -4.56 -5.86 -4.74
CA SER A 42 -5.85 -6.54 -4.77
C SER A 42 -5.64 -8.04 -4.93
N SER A 43 -4.63 -8.39 -5.72
CA SER A 43 -4.30 -9.79 -5.96
C SER A 43 -3.92 -10.49 -4.66
N PHE A 44 -3.19 -9.77 -3.81
CA PHE A 44 -2.73 -10.33 -2.55
C PHE A 44 -3.90 -10.86 -1.71
N THR A 45 -4.93 -10.05 -1.55
CA THR A 45 -6.09 -10.45 -0.76
C THR A 45 -7.02 -11.36 -1.56
N MET A 46 -6.59 -11.75 -2.75
CA MET A 46 -7.40 -12.62 -3.60
C MET A 46 -6.67 -13.95 -3.87
N GLY A 47 -7.37 -15.06 -3.63
CA GLY A 47 -6.77 -16.38 -3.85
C GLY A 47 -7.77 -17.48 -3.53
N LYS A 48 -7.45 -18.71 -3.94
CA LYS A 48 -8.33 -19.84 -3.67
C LYS A 48 -8.40 -20.07 -2.16
N HIS A 49 -7.25 -19.92 -1.51
CA HIS A 49 -7.15 -20.09 -0.07
C HIS A 49 -6.66 -18.80 0.57
N GLY A 50 -7.32 -18.37 1.63
CA GLY A 50 -6.94 -17.14 2.32
C GLY A 50 -7.83 -16.90 3.52
N GLY A 51 -8.16 -15.64 3.76
CA GLY A 51 -9.00 -15.27 4.89
C GLY A 51 -10.39 -15.89 4.76
N GLU A 52 -10.45 -17.20 4.92
CA GLU A 52 -11.71 -17.93 4.83
C GLU A 52 -12.67 -17.49 5.94
N GLU A 53 -12.12 -16.90 6.99
CA GLU A 53 -12.93 -16.44 8.11
C GLU A 53 -13.92 -15.38 7.65
N GLY A 54 -13.61 -14.76 6.51
CA GLY A 54 -14.45 -13.72 5.95
C GLY A 54 -13.67 -12.43 5.80
N MET A 55 -12.42 -12.46 6.22
CA MET A 55 -11.58 -11.27 6.11
C MET A 55 -11.49 -10.86 4.65
N ILE A 56 -11.76 -11.80 3.76
CA ILE A 56 -11.71 -11.52 2.34
C ILE A 56 -12.90 -10.70 1.87
N ASP A 57 -14.06 -10.96 2.46
CA ASP A 57 -15.28 -10.24 2.09
C ASP A 57 -15.70 -9.30 3.21
N PHE A 58 -14.99 -9.38 4.32
CA PHE A 58 -15.29 -8.54 5.48
C PHE A 58 -14.38 -7.32 5.51
N MET A 59 -13.09 -7.56 5.72
CA MET A 59 -12.13 -6.46 5.77
C MET A 59 -12.08 -5.73 4.43
N ASN A 60 -12.23 -6.47 3.34
CA ASN A 60 -12.20 -5.89 2.01
C ASN A 60 -13.34 -4.89 1.78
N GLU A 61 -14.56 -5.28 2.15
CA GLU A 61 -15.72 -4.41 1.95
C GLU A 61 -15.73 -3.24 2.93
N ARG A 62 -15.15 -3.44 4.10
CA ARG A 62 -15.09 -2.39 5.11
C ARG A 62 -14.15 -1.28 4.66
N LYS A 63 -13.17 -1.64 3.83
CA LYS A 63 -12.20 -0.66 3.36
C LYS A 63 -12.88 0.53 2.68
N LEU A 64 -13.82 0.27 1.79
CA LEU A 64 -14.49 1.36 1.11
C LEU A 64 -15.24 2.24 2.10
N MET A 65 -16.01 1.60 2.99
CA MET A 65 -16.75 2.35 3.99
C MET A 65 -15.79 3.04 4.94
N ASP A 66 -14.74 2.35 5.33
CA ASP A 66 -13.76 2.91 6.24
C ASP A 66 -13.03 4.08 5.63
N LEU A 67 -12.69 3.98 4.35
CA LEU A 67 -11.96 5.06 3.70
C LEU A 67 -12.79 6.33 3.67
N VAL A 68 -14.00 6.23 3.17
CA VAL A 68 -14.88 7.39 3.13
C VAL A 68 -15.33 7.74 4.54
N ASN A 69 -15.73 6.75 5.31
CA ASN A 69 -16.16 7.00 6.68
C ASN A 69 -14.99 7.60 7.46
N SER A 70 -13.82 7.02 7.25
CA SER A 70 -12.59 7.49 7.89
C SER A 70 -11.75 8.21 6.86
N TRP A 71 -12.35 9.19 6.21
CA TRP A 71 -11.66 9.95 5.18
C TRP A 71 -10.58 10.82 5.78
N ASP A 72 -10.32 10.62 7.05
CA ASP A 72 -9.28 11.36 7.74
C ASP A 72 -7.93 10.69 7.50
N TYR A 73 -8.00 9.42 7.13
CA TYR A 73 -6.80 8.63 6.86
C TYR A 73 -6.46 8.60 5.38
N VAL A 74 -5.18 8.72 5.07
CA VAL A 74 -4.74 8.69 3.67
C VAL A 74 -3.43 7.89 3.56
N PRO A 75 -3.10 7.33 2.41
CA PRO A 75 -1.84 6.55 2.26
C PRO A 75 -0.58 7.36 2.56
N SER A 76 0.40 6.72 3.23
CA SER A 76 1.66 7.37 3.56
C SER A 76 2.78 6.32 3.59
N TYR A 77 3.96 6.71 3.13
CA TYR A 77 5.11 5.80 3.08
C TYR A 77 6.30 6.27 3.91
N GLU A 78 7.24 5.36 4.15
CA GLU A 78 8.43 5.67 4.91
C GLU A 78 9.65 5.78 3.98
N ASN A 79 10.34 6.91 4.05
CA ASN A 79 11.50 7.14 3.20
C ASN A 79 12.76 6.56 3.83
N LYS A 80 13.89 6.76 3.15
CA LYS A 80 15.16 6.24 3.65
C LYS A 80 15.47 6.86 5.00
N ASP A 81 14.95 8.07 5.23
CA ASP A 81 15.15 8.75 6.50
C ASP A 81 14.32 8.05 7.57
N GLY A 82 13.25 7.41 7.13
CA GLY A 82 12.37 6.69 8.04
C GLY A 82 11.20 7.56 8.50
N ASN A 83 11.04 8.72 7.89
CA ASN A 83 9.95 9.60 8.25
C ASN A 83 8.72 9.22 7.43
N TRP A 84 7.53 9.45 7.99
CA TRP A 84 6.31 9.12 7.28
C TRP A 84 5.87 10.32 6.44
N MET A 85 5.47 10.07 5.18
CA MET A 85 5.01 11.15 4.31
C MET A 85 3.76 10.69 3.57
N LEU A 86 2.75 11.56 3.49
CA LEU A 86 1.55 11.18 2.78
C LEU A 86 1.86 11.13 1.30
N VAL A 87 1.24 10.18 0.62
CA VAL A 87 1.47 10.01 -0.82
C VAL A 87 1.39 11.32 -1.58
N GLY A 88 2.39 11.56 -2.43
CA GLY A 88 2.44 12.76 -3.23
C GLY A 88 3.15 13.88 -2.49
N ASP A 89 3.42 13.69 -1.20
CA ASP A 89 4.09 14.73 -0.43
C ASP A 89 5.47 15.06 -0.99
N VAL A 90 6.29 14.04 -1.25
CA VAL A 90 7.63 14.27 -1.74
C VAL A 90 7.72 14.01 -3.26
N PRO A 91 8.65 14.64 -3.95
CA PRO A 91 8.81 14.43 -5.43
C PRO A 91 8.92 12.95 -5.79
N TRP A 92 8.31 12.55 -6.90
CA TRP A 92 8.37 11.16 -7.30
C TRP A 92 9.82 10.69 -7.45
N PRO A 93 10.70 11.47 -8.04
CA PRO A 93 12.13 11.05 -8.20
C PRO A 93 12.76 10.72 -6.86
N MET A 94 12.48 11.55 -5.86
CA MET A 94 13.01 11.31 -4.54
C MET A 94 12.34 10.10 -3.92
N PHE A 95 11.03 9.99 -4.17
CA PHE A 95 10.26 8.90 -3.60
C PHE A 95 10.63 7.52 -4.16
N VAL A 96 10.82 7.45 -5.48
CA VAL A 96 11.12 6.17 -6.12
C VAL A 96 12.44 5.61 -5.61
N ASP A 97 13.37 6.49 -5.29
CA ASP A 97 14.67 6.05 -4.83
C ASP A 97 14.66 5.76 -3.34
N THR A 98 14.22 6.73 -2.56
CA THR A 98 14.15 6.57 -1.12
C THR A 98 13.11 5.52 -0.77
N CYS A 99 12.25 5.23 -1.75
CA CYS A 99 11.19 4.25 -1.56
C CYS A 99 11.73 3.03 -0.82
N LYS A 100 11.41 2.95 0.48
CA LYS A 100 11.88 1.82 1.30
C LYS A 100 10.71 0.99 1.84
N ARG A 101 9.78 1.66 2.49
CA ARG A 101 8.63 0.97 3.06
C ARG A 101 7.36 1.73 2.73
N LEU A 102 6.34 1.00 2.32
CA LEU A 102 5.06 1.59 1.95
C LEU A 102 3.94 0.98 2.77
N ARG A 103 3.08 1.82 3.32
CA ARG A 103 1.95 1.31 4.08
C ARG A 103 0.80 2.27 3.93
N LEU A 104 -0.35 1.75 3.57
CA LEU A 104 -1.50 2.60 3.40
C LEU A 104 -2.22 2.74 4.73
N MET A 105 -2.52 3.98 5.12
CA MET A 105 -3.18 4.20 6.38
C MET A 105 -4.66 3.94 6.24
N LYS A 106 -5.14 2.94 6.96
CA LYS A 106 -6.55 2.57 6.89
C LYS A 106 -7.15 2.54 8.30
N GLY A 107 -8.15 3.37 8.53
CA GLY A 107 -8.79 3.46 9.84
C GLY A 107 -9.74 2.29 10.08
N SER A 108 -9.82 1.40 9.09
CA SER A 108 -10.69 0.23 9.18
C SER A 108 -10.24 -0.68 10.28
N ASP A 109 -9.00 -0.54 10.70
CA ASP A 109 -8.47 -1.41 11.72
C ASP A 109 -9.47 -1.56 12.85
N ALA A 110 -10.38 -0.61 12.95
CA ALA A 110 -11.40 -0.66 13.99
C ALA A 110 -12.68 -1.31 13.47
N ILE A 111 -12.95 -1.12 12.18
CA ILE A 111 -14.16 -1.68 11.57
C ILE A 111 -13.86 -2.95 10.79
N GLY A 112 -12.80 -2.92 9.99
CA GLY A 112 -12.44 -4.09 9.20
C GLY A 112 -12.10 -5.27 10.10
N LEU A 113 -11.41 -4.98 11.19
CA LEU A 113 -11.03 -6.02 12.14
C LEU A 113 -11.99 -6.03 13.32
N GLY A 1 19.48 6.70 -12.77
CA GLY A 1 19.39 7.14 -11.34
C GLY A 1 18.30 6.35 -10.64
N GLY A 2 18.57 5.93 -9.41
CA GLY A 2 17.60 5.17 -8.63
C GLY A 2 17.64 3.69 -9.01
N PRO A 3 16.80 2.90 -8.40
CA PRO A 3 16.71 1.44 -8.66
C PRO A 3 16.83 1.09 -10.15
N GLU A 4 15.75 1.34 -10.91
CA GLU A 4 15.77 1.05 -12.34
C GLU A 4 16.54 -0.24 -12.63
N ALA A 5 16.25 -1.28 -11.85
CA ALA A 5 16.94 -2.56 -12.01
C ALA A 5 16.75 -3.40 -10.76
N ALA A 6 16.81 -2.74 -9.61
CA ALA A 6 16.62 -3.44 -8.35
C ALA A 6 15.98 -2.51 -7.31
N ALA A 7 14.68 -2.73 -7.08
CA ALA A 7 13.93 -1.94 -6.11
C ALA A 7 13.08 -2.86 -5.25
N PHE A 8 13.01 -2.57 -3.96
CA PHE A 8 12.23 -3.43 -3.06
C PHE A 8 11.47 -2.61 -2.03
N VAL A 9 10.15 -2.74 -2.03
CA VAL A 9 9.33 -2.03 -1.06
C VAL A 9 8.32 -2.99 -0.46
N LYS A 10 8.29 -3.04 0.86
CA LYS A 10 7.35 -3.92 1.55
C LYS A 10 5.96 -3.28 1.56
N VAL A 11 4.91 -4.11 1.56
CA VAL A 11 3.55 -3.56 1.54
C VAL A 11 2.70 -4.10 2.69
N SER A 12 2.32 -3.18 3.58
CA SER A 12 1.52 -3.52 4.74
C SER A 12 0.28 -2.61 4.82
N MET A 13 -0.82 -3.18 5.30
CA MET A 13 -2.07 -2.43 5.43
C MET A 13 -2.46 -2.33 6.90
N ASP A 14 -2.58 -1.11 7.40
CA ASP A 14 -2.94 -0.91 8.81
C ASP A 14 -4.20 -1.69 9.15
N GLY A 15 -4.11 -2.52 10.18
CA GLY A 15 -5.25 -3.32 10.61
C GLY A 15 -5.23 -4.71 9.99
N ALA A 16 -5.88 -4.83 8.83
CA ALA A 16 -5.93 -6.12 8.15
C ALA A 16 -4.52 -6.56 7.75
N PRO A 17 -4.24 -7.85 7.74
CA PRO A 17 -2.88 -8.37 7.38
C PRO A 17 -2.54 -8.22 5.90
N TYR A 18 -1.35 -7.73 5.63
CA TYR A 18 -0.84 -7.55 4.27
C TYR A 18 0.68 -7.62 4.29
N LEU A 19 1.26 -8.51 3.50
CA LEU A 19 2.72 -8.61 3.44
C LEU A 19 3.19 -9.02 2.06
N ARG A 20 3.76 -8.06 1.33
CA ARG A 20 4.28 -8.36 0.00
C ARG A 20 5.27 -7.32 -0.48
N LYS A 21 6.36 -7.78 -1.08
CA LYS A 21 7.39 -6.88 -1.60
C LYS A 21 7.09 -6.58 -3.06
N ILE A 22 7.49 -5.38 -3.51
CA ILE A 22 7.24 -4.99 -4.89
C ILE A 22 8.47 -4.30 -5.49
N ASP A 23 8.44 -4.06 -6.81
CA ASP A 23 9.55 -3.40 -7.47
C ASP A 23 9.02 -2.16 -8.16
N LEU A 24 9.52 -1.00 -7.74
CA LEU A 24 9.08 0.25 -8.32
C LEU A 24 9.87 0.54 -9.59
N ARG A 25 10.97 -0.18 -9.75
CA ARG A 25 11.80 -0.02 -10.95
C ARG A 25 10.99 -0.35 -12.18
N MET A 26 9.97 -1.16 -11.96
CA MET A 26 9.07 -1.56 -13.03
C MET A 26 8.30 -0.34 -13.50
N TYR A 27 7.96 0.50 -12.52
CA TYR A 27 7.21 1.71 -12.79
C TYR A 27 8.05 2.91 -12.43
N LYS A 28 8.52 3.61 -13.46
CA LYS A 28 9.37 4.77 -13.26
C LYS A 28 8.53 6.00 -12.93
N SER A 29 7.20 5.84 -12.93
CA SER A 29 6.33 6.98 -12.64
C SER A 29 5.32 6.62 -11.56
N TYR A 30 4.94 7.61 -10.76
CA TYR A 30 3.99 7.34 -9.69
C TYR A 30 2.67 6.85 -10.26
N ASP A 31 2.36 7.25 -11.50
CA ASP A 31 1.11 6.83 -12.13
C ASP A 31 1.05 5.32 -12.23
N GLU A 32 2.02 4.72 -12.93
CA GLU A 32 2.01 3.29 -13.09
C GLU A 32 2.21 2.61 -11.74
N LEU A 33 3.00 3.21 -10.87
CA LEU A 33 3.21 2.60 -9.57
C LEU A 33 1.90 2.48 -8.86
N SER A 34 1.16 3.56 -8.81
CA SER A 34 -0.10 3.54 -8.12
C SER A 34 -1.01 2.49 -8.74
N ASN A 35 -1.00 2.40 -10.06
CA ASN A 35 -1.84 1.44 -10.75
C ASN A 35 -1.39 0.00 -10.46
N ALA A 36 -0.09 -0.24 -10.60
CA ALA A 36 0.45 -1.57 -10.37
C ALA A 36 0.24 -2.00 -8.94
N LEU A 37 0.53 -1.09 -8.01
CA LEU A 37 0.35 -1.39 -6.60
C LEU A 37 -1.14 -1.58 -6.30
N SER A 38 -1.97 -0.77 -6.93
CA SER A 38 -3.41 -0.86 -6.72
C SER A 38 -3.91 -2.25 -7.12
N ASN A 39 -3.43 -2.75 -8.24
CA ASN A 39 -3.83 -4.06 -8.72
C ASN A 39 -3.13 -5.18 -7.97
N MET A 40 -1.82 -5.01 -7.73
CA MET A 40 -1.04 -6.05 -7.06
C MET A 40 -1.36 -6.19 -5.58
N PHE A 41 -1.51 -5.08 -4.87
CA PHE A 41 -1.77 -5.18 -3.44
C PHE A 41 -3.17 -5.74 -3.19
N SER A 42 -4.13 -5.34 -4.04
CA SER A 42 -5.49 -5.83 -3.93
C SER A 42 -5.52 -7.33 -4.17
N SER A 43 -4.75 -7.76 -5.15
CA SER A 43 -4.67 -9.16 -5.53
C SER A 43 -4.09 -10.02 -4.40
N PHE A 44 -3.35 -9.39 -3.50
CA PHE A 44 -2.72 -10.13 -2.40
C PHE A 44 -3.77 -10.83 -1.54
N THR A 45 -4.81 -10.10 -1.13
CA THR A 45 -5.85 -10.69 -0.29
C THR A 45 -6.63 -11.74 -1.05
N MET A 46 -6.57 -11.70 -2.38
CA MET A 46 -7.28 -12.67 -3.19
C MET A 46 -6.47 -13.97 -3.27
N GLY A 47 -6.91 -14.97 -2.52
CA GLY A 47 -6.21 -16.25 -2.51
C GLY A 47 -7.15 -17.40 -2.17
N LYS A 48 -6.77 -18.60 -2.60
CA LYS A 48 -7.57 -19.78 -2.32
C LYS A 48 -7.50 -20.09 -0.83
N HIS A 49 -6.49 -19.50 -0.19
CA HIS A 49 -6.27 -19.69 1.24
C HIS A 49 -5.65 -18.43 1.84
N GLY A 50 -5.60 -18.38 3.16
CA GLY A 50 -5.03 -17.23 3.86
C GLY A 50 -6.13 -16.37 4.48
N GLY A 51 -7.36 -16.85 4.40
CA GLY A 51 -8.50 -16.13 4.96
C GLY A 51 -9.82 -16.71 4.48
N GLU A 52 -9.90 -18.04 4.53
CA GLU A 52 -11.11 -18.73 4.11
C GLU A 52 -12.30 -18.35 5.00
N GLU A 53 -12.00 -17.73 6.13
CA GLU A 53 -13.02 -17.30 7.06
C GLU A 53 -13.69 -16.02 6.59
N GLY A 54 -13.30 -15.57 5.40
CA GLY A 54 -13.85 -14.35 4.84
C GLY A 54 -12.95 -13.15 5.11
N MET A 55 -11.88 -13.38 5.84
CA MET A 55 -10.96 -12.29 6.16
C MET A 55 -10.45 -11.65 4.87
N ILE A 56 -10.54 -12.38 3.77
CA ILE A 56 -10.09 -11.87 2.50
C ILE A 56 -11.14 -11.00 1.81
N ASP A 57 -12.40 -11.36 1.98
CA ASP A 57 -13.49 -10.61 1.37
C ASP A 57 -14.25 -9.82 2.42
N PHE A 58 -13.84 -9.98 3.68
CA PHE A 58 -14.49 -9.28 4.77
C PHE A 58 -13.84 -7.93 5.02
N MET A 59 -12.52 -7.93 5.21
CA MET A 59 -11.80 -6.68 5.43
C MET A 59 -11.66 -5.90 4.13
N ASN A 60 -11.92 -6.58 3.02
CA ASN A 60 -11.83 -5.95 1.71
C ASN A 60 -13.07 -5.12 1.39
N GLU A 61 -14.23 -5.62 1.79
CA GLU A 61 -15.49 -4.91 1.54
C GLU A 61 -15.73 -3.81 2.57
N ARG A 62 -15.02 -3.90 3.70
CA ARG A 62 -15.19 -2.90 4.77
C ARG A 62 -14.34 -1.65 4.52
N LYS A 63 -13.20 -1.81 3.87
CA LYS A 63 -12.32 -0.67 3.62
C LYS A 63 -13.05 0.44 2.86
N LEU A 64 -14.06 0.08 2.09
CA LEU A 64 -14.81 1.08 1.34
C LEU A 64 -15.52 2.03 2.28
N MET A 65 -16.47 1.52 3.05
CA MET A 65 -17.22 2.36 3.97
C MET A 65 -16.29 3.01 4.97
N ASP A 66 -15.17 2.36 5.28
CA ASP A 66 -14.22 2.95 6.21
C ASP A 66 -13.51 4.14 5.57
N LEU A 67 -13.18 3.99 4.29
CA LEU A 67 -12.49 5.05 3.57
C LEU A 67 -13.35 6.30 3.48
N VAL A 68 -14.55 6.13 3.01
CA VAL A 68 -15.46 7.25 2.90
C VAL A 68 -15.91 7.72 4.29
N ASN A 69 -16.22 6.78 5.17
CA ASN A 69 -16.62 7.14 6.52
C ASN A 69 -15.43 7.77 7.23
N SER A 70 -14.26 7.18 7.03
CA SER A 70 -13.02 7.66 7.61
C SER A 70 -12.19 8.31 6.52
N TRP A 71 -12.80 9.24 5.80
CA TRP A 71 -12.12 9.92 4.71
C TRP A 71 -11.04 10.85 5.24
N ASP A 72 -10.78 10.74 6.53
CA ASP A 72 -9.73 11.53 7.15
C ASP A 72 -8.39 10.87 6.86
N TYR A 73 -8.41 9.55 6.85
CA TYR A 73 -7.21 8.74 6.60
C TYR A 73 -6.84 8.76 5.12
N VAL A 74 -5.54 8.79 4.86
CA VAL A 74 -5.05 8.82 3.47
C VAL A 74 -3.80 7.94 3.34
N PRO A 75 -3.46 7.45 2.16
CA PRO A 75 -2.24 6.61 1.98
C PRO A 75 -0.99 7.35 2.45
N SER A 76 -0.04 6.62 3.04
CA SER A 76 1.18 7.24 3.51
C SER A 76 2.36 6.26 3.40
N TYR A 77 3.52 6.76 2.98
CA TYR A 77 4.70 5.92 2.79
C TYR A 77 5.89 6.41 3.63
N GLU A 78 6.86 5.52 3.85
CA GLU A 78 8.06 5.87 4.60
C GLU A 78 9.28 5.90 3.68
N ASN A 79 10.12 6.91 3.87
CA ASN A 79 11.32 7.06 3.05
C ASN A 79 12.47 6.24 3.63
N LYS A 80 13.63 6.35 3.02
CA LYS A 80 14.80 5.61 3.48
C LYS A 80 15.15 6.00 4.91
N ASP A 81 14.84 7.25 5.26
CA ASP A 81 15.09 7.74 6.61
C ASP A 81 14.11 7.09 7.57
N GLY A 82 12.88 6.91 7.11
CA GLY A 82 11.84 6.31 7.93
C GLY A 82 10.86 7.37 8.42
N ASN A 83 10.77 8.46 7.68
CA ASN A 83 9.84 9.55 8.03
C ASN A 83 8.50 9.28 7.37
N TRP A 84 7.41 9.71 8.01
CA TRP A 84 6.09 9.48 7.44
C TRP A 84 5.67 10.64 6.54
N MET A 85 5.27 10.31 5.32
CA MET A 85 4.82 11.30 4.35
C MET A 85 3.60 10.82 3.60
N LEU A 86 2.58 11.66 3.51
CA LEU A 86 1.39 11.25 2.79
C LEU A 86 1.72 11.17 1.31
N VAL A 87 1.12 10.20 0.63
CA VAL A 87 1.39 10.00 -0.80
C VAL A 87 1.36 11.31 -1.57
N GLY A 88 2.36 11.49 -2.42
CA GLY A 88 2.45 12.68 -3.26
C GLY A 88 3.13 13.82 -2.52
N ASP A 89 3.35 13.66 -1.23
CA ASP A 89 4.01 14.72 -0.45
C ASP A 89 5.43 14.98 -0.95
N VAL A 90 6.18 13.92 -1.21
CA VAL A 90 7.57 14.08 -1.65
C VAL A 90 7.71 13.84 -3.16
N PRO A 91 8.70 14.42 -3.80
CA PRO A 91 8.93 14.23 -5.26
C PRO A 91 8.87 12.77 -5.67
N TRP A 92 8.83 12.53 -6.97
CA TRP A 92 8.82 11.16 -7.48
C TRP A 92 10.21 10.53 -7.39
N PRO A 93 11.24 11.15 -7.92
CA PRO A 93 12.61 10.55 -7.87
C PRO A 93 13.10 10.29 -6.45
N MET A 94 12.78 11.19 -5.53
CA MET A 94 13.20 10.98 -4.16
C MET A 94 12.44 9.79 -3.59
N PHE A 95 11.15 9.71 -3.92
CA PHE A 95 10.34 8.62 -3.43
C PHE A 95 10.71 7.28 -4.04
N VAL A 96 10.78 7.22 -5.37
CA VAL A 96 11.11 5.98 -6.05
C VAL A 96 12.51 5.53 -5.69
N ASP A 97 13.32 6.49 -5.27
CA ASP A 97 14.69 6.21 -4.89
C ASP A 97 14.79 5.89 -3.41
N THR A 98 14.09 6.68 -2.60
CA THR A 98 14.08 6.48 -1.16
C THR A 98 13.03 5.44 -0.79
N CYS A 99 12.20 5.11 -1.78
CA CYS A 99 11.14 4.14 -1.59
C CYS A 99 11.62 2.91 -0.82
N LYS A 100 11.27 2.83 0.46
CA LYS A 100 11.68 1.69 1.28
C LYS A 100 10.47 0.90 1.79
N ARG A 101 9.51 1.60 2.41
CA ARG A 101 8.32 0.94 2.94
C ARG A 101 7.07 1.68 2.49
N LEU A 102 6.10 0.92 1.99
CA LEU A 102 4.84 1.49 1.53
C LEU A 102 3.68 0.89 2.29
N ARG A 103 2.82 1.74 2.83
CA ARG A 103 1.67 1.25 3.56
C ARG A 103 0.51 2.22 3.39
N LEU A 104 -0.70 1.70 3.46
CA LEU A 104 -1.87 2.55 3.31
C LEU A 104 -2.54 2.74 4.67
N MET A 105 -2.89 3.98 4.97
CA MET A 105 -3.52 4.29 6.25
C MET A 105 -5.01 4.00 6.14
N LYS A 106 -5.47 3.04 6.93
CA LYS A 106 -6.86 2.65 6.91
C LYS A 106 -7.49 2.73 8.30
N GLY A 107 -8.57 3.50 8.41
CA GLY A 107 -9.27 3.64 9.69
C GLY A 107 -10.16 2.43 9.96
N SER A 108 -10.21 1.52 8.99
CA SER A 108 -11.02 0.32 9.13
C SER A 108 -10.42 -0.64 10.12
N ASP A 109 -9.16 -0.44 10.42
CA ASP A 109 -8.49 -1.36 11.31
C ASP A 109 -9.38 -1.64 12.51
N ALA A 110 -10.28 -0.72 12.79
CA ALA A 110 -11.20 -0.89 13.90
C ALA A 110 -12.54 -1.47 13.42
N ILE A 111 -12.85 -1.23 12.15
CA ILE A 111 -14.10 -1.69 11.56
C ILE A 111 -13.90 -2.98 10.77
N GLY A 112 -12.90 -2.96 9.88
CA GLY A 112 -12.61 -4.13 9.05
C GLY A 112 -12.23 -5.32 9.91
N LEU A 113 -11.44 -5.07 10.94
CA LEU A 113 -11.00 -6.13 11.83
C LEU A 113 -11.87 -6.16 13.09
N GLY A 1 20.73 7.81 -10.07
CA GLY A 1 19.39 8.38 -10.34
C GLY A 1 18.34 7.66 -9.49
N GLY A 2 18.26 6.35 -9.66
CA GLY A 2 17.30 5.55 -8.90
C GLY A 2 17.43 4.06 -9.23
N PRO A 3 16.60 3.25 -8.64
CA PRO A 3 16.61 1.77 -8.85
C PRO A 3 16.81 1.39 -10.32
N GLU A 4 15.75 1.54 -11.12
CA GLU A 4 15.84 1.20 -12.54
C GLU A 4 16.66 -0.07 -12.72
N ALA A 5 16.36 -1.09 -11.92
CA ALA A 5 17.09 -2.35 -11.98
C ALA A 5 16.87 -3.15 -10.71
N ALA A 6 16.71 -2.46 -9.59
CA ALA A 6 16.49 -3.13 -8.31
C ALA A 6 15.71 -2.25 -7.34
N ALA A 7 14.41 -2.52 -7.23
CA ALA A 7 13.54 -1.77 -6.32
C ALA A 7 12.75 -2.73 -5.47
N PHE A 8 12.61 -2.40 -4.20
CA PHE A 8 11.84 -3.26 -3.31
C PHE A 8 11.09 -2.43 -2.28
N VAL A 9 9.80 -2.67 -2.16
CA VAL A 9 9.00 -1.97 -1.19
C VAL A 9 8.04 -2.95 -0.54
N LYS A 10 8.06 -3.00 0.77
CA LYS A 10 7.18 -3.93 1.48
C LYS A 10 5.85 -3.25 1.79
N VAL A 11 4.75 -3.92 1.46
CA VAL A 11 3.44 -3.35 1.69
C VAL A 11 2.77 -3.91 2.92
N SER A 12 2.41 -2.99 3.82
CA SER A 12 1.75 -3.34 5.06
C SER A 12 0.56 -2.42 5.30
N MET A 13 -0.41 -2.90 6.06
CA MET A 13 -1.59 -2.12 6.38
C MET A 13 -1.86 -2.19 7.87
N ASP A 14 -1.96 -1.03 8.51
CA ASP A 14 -2.21 -1.01 9.95
C ASP A 14 -3.47 -1.79 10.28
N GLY A 15 -3.38 -2.66 11.28
CA GLY A 15 -4.52 -3.45 11.69
C GLY A 15 -4.61 -4.76 10.90
N ALA A 16 -5.32 -4.71 9.78
CA ALA A 16 -5.49 -5.89 8.96
C ALA A 16 -4.13 -6.36 8.43
N PRO A 17 -3.92 -7.65 8.26
CA PRO A 17 -2.63 -8.19 7.77
C PRO A 17 -2.39 -7.93 6.28
N TYR A 18 -1.17 -7.48 5.98
CA TYR A 18 -0.76 -7.21 4.61
C TYR A 18 0.75 -7.36 4.52
N LEU A 19 1.25 -8.26 3.67
CA LEU A 19 2.69 -8.42 3.52
C LEU A 19 3.06 -8.84 2.11
N ARG A 20 3.61 -7.92 1.35
CA ARG A 20 4.03 -8.24 -0.01
C ARG A 20 5.06 -7.24 -0.52
N LYS A 21 5.91 -7.69 -1.43
CA LYS A 21 6.92 -6.81 -2.00
C LYS A 21 6.56 -6.49 -3.44
N ILE A 22 7.01 -5.34 -3.92
CA ILE A 22 6.74 -4.93 -5.30
C ILE A 22 7.99 -4.29 -5.88
N ASP A 23 8.05 -4.16 -7.21
CA ASP A 23 9.18 -3.55 -7.85
C ASP A 23 8.79 -2.18 -8.36
N LEU A 24 9.41 -1.17 -7.81
CA LEU A 24 9.13 0.20 -8.17
C LEU A 24 9.87 0.58 -9.45
N ARG A 25 10.99 -0.08 -9.69
CA ARG A 25 11.80 0.17 -10.87
C ARG A 25 11.01 -0.11 -12.13
N MET A 26 10.00 -0.97 -11.98
CA MET A 26 9.15 -1.32 -13.08
C MET A 26 8.38 -0.10 -13.53
N TYR A 27 7.99 0.70 -12.56
CA TYR A 27 7.23 1.88 -12.81
C TYR A 27 8.02 3.11 -12.40
N LYS A 28 8.55 3.81 -13.39
CA LYS A 28 9.36 4.99 -13.12
C LYS A 28 8.47 6.19 -12.89
N SER A 29 7.15 6.00 -13.01
CA SER A 29 6.22 7.08 -12.80
C SER A 29 5.22 6.70 -11.73
N TYR A 30 4.71 7.68 -11.00
CA TYR A 30 3.76 7.38 -9.96
C TYR A 30 2.47 6.83 -10.54
N ASP A 31 2.18 7.18 -11.79
CA ASP A 31 0.97 6.69 -12.42
C ASP A 31 1.00 5.17 -12.49
N GLU A 32 1.99 4.62 -13.17
CA GLU A 32 2.08 3.18 -13.30
C GLU A 32 2.30 2.53 -11.95
N LEU A 33 2.99 3.21 -11.04
CA LEU A 33 3.21 2.63 -9.73
C LEU A 33 1.87 2.42 -9.07
N SER A 34 1.08 3.46 -9.09
CA SER A 34 -0.21 3.39 -8.44
C SER A 34 -1.04 2.27 -9.06
N ASN A 35 -0.98 2.13 -10.37
CA ASN A 35 -1.74 1.08 -11.05
C ASN A 35 -1.18 -0.30 -10.70
N ALA A 36 0.14 -0.43 -10.80
CA ALA A 36 0.80 -1.71 -10.51
C ALA A 36 0.55 -2.12 -9.07
N LEU A 37 0.70 -1.18 -8.16
CA LEU A 37 0.47 -1.45 -6.75
C LEU A 37 -1.01 -1.72 -6.51
N SER A 38 -1.85 -0.94 -7.18
CA SER A 38 -3.29 -1.10 -7.03
C SER A 38 -3.72 -2.49 -7.44
N ASN A 39 -3.20 -2.97 -8.55
CA ASN A 39 -3.53 -4.31 -9.04
C ASN A 39 -2.82 -5.39 -8.22
N MET A 40 -1.55 -5.14 -7.91
CA MET A 40 -0.77 -6.11 -7.14
C MET A 40 -1.31 -6.26 -5.73
N PHE A 41 -1.68 -5.14 -5.13
CA PHE A 41 -2.20 -5.15 -3.77
C PHE A 41 -3.52 -5.93 -3.71
N SER A 42 -4.34 -5.75 -4.74
CA SER A 42 -5.62 -6.44 -4.81
C SER A 42 -5.41 -7.95 -4.84
N SER A 43 -4.40 -8.36 -5.59
CA SER A 43 -4.07 -9.77 -5.71
C SER A 43 -3.76 -10.38 -4.35
N PHE A 44 -3.09 -9.60 -3.51
CA PHE A 44 -2.72 -10.08 -2.17
C PHE A 44 -3.97 -10.54 -1.41
N THR A 45 -4.99 -9.70 -1.40
CA THR A 45 -6.22 -10.02 -0.70
C THR A 45 -7.20 -10.76 -1.60
N MET A 46 -7.00 -10.64 -2.92
CA MET A 46 -7.87 -11.31 -3.88
C MET A 46 -7.19 -12.55 -4.46
N GLY A 47 -7.85 -13.71 -4.31
CA GLY A 47 -7.29 -14.95 -4.82
C GLY A 47 -8.18 -16.13 -4.45
N LYS A 48 -7.89 -17.30 -5.04
CA LYS A 48 -8.67 -18.50 -4.76
C LYS A 48 -8.53 -18.87 -3.28
N HIS A 49 -7.33 -18.73 -2.75
CA HIS A 49 -7.07 -19.06 -1.35
C HIS A 49 -6.46 -17.84 -0.64
N GLY A 50 -7.11 -17.41 0.42
CA GLY A 50 -6.63 -16.26 1.18
C GLY A 50 -7.31 -16.17 2.54
N GLY A 51 -7.78 -14.98 2.89
CA GLY A 51 -8.45 -14.78 4.16
C GLY A 51 -9.77 -15.55 4.20
N GLU A 52 -9.67 -16.87 4.20
CA GLU A 52 -10.85 -17.72 4.24
C GLU A 52 -11.62 -17.52 5.55
N GLU A 53 -10.95 -16.94 6.53
CA GLU A 53 -11.57 -16.69 7.82
C GLU A 53 -12.66 -15.63 7.69
N GLY A 54 -12.71 -15.01 6.52
CA GLY A 54 -13.70 -13.96 6.26
C GLY A 54 -13.05 -12.59 6.23
N MET A 55 -11.73 -12.56 6.43
CA MET A 55 -11.03 -11.29 6.40
C MET A 55 -11.21 -10.63 5.05
N ILE A 56 -11.55 -11.43 4.05
CA ILE A 56 -11.76 -10.93 2.72
C ILE A 56 -13.06 -10.15 2.60
N ASP A 57 -14.06 -10.57 3.35
CA ASP A 57 -15.36 -9.90 3.32
C ASP A 57 -15.64 -9.25 4.66
N PHE A 58 -14.75 -9.47 5.61
CA PHE A 58 -14.93 -8.91 6.95
C PHE A 58 -14.12 -7.62 7.12
N MET A 59 -12.91 -7.59 6.58
CA MET A 59 -12.08 -6.39 6.69
C MET A 59 -12.22 -5.50 5.46
N ASN A 60 -12.48 -6.12 4.32
CA ASN A 60 -12.65 -5.37 3.09
C ASN A 60 -13.84 -4.45 3.19
N GLU A 61 -14.92 -4.99 3.72
CA GLU A 61 -16.15 -4.25 3.87
C GLU A 61 -15.99 -3.06 4.79
N ARG A 62 -15.28 -3.27 5.90
CA ARG A 62 -15.04 -2.20 6.86
C ARG A 62 -14.09 -1.15 6.30
N LYS A 63 -13.14 -1.59 5.49
CA LYS A 63 -12.15 -0.67 4.92
C LYS A 63 -12.86 0.52 4.26
N LEU A 64 -13.83 0.25 3.40
CA LEU A 64 -14.53 1.33 2.72
C LEU A 64 -15.26 2.22 3.71
N MET A 65 -15.98 1.60 4.65
CA MET A 65 -16.70 2.37 5.65
C MET A 65 -15.73 3.14 6.53
N ASP A 66 -14.64 2.50 6.91
CA ASP A 66 -13.65 3.13 7.75
C ASP A 66 -12.97 4.29 7.04
N LEU A 67 -12.69 4.14 5.76
CA LEU A 67 -12.03 5.20 5.02
C LEU A 67 -12.90 6.43 4.98
N VAL A 68 -14.12 6.28 4.51
CA VAL A 68 -15.03 7.41 4.46
C VAL A 68 -15.43 7.83 5.88
N ASN A 69 -15.78 6.86 6.71
CA ASN A 69 -16.15 7.16 8.09
C ASN A 69 -14.96 7.81 8.80
N SER A 70 -13.79 7.23 8.57
CA SER A 70 -12.54 7.73 9.15
C SER A 70 -11.72 8.38 8.06
N TRP A 71 -12.33 9.36 7.39
CA TRP A 71 -11.67 10.04 6.31
C TRP A 71 -10.52 10.90 6.80
N ASP A 72 -10.25 10.81 8.09
CA ASP A 72 -9.14 11.53 8.67
C ASP A 72 -7.82 10.88 8.25
N TYR A 73 -7.82 9.54 8.25
CA TYR A 73 -6.63 8.77 7.89
C TYR A 73 -6.36 8.80 6.39
N VAL A 74 -5.07 8.87 6.05
CA VAL A 74 -4.65 8.91 4.65
C VAL A 74 -3.39 8.08 4.43
N PRO A 75 -3.21 7.49 3.25
CA PRO A 75 -2.00 6.66 2.94
C PRO A 75 -0.70 7.45 2.99
N SER A 76 0.35 6.79 3.48
CA SER A 76 1.66 7.42 3.57
C SER A 76 2.76 6.37 3.55
N TYR A 77 3.91 6.72 2.98
CA TYR A 77 5.04 5.78 2.88
C TYR A 77 6.21 6.25 3.75
N GLU A 78 7.12 5.33 4.06
CA GLU A 78 8.28 5.65 4.87
C GLU A 78 9.53 5.76 3.99
N ASN A 79 10.21 6.90 4.10
CA ASN A 79 11.39 7.16 3.30
C ASN A 79 12.61 6.47 3.89
N LYS A 80 13.76 6.69 3.26
CA LYS A 80 14.99 6.09 3.72
C LYS A 80 15.31 6.55 5.13
N ASP A 81 14.84 7.75 5.46
CA ASP A 81 15.04 8.30 6.79
C ASP A 81 14.05 7.67 7.77
N GLY A 82 13.03 7.03 7.20
CA GLY A 82 12.00 6.38 8.00
C GLY A 82 10.93 7.37 8.41
N ASN A 83 10.86 8.51 7.69
CA ASN A 83 9.85 9.51 7.98
C ASN A 83 8.60 9.20 7.16
N TRP A 84 7.43 9.45 7.74
CA TRP A 84 6.18 9.17 7.05
C TRP A 84 5.74 10.38 6.23
N MET A 85 5.38 10.13 4.97
CA MET A 85 4.90 11.20 4.09
C MET A 85 3.72 10.68 3.28
N LEU A 86 2.72 11.52 3.08
CA LEU A 86 1.56 11.10 2.32
C LEU A 86 1.96 10.75 0.89
N VAL A 87 1.40 9.66 0.38
CA VAL A 87 1.73 9.23 -0.98
C VAL A 87 1.63 10.39 -1.95
N GLY A 88 2.71 10.61 -2.69
CA GLY A 88 2.77 11.68 -3.67
C GLY A 88 3.13 13.01 -3.01
N ASP A 89 3.23 13.00 -1.68
CA ASP A 89 3.57 14.22 -0.95
C ASP A 89 4.98 14.69 -1.31
N VAL A 90 5.91 13.75 -1.43
CA VAL A 90 7.30 14.10 -1.74
C VAL A 90 7.58 13.87 -3.23
N PRO A 91 8.51 14.59 -3.81
CA PRO A 91 8.86 14.44 -5.25
C PRO A 91 8.85 12.99 -5.70
N TRP A 92 8.89 12.78 -7.01
CA TRP A 92 8.92 11.43 -7.54
C TRP A 92 10.28 10.75 -7.39
N PRO A 93 11.37 11.35 -7.83
CA PRO A 93 12.72 10.71 -7.72
C PRO A 93 13.08 10.38 -6.28
N MET A 94 12.67 11.23 -5.36
CA MET A 94 12.94 10.96 -3.96
C MET A 94 12.06 9.82 -3.49
N PHE A 95 10.80 9.85 -3.93
CA PHE A 95 9.84 8.83 -3.53
C PHE A 95 10.29 7.46 -4.00
N VAL A 96 10.62 7.35 -5.28
CA VAL A 96 11.02 6.07 -5.87
C VAL A 96 12.35 5.58 -5.31
N ASP A 97 13.24 6.50 -5.06
CA ASP A 97 14.56 6.16 -4.55
C ASP A 97 14.50 5.84 -3.06
N THR A 98 13.83 6.73 -2.34
CA THR A 98 13.68 6.58 -0.90
C THR A 98 12.56 5.59 -0.61
N CYS A 99 11.88 5.16 -1.66
CA CYS A 99 10.77 4.21 -1.51
C CYS A 99 11.26 2.91 -0.85
N LYS A 100 11.20 2.86 0.48
CA LYS A 100 11.65 1.68 1.20
C LYS A 100 10.46 0.86 1.72
N ARG A 101 9.54 1.51 2.42
CA ARG A 101 8.37 0.84 2.94
C ARG A 101 7.12 1.66 2.65
N LEU A 102 6.09 0.99 2.13
CA LEU A 102 4.85 1.67 1.81
C LEU A 102 3.70 1.02 2.54
N ARG A 103 2.92 1.81 3.24
CA ARG A 103 1.79 1.26 3.97
C ARG A 103 0.65 2.26 4.03
N LEU A 104 -0.56 1.75 3.92
CA LEU A 104 -1.74 2.60 3.96
C LEU A 104 -2.15 2.85 5.39
N MET A 105 -2.61 4.06 5.67
CA MET A 105 -3.05 4.38 7.01
C MET A 105 -4.55 4.20 7.08
N LYS A 106 -4.97 3.24 7.90
CA LYS A 106 -6.38 2.94 8.05
C LYS A 106 -6.84 2.97 9.49
N GLY A 107 -7.93 3.67 9.74
CA GLY A 107 -8.50 3.75 11.09
C GLY A 107 -9.36 2.52 11.36
N SER A 108 -9.47 1.67 10.36
CA SER A 108 -10.27 0.46 10.46
C SER A 108 -9.62 -0.53 11.39
N ASP A 109 -8.35 -0.36 11.63
CA ASP A 109 -7.65 -1.31 12.45
C ASP A 109 -8.44 -1.57 13.73
N ALA A 110 -9.28 -0.62 14.09
CA ALA A 110 -10.11 -0.77 15.28
C ALA A 110 -11.50 -1.27 14.90
N ILE A 111 -11.86 -1.09 13.64
CA ILE A 111 -13.18 -1.49 13.17
C ILE A 111 -13.10 -2.76 12.32
N GLY A 112 -12.20 -2.74 11.35
CA GLY A 112 -12.02 -3.89 10.46
C GLY A 112 -11.58 -5.14 11.22
N LEU A 113 -10.69 -4.94 12.18
CA LEU A 113 -10.18 -6.06 12.95
C LEU A 113 -11.01 -6.22 14.23
N GLY A 1 20.46 9.21 -9.01
CA GLY A 1 20.21 7.84 -9.53
C GLY A 1 19.08 7.20 -8.73
N GLY A 2 18.81 5.92 -9.01
CA GLY A 2 17.76 5.21 -8.30
C GLY A 2 17.70 3.75 -8.74
N PRO A 3 16.81 2.98 -8.17
CA PRO A 3 16.65 1.54 -8.51
C PRO A 3 16.79 1.26 -10.01
N GLU A 4 15.70 1.45 -10.77
CA GLU A 4 15.76 1.21 -12.20
C GLU A 4 16.56 -0.06 -12.49
N ALA A 5 16.31 -1.09 -11.70
CA ALA A 5 17.02 -2.36 -11.86
C ALA A 5 16.91 -3.19 -10.58
N ALA A 6 16.83 -2.51 -9.44
CA ALA A 6 16.69 -3.21 -8.17
C ALA A 6 16.00 -2.33 -7.13
N ALA A 7 14.78 -2.71 -6.78
CA ALA A 7 14.00 -1.98 -5.78
C ALA A 7 13.13 -2.96 -5.00
N PHE A 8 13.07 -2.76 -3.69
CA PHE A 8 12.26 -3.63 -2.84
C PHE A 8 11.55 -2.81 -1.78
N VAL A 9 10.22 -2.80 -1.85
CA VAL A 9 9.42 -2.04 -0.89
C VAL A 9 8.35 -2.95 -0.30
N LYS A 10 8.22 -2.93 1.02
CA LYS A 10 7.23 -3.78 1.68
C LYS A 10 5.87 -3.09 1.68
N VAL A 11 4.79 -3.88 1.54
CA VAL A 11 3.45 -3.33 1.53
C VAL A 11 2.58 -3.87 2.66
N SER A 12 2.21 -2.98 3.58
CA SER A 12 1.40 -3.35 4.73
C SER A 12 0.14 -2.49 4.83
N MET A 13 -0.97 -3.14 5.21
CA MET A 13 -2.26 -2.45 5.37
C MET A 13 -2.60 -2.34 6.85
N ASP A 14 -2.69 -1.12 7.35
CA ASP A 14 -3.02 -0.95 8.76
C ASP A 14 -4.31 -1.69 9.08
N GLY A 15 -4.27 -2.50 10.14
CA GLY A 15 -5.44 -3.28 10.54
C GLY A 15 -5.52 -4.61 9.80
N ALA A 16 -6.02 -4.56 8.57
CA ALA A 16 -6.14 -5.78 7.77
C ALA A 16 -4.76 -6.33 7.45
N PRO A 17 -4.62 -7.63 7.30
CA PRO A 17 -3.29 -8.25 7.00
C PRO A 17 -2.82 -8.01 5.57
N TYR A 18 -1.58 -7.56 5.44
CA TYR A 18 -0.97 -7.30 4.13
C TYR A 18 0.55 -7.42 4.25
N LEU A 19 1.17 -8.30 3.49
CA LEU A 19 2.62 -8.40 3.53
C LEU A 19 3.19 -8.84 2.18
N ARG A 20 3.78 -7.91 1.45
CA ARG A 20 4.36 -8.27 0.15
C ARG A 20 5.42 -7.27 -0.30
N LYS A 21 6.40 -7.76 -1.05
CA LYS A 21 7.45 -6.91 -1.56
C LYS A 21 7.14 -6.51 -3.00
N ILE A 22 7.46 -5.27 -3.35
CA ILE A 22 7.20 -4.78 -4.70
C ILE A 22 8.44 -4.08 -5.25
N ASP A 23 8.45 -3.83 -6.56
CA ASP A 23 9.57 -3.17 -7.19
C ASP A 23 9.08 -1.92 -7.89
N LEU A 24 9.54 -0.76 -7.45
CA LEU A 24 9.12 0.48 -8.08
C LEU A 24 9.95 0.75 -9.32
N ARG A 25 11.04 0.00 -9.47
CA ARG A 25 11.90 0.16 -10.64
C ARG A 25 11.11 -0.18 -11.89
N MET A 26 10.10 -1.00 -11.71
CA MET A 26 9.22 -1.40 -12.79
C MET A 26 8.45 -0.19 -13.28
N TYR A 27 8.08 0.63 -12.32
CA TYR A 27 7.32 1.83 -12.59
C TYR A 27 8.15 3.05 -12.22
N LYS A 28 8.63 3.74 -13.24
CA LYS A 28 9.45 4.92 -13.03
C LYS A 28 8.59 6.13 -12.74
N SER A 29 7.26 5.94 -12.73
CA SER A 29 6.37 7.05 -12.44
C SER A 29 5.38 6.65 -11.35
N TYR A 30 5.05 7.59 -10.49
CA TYR A 30 4.13 7.28 -9.41
C TYR A 30 2.79 6.84 -9.99
N ASP A 31 2.52 7.25 -11.23
CA ASP A 31 1.27 6.89 -11.88
C ASP A 31 1.18 5.37 -12.03
N GLU A 32 2.12 4.78 -12.76
CA GLU A 32 2.08 3.35 -12.96
C GLU A 32 2.21 2.62 -11.64
N LEU A 33 2.97 3.19 -10.70
CA LEU A 33 3.12 2.55 -9.40
C LEU A 33 1.78 2.37 -8.76
N SER A 34 1.02 3.44 -8.72
CA SER A 34 -0.26 3.37 -8.09
C SER A 34 -1.12 2.31 -8.76
N ASN A 35 -1.06 2.24 -10.07
CA ASN A 35 -1.85 1.26 -10.80
C ASN A 35 -1.37 -0.16 -10.53
N ALA A 36 -0.06 -0.38 -10.60
CA ALA A 36 0.49 -1.70 -10.37
C ALA A 36 0.20 -2.15 -8.94
N LEU A 37 0.44 -1.26 -8.00
CA LEU A 37 0.20 -1.55 -6.60
C LEU A 37 -1.29 -1.76 -6.35
N SER A 38 -2.12 -0.97 -7.03
CA SER A 38 -3.55 -1.10 -6.87
C SER A 38 -4.02 -2.48 -7.31
N ASN A 39 -3.48 -2.94 -8.44
CA ASN A 39 -3.82 -4.24 -8.98
C ASN A 39 -3.20 -5.35 -8.13
N MET A 40 -1.95 -5.15 -7.73
CA MET A 40 -1.26 -6.15 -6.93
C MET A 40 -1.88 -6.27 -5.54
N PHE A 41 -2.27 -5.13 -4.99
CA PHE A 41 -2.87 -5.12 -3.66
C PHE A 41 -4.12 -5.97 -3.63
N SER A 42 -4.96 -5.81 -4.65
CA SER A 42 -6.19 -6.59 -4.76
C SER A 42 -5.86 -8.07 -4.85
N SER A 43 -4.84 -8.36 -5.65
CA SER A 43 -4.39 -9.72 -5.85
C SER A 43 -3.94 -10.36 -4.54
N PHE A 44 -3.23 -9.58 -3.72
CA PHE A 44 -2.72 -10.09 -2.46
C PHE A 44 -3.84 -10.59 -1.55
N THR A 45 -4.87 -9.76 -1.38
CA THR A 45 -5.99 -10.13 -0.52
C THR A 45 -6.79 -11.27 -1.14
N MET A 46 -6.71 -11.39 -2.46
CA MET A 46 -7.44 -12.45 -3.14
C MET A 46 -6.62 -13.73 -3.11
N GLY A 47 -7.17 -14.77 -2.50
CA GLY A 47 -6.48 -16.04 -2.41
C GLY A 47 -7.46 -17.21 -2.54
N LYS A 48 -6.97 -18.33 -3.04
CA LYS A 48 -7.79 -19.52 -3.21
C LYS A 48 -8.31 -20.00 -1.86
N HIS A 49 -7.43 -19.99 -0.86
CA HIS A 49 -7.79 -20.43 0.48
C HIS A 49 -7.18 -19.53 1.54
N GLY A 50 -7.98 -19.21 2.57
CA GLY A 50 -7.50 -18.35 3.66
C GLY A 50 -8.45 -17.18 3.89
N GLY A 51 -9.19 -16.82 2.85
CA GLY A 51 -10.15 -15.72 2.95
C GLY A 51 -11.54 -16.24 3.25
N GLU A 52 -11.65 -17.55 3.46
CA GLU A 52 -12.92 -18.18 3.75
C GLU A 52 -13.53 -17.62 5.03
N GLU A 53 -12.70 -16.97 5.83
CA GLU A 53 -13.15 -16.38 7.09
C GLU A 53 -14.04 -15.16 6.80
N GLY A 54 -14.16 -14.82 5.52
CA GLY A 54 -14.96 -13.67 5.11
C GLY A 54 -14.09 -12.45 4.95
N MET A 55 -12.80 -12.60 5.19
CA MET A 55 -11.89 -11.47 5.04
C MET A 55 -11.95 -10.95 3.61
N ILE A 56 -12.53 -11.76 2.73
CA ILE A 56 -12.66 -11.40 1.33
C ILE A 56 -13.74 -10.34 1.11
N ASP A 57 -14.85 -10.46 1.83
CA ASP A 57 -15.95 -9.51 1.68
C ASP A 57 -16.12 -8.70 2.94
N PHE A 58 -15.62 -9.24 4.04
CA PHE A 58 -15.74 -8.56 5.33
C PHE A 58 -14.94 -7.27 5.36
N MET A 59 -13.70 -7.31 4.86
CA MET A 59 -12.85 -6.12 4.83
C MET A 59 -12.99 -5.34 3.53
N ASN A 60 -13.55 -5.98 2.51
CA ASN A 60 -13.74 -5.32 1.23
C ASN A 60 -14.94 -4.37 1.28
N GLU A 61 -16.01 -4.84 1.92
CA GLU A 61 -17.22 -4.04 2.03
C GLU A 61 -17.02 -2.83 2.92
N ARG A 62 -15.96 -2.84 3.73
CA ARG A 62 -15.66 -1.71 4.59
C ARG A 62 -14.49 -0.92 4.03
N LYS A 63 -13.81 -1.51 3.05
CA LYS A 63 -12.66 -0.83 2.44
C LYS A 63 -13.12 0.48 1.83
N LEU A 64 -14.13 0.42 0.96
CA LEU A 64 -14.63 1.61 0.31
C LEU A 64 -15.32 2.53 1.31
N MET A 65 -16.29 2.01 2.05
CA MET A 65 -17.01 2.82 3.01
C MET A 65 -16.10 3.35 4.11
N ASP A 66 -15.00 2.67 4.40
CA ASP A 66 -14.09 3.17 5.43
C ASP A 66 -13.31 4.37 4.89
N LEU A 67 -12.90 4.28 3.63
CA LEU A 67 -12.13 5.34 3.02
C LEU A 67 -12.93 6.63 2.97
N VAL A 68 -14.14 6.54 2.46
CA VAL A 68 -15.00 7.70 2.38
C VAL A 68 -15.50 8.10 3.76
N ASN A 69 -15.91 7.12 4.57
CA ASN A 69 -16.37 7.41 5.92
C ASN A 69 -15.20 7.97 6.72
N SER A 70 -14.04 7.36 6.53
CA SER A 70 -12.82 7.79 7.19
C SER A 70 -11.94 8.52 6.18
N TRP A 71 -12.53 9.51 5.52
CA TRP A 71 -11.81 10.27 4.52
C TRP A 71 -10.74 11.13 5.14
N ASP A 72 -10.47 10.89 6.41
CA ASP A 72 -9.44 11.63 7.11
C ASP A 72 -8.09 10.93 6.92
N TYR A 73 -8.15 9.65 6.52
CA TYR A 73 -6.97 8.85 6.30
C TYR A 73 -6.51 8.94 4.84
N VAL A 74 -5.20 8.99 4.62
CA VAL A 74 -4.66 9.09 3.28
C VAL A 74 -3.38 8.23 3.16
N PRO A 75 -3.16 7.52 2.07
CA PRO A 75 -1.93 6.67 1.90
C PRO A 75 -0.65 7.42 2.24
N SER A 76 0.27 6.71 2.89
CA SER A 76 1.56 7.29 3.27
C SER A 76 2.66 6.21 3.30
N TYR A 77 3.88 6.59 2.93
CA TYR A 77 5.00 5.65 2.90
C TYR A 77 6.22 6.23 3.59
N GLU A 78 7.17 5.38 4.01
CA GLU A 78 8.38 5.86 4.67
C GLU A 78 9.54 5.99 3.69
N ASN A 79 10.35 7.02 3.89
CA ASN A 79 11.51 7.25 3.04
C ASN A 79 12.73 6.53 3.61
N LYS A 80 13.87 6.72 2.98
CA LYS A 80 15.09 6.06 3.43
C LYS A 80 15.45 6.52 4.84
N ASP A 81 15.06 7.75 5.17
CA ASP A 81 15.32 8.30 6.49
C ASP A 81 14.46 7.59 7.52
N GLY A 82 13.23 7.29 7.13
CA GLY A 82 12.29 6.61 8.02
C GLY A 82 11.22 7.56 8.51
N ASN A 83 11.00 8.64 7.77
CA ASN A 83 9.98 9.61 8.12
C ASN A 83 8.68 9.24 7.40
N TRP A 84 7.54 9.56 7.99
CA TRP A 84 6.28 9.24 7.33
C TRP A 84 5.83 10.37 6.42
N MET A 85 5.48 10.02 5.18
CA MET A 85 5.04 11.03 4.21
C MET A 85 3.83 10.56 3.43
N LEU A 86 2.84 11.43 3.35
CA LEU A 86 1.64 11.12 2.62
C LEU A 86 1.95 11.04 1.13
N VAL A 87 1.30 10.11 0.46
CA VAL A 87 1.53 9.92 -0.98
C VAL A 87 1.41 11.25 -1.72
N GLY A 88 2.42 11.54 -2.53
CA GLY A 88 2.43 12.77 -3.31
C GLY A 88 3.04 13.89 -2.50
N ASP A 89 3.23 13.65 -1.21
CA ASP A 89 3.82 14.67 -0.34
C ASP A 89 5.25 14.99 -0.76
N VAL A 90 6.04 13.96 -1.06
CA VAL A 90 7.42 14.16 -1.48
C VAL A 90 7.56 13.96 -2.99
N PRO A 91 8.51 14.59 -3.63
CA PRO A 91 8.70 14.42 -5.12
C PRO A 91 8.85 12.96 -5.51
N TRP A 92 8.15 12.55 -6.56
CA TRP A 92 8.22 11.17 -7.00
C TRP A 92 9.68 10.71 -7.13
N PRO A 93 10.57 11.50 -7.70
CA PRO A 93 12.01 11.09 -7.83
C PRO A 93 12.63 10.74 -6.49
N MET A 94 12.33 11.52 -5.46
CA MET A 94 12.88 11.23 -4.15
C MET A 94 12.32 9.92 -3.64
N PHE A 95 11.02 9.72 -3.87
CA PHE A 95 10.37 8.50 -3.40
C PHE A 95 10.86 7.26 -4.13
N VAL A 96 10.90 7.30 -5.45
CA VAL A 96 11.31 6.13 -6.22
C VAL A 96 12.73 5.74 -5.83
N ASP A 97 13.47 6.69 -5.28
CA ASP A 97 14.84 6.44 -4.88
C ASP A 97 14.94 6.18 -3.39
N THR A 98 14.04 6.78 -2.63
CA THR A 98 14.04 6.63 -1.18
C THR A 98 12.97 5.62 -0.76
N CYS A 99 12.25 5.11 -1.74
CA CYS A 99 11.19 4.15 -1.47
C CYS A 99 11.72 2.92 -0.73
N LYS A 100 11.43 2.82 0.56
CA LYS A 100 11.89 1.68 1.35
C LYS A 100 10.71 0.88 1.90
N ARG A 101 9.78 1.57 2.56
CA ARG A 101 8.61 0.90 3.13
C ARG A 101 7.36 1.65 2.74
N LEU A 102 6.33 0.92 2.35
CA LEU A 102 5.08 1.53 1.94
C LEU A 102 3.90 0.91 2.67
N ARG A 103 3.01 1.75 3.17
CA ARG A 103 1.83 1.27 3.86
C ARG A 103 0.65 2.19 3.60
N LEU A 104 -0.47 1.62 3.18
CA LEU A 104 -1.65 2.42 2.91
C LEU A 104 -2.39 2.68 4.22
N MET A 105 -2.64 3.95 4.54
CA MET A 105 -3.33 4.26 5.78
C MET A 105 -4.82 4.07 5.59
N LYS A 106 -5.37 3.12 6.32
CA LYS A 106 -6.79 2.82 6.23
C LYS A 106 -7.43 2.86 7.62
N GLY A 107 -8.47 3.67 7.77
CA GLY A 107 -9.16 3.78 9.06
C GLY A 107 -10.08 2.60 9.28
N SER A 108 -10.15 1.72 8.28
CA SER A 108 -11.00 0.54 8.36
C SER A 108 -10.51 -0.40 9.44
N ASP A 109 -9.28 -0.23 9.82
CA ASP A 109 -8.71 -1.11 10.81
C ASP A 109 -9.68 -1.29 11.96
N ALA A 110 -10.60 -0.36 12.11
CA ALA A 110 -11.59 -0.44 13.17
C ALA A 110 -12.88 -1.08 12.65
N ILE A 111 -13.20 -0.84 11.39
CA ILE A 111 -14.42 -1.39 10.80
C ILE A 111 -14.13 -2.65 9.99
N GLY A 112 -13.10 -2.61 9.16
CA GLY A 112 -12.74 -3.76 8.34
C GLY A 112 -12.37 -4.95 9.20
N LEU A 113 -11.65 -4.68 10.28
CA LEU A 113 -11.23 -5.73 11.18
C LEU A 113 -12.15 -5.78 12.41
N GLY A 1 24.83 -2.33 -9.99
CA GLY A 1 24.68 -1.01 -9.33
C GLY A 1 23.40 -1.00 -8.50
N GLY A 2 22.67 0.11 -8.56
CA GLY A 2 21.43 0.23 -7.81
C GLY A 2 20.28 -0.46 -8.55
N PRO A 3 19.13 -0.51 -7.96
CA PRO A 3 17.93 -1.16 -8.58
C PRO A 3 17.81 -0.86 -10.08
N GLU A 4 17.18 0.25 -10.46
CA GLU A 4 17.03 0.59 -11.87
C GLU A 4 16.64 -0.65 -12.67
N ALA A 5 15.95 -1.57 -12.01
CA ALA A 5 15.50 -2.80 -12.63
C ALA A 5 14.49 -3.49 -11.75
N ALA A 6 14.67 -3.37 -10.43
CA ALA A 6 13.75 -3.99 -9.49
C ALA A 6 13.92 -3.44 -8.09
N ALA A 7 12.94 -2.65 -7.65
CA ALA A 7 12.96 -2.07 -6.33
C ALA A 7 12.42 -3.09 -5.35
N PHE A 8 12.54 -2.81 -4.07
CA PHE A 8 12.00 -3.70 -3.06
C PHE A 8 11.37 -2.92 -1.93
N VAL A 9 10.04 -2.84 -1.93
CA VAL A 9 9.31 -2.12 -0.89
C VAL A 9 8.23 -3.01 -0.31
N LYS A 10 8.15 -3.06 1.01
CA LYS A 10 7.15 -3.89 1.67
C LYS A 10 5.80 -3.18 1.71
N VAL A 11 4.71 -3.93 1.59
CA VAL A 11 3.38 -3.33 1.63
C VAL A 11 2.55 -3.91 2.77
N SER A 12 2.20 -3.04 3.71
CA SER A 12 1.41 -3.44 4.87
C SER A 12 0.19 -2.53 5.05
N MET A 13 -0.89 -3.11 5.55
CA MET A 13 -2.12 -2.37 5.79
C MET A 13 -2.51 -2.50 7.25
N ASP A 14 -2.78 -1.38 7.91
CA ASP A 14 -3.16 -1.42 9.31
C ASP A 14 -4.42 -2.25 9.49
N GLY A 15 -4.39 -3.16 10.46
CA GLY A 15 -5.55 -4.00 10.74
C GLY A 15 -5.55 -5.29 9.92
N ALA A 16 -6.14 -5.23 8.73
CA ALA A 16 -6.20 -6.40 7.88
C ALA A 16 -4.81 -6.88 7.52
N PRO A 17 -4.60 -8.16 7.34
CA PRO A 17 -3.24 -8.69 7.01
C PRO A 17 -2.82 -8.35 5.58
N TYR A 18 -1.60 -7.83 5.46
CA TYR A 18 -1.03 -7.45 4.17
C TYR A 18 0.49 -7.51 4.26
N LEU A 19 1.12 -8.38 3.47
CA LEU A 19 2.58 -8.47 3.49
C LEU A 19 3.12 -8.85 2.13
N ARG A 20 3.70 -7.91 1.41
CA ARG A 20 4.25 -8.23 0.09
C ARG A 20 5.31 -7.22 -0.37
N LYS A 21 6.28 -7.71 -1.13
CA LYS A 21 7.33 -6.86 -1.65
C LYS A 21 6.96 -6.39 -3.06
N ILE A 22 7.28 -5.14 -3.37
CA ILE A 22 6.97 -4.59 -4.68
C ILE A 22 8.19 -3.89 -5.27
N ASP A 23 8.16 -3.64 -6.57
CA ASP A 23 9.28 -2.99 -7.24
C ASP A 23 8.81 -1.73 -7.95
N LEU A 24 9.34 -0.58 -7.51
CA LEU A 24 9.00 0.68 -8.15
C LEU A 24 9.86 0.90 -9.38
N ARG A 25 10.89 0.06 -9.52
CA ARG A 25 11.80 0.17 -10.65
C ARG A 25 11.08 -0.26 -11.91
N MET A 26 10.12 -1.14 -11.72
CA MET A 26 9.30 -1.62 -12.79
C MET A 26 8.49 -0.44 -13.32
N TYR A 27 8.13 0.42 -12.39
CA TYR A 27 7.36 1.60 -12.70
C TYR A 27 8.09 2.84 -12.22
N LYS A 28 8.85 3.43 -13.12
CA LYS A 28 9.64 4.61 -12.79
C LYS A 28 8.77 5.86 -12.70
N SER A 29 7.45 5.69 -12.82
CA SER A 29 6.55 6.84 -12.73
C SER A 29 5.39 6.52 -11.78
N TYR A 30 4.90 7.53 -11.09
CA TYR A 30 3.82 7.30 -10.16
C TYR A 30 2.55 6.82 -10.88
N ASP A 31 2.43 7.18 -12.15
CA ASP A 31 1.27 6.79 -12.94
C ASP A 31 1.19 5.28 -13.11
N GLU A 32 2.33 4.64 -13.35
CA GLU A 32 2.31 3.19 -13.49
C GLU A 32 2.43 2.52 -12.14
N LEU A 33 3.18 3.13 -11.23
CA LEU A 33 3.35 2.54 -9.92
C LEU A 33 2.02 2.37 -9.25
N SER A 34 1.25 3.43 -9.23
CA SER A 34 -0.02 3.35 -8.56
C SER A 34 -0.87 2.28 -9.23
N ASN A 35 -0.78 2.20 -10.55
CA ASN A 35 -1.55 1.21 -11.28
C ASN A 35 -1.11 -0.21 -10.95
N ALA A 36 0.20 -0.45 -10.94
CA ALA A 36 0.69 -1.78 -10.65
C ALA A 36 0.37 -2.16 -9.22
N LEU A 37 0.53 -1.19 -8.33
CA LEU A 37 0.25 -1.41 -6.92
C LEU A 37 -1.22 -1.58 -6.63
N SER A 38 -2.08 -0.81 -7.29
CA SER A 38 -3.51 -0.93 -7.05
C SER A 38 -3.99 -2.33 -7.37
N ASN A 39 -3.49 -2.88 -8.46
CA ASN A 39 -3.87 -4.22 -8.87
C ASN A 39 -3.14 -5.27 -8.05
N MET A 40 -1.83 -5.07 -7.85
CA MET A 40 -1.03 -6.05 -7.11
C MET A 40 -1.33 -6.12 -5.62
N PHE A 41 -1.51 -4.97 -4.96
CA PHE A 41 -1.75 -4.98 -3.52
C PHE A 41 -3.12 -5.58 -3.20
N SER A 42 -4.11 -5.29 -4.04
CA SER A 42 -5.45 -5.82 -3.80
C SER A 42 -5.46 -7.33 -4.05
N SER A 43 -4.70 -7.75 -5.06
CA SER A 43 -4.63 -9.16 -5.43
C SER A 43 -4.01 -10.01 -4.33
N PHE A 44 -3.21 -9.38 -3.48
CA PHE A 44 -2.55 -10.11 -2.40
C PHE A 44 -3.60 -10.74 -1.48
N THR A 45 -4.62 -9.95 -1.12
CA THR A 45 -5.68 -10.44 -0.24
C THR A 45 -6.95 -10.77 -1.02
N MET A 46 -6.93 -10.52 -2.33
CA MET A 46 -8.10 -10.80 -3.18
C MET A 46 -7.80 -11.92 -4.16
N GLY A 47 -8.67 -12.91 -4.20
CA GLY A 47 -8.49 -14.04 -5.10
C GLY A 47 -9.65 -15.04 -4.96
N LYS A 48 -9.66 -16.05 -5.83
CA LYS A 48 -10.71 -17.06 -5.77
C LYS A 48 -10.65 -17.77 -4.43
N HIS A 49 -9.42 -18.03 -3.96
CA HIS A 49 -9.21 -18.69 -2.68
C HIS A 49 -8.28 -17.84 -1.82
N GLY A 50 -8.67 -17.64 -0.56
CA GLY A 50 -7.88 -16.84 0.36
C GLY A 50 -8.58 -16.70 1.70
N GLY A 51 -8.94 -15.47 2.04
CA GLY A 51 -9.63 -15.21 3.30
C GLY A 51 -11.02 -15.80 3.28
N GLU A 52 -11.10 -17.12 3.24
CA GLU A 52 -12.37 -17.83 3.21
C GLU A 52 -13.17 -17.57 4.48
N GLU A 53 -12.47 -17.14 5.53
CA GLU A 53 -13.11 -16.85 6.81
C GLU A 53 -14.12 -15.73 6.64
N GLY A 54 -13.96 -14.95 5.57
CA GLY A 54 -14.85 -13.83 5.29
C GLY A 54 -14.07 -12.52 5.28
N MET A 55 -12.77 -12.62 5.51
CA MET A 55 -11.94 -11.42 5.53
C MET A 55 -12.03 -10.71 4.18
N ILE A 56 -12.44 -11.47 3.17
CA ILE A 56 -12.58 -10.91 1.83
C ILE A 56 -13.87 -10.10 1.68
N ASP A 57 -14.94 -10.57 2.32
CA ASP A 57 -16.22 -9.89 2.24
C ASP A 57 -16.53 -9.17 3.55
N PHE A 58 -15.63 -9.34 4.51
CA PHE A 58 -15.82 -8.72 5.82
C PHE A 58 -15.04 -7.42 5.92
N MET A 59 -13.78 -7.45 5.51
CA MET A 59 -12.94 -6.26 5.57
C MET A 59 -13.09 -5.42 4.30
N ASN A 60 -13.64 -6.02 3.25
CA ASN A 60 -13.83 -5.31 1.99
C ASN A 60 -15.04 -4.38 2.08
N GLU A 61 -16.12 -4.88 2.67
CA GLU A 61 -17.34 -4.10 2.81
C GLU A 61 -17.13 -2.90 3.74
N ARG A 62 -16.03 -2.94 4.51
CA ARG A 62 -15.71 -1.84 5.41
C ARG A 62 -14.52 -1.05 4.86
N LYS A 63 -13.84 -1.65 3.90
CA LYS A 63 -12.68 -0.99 3.29
C LYS A 63 -13.12 0.34 2.70
N LEU A 64 -14.14 0.29 1.85
CA LEU A 64 -14.65 1.51 1.22
C LEU A 64 -15.32 2.40 2.25
N MET A 65 -16.28 1.86 3.00
CA MET A 65 -17.00 2.64 3.99
C MET A 65 -16.08 3.16 5.08
N ASP A 66 -14.96 2.49 5.33
CA ASP A 66 -14.05 2.98 6.35
C ASP A 66 -13.30 4.20 5.83
N LEU A 67 -12.91 4.15 4.57
CA LEU A 67 -12.17 5.24 3.96
C LEU A 67 -12.99 6.51 3.99
N VAL A 68 -14.22 6.42 3.54
CA VAL A 68 -15.10 7.58 3.52
C VAL A 68 -15.58 7.90 4.93
N ASN A 69 -15.95 6.86 5.69
CA ASN A 69 -16.39 7.10 7.07
C ASN A 69 -15.23 7.67 7.86
N SER A 70 -14.05 7.09 7.63
CA SER A 70 -12.84 7.55 8.29
C SER A 70 -12.02 8.33 7.27
N TRP A 71 -12.62 9.37 6.73
CA TRP A 71 -11.96 10.19 5.72
C TRP A 71 -10.83 10.99 6.31
N ASP A 72 -10.45 10.64 7.53
CA ASP A 72 -9.34 11.29 8.20
C ASP A 72 -8.08 10.48 7.96
N TYR A 73 -8.28 9.25 7.49
CA TYR A 73 -7.18 8.34 7.20
C TYR A 73 -6.72 8.48 5.76
N VAL A 74 -5.41 8.63 5.57
CA VAL A 74 -4.86 8.79 4.24
C VAL A 74 -3.59 7.95 4.07
N PRO A 75 -3.31 7.46 2.89
CA PRO A 75 -2.09 6.64 2.63
C PRO A 75 -0.79 7.39 2.87
N SER A 76 0.21 6.65 3.33
CA SER A 76 1.52 7.24 3.61
C SER A 76 2.61 6.17 3.54
N TYR A 77 3.78 6.56 3.02
CA TYR A 77 4.90 5.64 2.89
C TYR A 77 6.10 6.14 3.70
N GLU A 78 7.04 5.25 3.99
CA GLU A 78 8.24 5.63 4.74
C GLU A 78 9.42 5.78 3.78
N ASN A 79 10.29 6.75 4.08
CA ASN A 79 11.45 7.00 3.23
C ASN A 79 12.69 6.30 3.77
N LYS A 80 13.82 6.52 3.10
CA LYS A 80 15.07 5.89 3.52
C LYS A 80 15.49 6.37 4.91
N ASP A 81 15.11 7.61 5.24
CA ASP A 81 15.42 8.17 6.54
C ASP A 81 14.61 7.45 7.60
N GLY A 82 13.37 7.13 7.24
CA GLY A 82 12.47 6.44 8.16
C GLY A 82 11.37 7.38 8.67
N ASN A 83 11.08 8.42 7.88
CA ASN A 83 10.03 9.35 8.25
C ASN A 83 8.76 9.01 7.47
N TRP A 84 7.61 9.39 8.01
CA TRP A 84 6.35 9.09 7.32
C TRP A 84 5.92 10.26 6.44
N MET A 85 5.54 9.94 5.20
CA MET A 85 5.10 10.96 4.26
C MET A 85 3.88 10.51 3.47
N LEU A 86 2.87 11.37 3.41
CA LEU A 86 1.67 11.06 2.67
C LEU A 86 2.04 10.82 1.21
N VAL A 87 1.48 9.78 0.61
CA VAL A 87 1.81 9.50 -0.79
C VAL A 87 1.54 10.72 -1.66
N GLY A 88 2.53 11.09 -2.46
CA GLY A 88 2.41 12.24 -3.32
C GLY A 88 2.90 13.50 -2.61
N ASP A 89 3.09 13.38 -1.29
CA ASP A 89 3.58 14.53 -0.52
C ASP A 89 4.99 14.88 -0.94
N VAL A 90 5.80 13.86 -1.21
CA VAL A 90 7.18 14.07 -1.62
C VAL A 90 7.31 13.86 -3.13
N PRO A 91 8.26 14.50 -3.79
CA PRO A 91 8.47 14.31 -5.25
C PRO A 91 8.42 12.82 -5.62
N TRP A 92 8.27 12.52 -6.90
CA TRP A 92 8.26 11.12 -7.31
C TRP A 92 9.69 10.57 -7.29
N PRO A 93 10.66 11.31 -7.78
CA PRO A 93 12.09 10.86 -7.79
C PRO A 93 12.58 10.52 -6.38
N MET A 94 12.14 11.32 -5.41
CA MET A 94 12.53 11.05 -4.03
C MET A 94 11.84 9.81 -3.55
N PHE A 95 10.58 9.66 -3.96
CA PHE A 95 9.78 8.50 -3.58
C PHE A 95 10.39 7.24 -4.14
N VAL A 96 10.57 7.20 -5.45
CA VAL A 96 11.14 6.04 -6.12
C VAL A 96 12.58 5.80 -5.71
N ASP A 97 13.22 6.83 -5.20
CA ASP A 97 14.60 6.72 -4.79
C ASP A 97 14.71 6.38 -3.30
N THR A 98 13.74 6.85 -2.54
CA THR A 98 13.73 6.64 -1.11
C THR A 98 12.68 5.59 -0.74
N CYS A 99 11.95 5.12 -1.74
CA CYS A 99 10.91 4.13 -1.51
C CYS A 99 11.47 2.89 -0.82
N LYS A 100 11.24 2.77 0.49
CA LYS A 100 11.72 1.62 1.24
C LYS A 100 10.57 0.81 1.84
N ARG A 101 9.67 1.51 2.55
CA ARG A 101 8.53 0.86 3.16
C ARG A 101 7.27 1.63 2.79
N LEU A 102 6.20 0.91 2.47
CA LEU A 102 4.96 1.56 2.10
C LEU A 102 3.80 0.92 2.84
N ARG A 103 2.94 1.76 3.40
CA ARG A 103 1.79 1.24 4.13
C ARG A 103 0.62 2.19 3.99
N LEU A 104 -0.54 1.64 3.64
CA LEU A 104 -1.74 2.45 3.50
C LEU A 104 -2.36 2.64 4.87
N MET A 105 -2.89 3.83 5.14
CA MET A 105 -3.50 4.07 6.44
C MET A 105 -5.00 3.85 6.34
N LYS A 106 -5.48 2.85 7.08
CA LYS A 106 -6.89 2.51 7.06
C LYS A 106 -7.46 2.50 8.47
N GLY A 107 -8.54 3.26 8.67
CA GLY A 107 -9.20 3.30 9.97
C GLY A 107 -10.12 2.11 10.13
N SER A 108 -10.15 1.27 9.09
CA SER A 108 -10.99 0.09 9.09
C SER A 108 -10.48 -0.93 10.06
N ASP A 109 -9.22 -0.81 10.43
CA ASP A 109 -8.65 -1.79 11.30
C ASP A 109 -9.56 -2.01 12.49
N ALA A 110 -10.38 -1.02 12.79
CA ALA A 110 -11.31 -1.14 13.90
C ALA A 110 -12.69 -1.59 13.41
N ILE A 111 -12.97 -1.32 12.15
CA ILE A 111 -14.27 -1.66 11.58
C ILE A 111 -14.17 -2.95 10.76
N GLY A 112 -13.20 -3.00 9.86
CA GLY A 112 -12.99 -4.17 9.02
C GLY A 112 -12.63 -5.39 9.85
N LEU A 113 -11.82 -5.18 10.87
CA LEU A 113 -11.40 -6.26 11.75
C LEU A 113 -12.12 -6.16 13.09
N GLY A 1 24.59 2.71 -10.36
CA GLY A 1 24.75 1.37 -9.75
C GLY A 1 23.53 1.03 -8.91
N GLY A 2 22.57 1.95 -8.86
CA GLY A 2 21.36 1.74 -8.09
C GLY A 2 20.36 0.88 -8.86
N PRO A 3 19.25 0.57 -8.24
CA PRO A 3 18.18 -0.26 -8.87
C PRO A 3 17.97 0.04 -10.36
N GLU A 4 17.20 1.08 -10.68
CA GLU A 4 16.96 1.43 -12.07
C GLU A 4 16.66 0.16 -12.88
N ALA A 5 15.97 -0.77 -12.25
CA ALA A 5 15.61 -2.03 -12.90
C ALA A 5 14.70 -2.84 -12.00
N ALA A 6 14.89 -2.71 -10.69
CA ALA A 6 14.06 -3.44 -9.74
C ALA A 6 14.23 -2.92 -8.32
N ALA A 7 13.19 -2.25 -7.83
CA ALA A 7 13.20 -1.74 -6.48
C ALA A 7 12.73 -2.82 -5.54
N PHE A 8 12.79 -2.52 -4.27
CA PHE A 8 12.31 -3.47 -3.27
C PHE A 8 11.65 -2.72 -2.14
N VAL A 9 10.33 -2.82 -2.04
CA VAL A 9 9.61 -2.14 -0.98
C VAL A 9 8.53 -3.04 -0.43
N LYS A 10 8.49 -3.16 0.89
CA LYS A 10 7.49 -3.99 1.54
C LYS A 10 6.14 -3.31 1.51
N VAL A 11 5.08 -4.05 1.80
CA VAL A 11 3.75 -3.47 1.79
C VAL A 11 2.94 -3.99 2.96
N SER A 12 2.51 -3.06 3.81
CA SER A 12 1.73 -3.42 4.99
C SER A 12 0.52 -2.50 5.13
N MET A 13 -0.50 -3.01 5.82
CA MET A 13 -1.72 -2.25 6.05
C MET A 13 -2.10 -2.35 7.52
N ASP A 14 -2.26 -1.21 8.17
CA ASP A 14 -2.61 -1.21 9.58
C ASP A 14 -3.90 -1.99 9.80
N GLY A 15 -3.88 -2.88 10.79
CA GLY A 15 -5.06 -3.68 11.10
C GLY A 15 -5.10 -4.98 10.31
N ALA A 16 -5.70 -4.93 9.13
CA ALA A 16 -5.82 -6.12 8.30
C ALA A 16 -4.43 -6.61 7.87
N PRO A 17 -4.25 -7.91 7.66
CA PRO A 17 -2.93 -8.47 7.26
C PRO A 17 -2.52 -8.11 5.84
N TYR A 18 -1.28 -7.67 5.70
CA TYR A 18 -0.71 -7.31 4.40
C TYR A 18 0.81 -7.46 4.44
N LEU A 19 1.36 -8.38 3.65
CA LEU A 19 2.80 -8.57 3.61
C LEU A 19 3.25 -8.96 2.21
N ARG A 20 3.87 -8.01 1.53
CA ARG A 20 4.37 -8.29 0.18
C ARG A 20 5.41 -7.26 -0.24
N LYS A 21 6.30 -7.66 -1.15
CA LYS A 21 7.34 -6.77 -1.65
C LYS A 21 7.03 -6.37 -3.08
N ILE A 22 7.52 -5.21 -3.50
CA ILE A 22 7.26 -4.72 -4.85
C ILE A 22 8.46 -3.94 -5.39
N ASP A 23 8.48 -3.70 -6.69
CA ASP A 23 9.57 -2.96 -7.31
C ASP A 23 9.01 -1.69 -7.97
N LEU A 24 9.46 -0.54 -7.52
CA LEU A 24 9.01 0.72 -8.09
C LEU A 24 9.82 1.05 -9.34
N ARG A 25 10.91 0.32 -9.55
CA ARG A 25 11.78 0.53 -10.70
C ARG A 25 11.08 0.07 -11.95
N MET A 26 10.17 -0.84 -11.77
CA MET A 26 9.37 -1.35 -12.88
C MET A 26 8.55 -0.19 -13.39
N TYR A 27 8.13 0.64 -12.45
CA TYR A 27 7.31 1.79 -12.74
C TYR A 27 8.05 3.04 -12.29
N LYS A 28 8.78 3.66 -13.21
CA LYS A 28 9.54 4.84 -12.88
C LYS A 28 8.62 6.05 -12.77
N SER A 29 7.33 5.83 -13.01
CA SER A 29 6.35 6.91 -12.90
C SER A 29 5.31 6.54 -11.84
N TYR A 30 4.81 7.54 -11.13
CA TYR A 30 3.83 7.26 -10.09
C TYR A 30 2.55 6.69 -10.69
N ASP A 31 2.22 7.08 -11.91
CA ASP A 31 1.00 6.56 -12.53
C ASP A 31 1.06 5.04 -12.65
N GLU A 32 2.14 4.53 -13.26
CA GLU A 32 2.21 3.09 -13.43
C GLU A 32 2.39 2.41 -12.08
N LEU A 33 3.10 3.04 -11.16
CA LEU A 33 3.27 2.46 -9.84
C LEU A 33 1.92 2.32 -9.19
N SER A 34 1.17 3.39 -9.21
CA SER A 34 -0.11 3.38 -8.56
C SER A 34 -0.99 2.30 -9.18
N ASN A 35 -0.89 2.11 -10.48
CA ASN A 35 -1.69 1.08 -11.14
C ASN A 35 -1.17 -0.31 -10.77
N ALA A 36 0.16 -0.47 -10.81
CA ALA A 36 0.77 -1.74 -10.50
C ALA A 36 0.45 -2.13 -9.06
N LEU A 37 0.60 -1.18 -8.16
CA LEU A 37 0.33 -1.42 -6.75
C LEU A 37 -1.17 -1.60 -6.52
N SER A 38 -1.95 -0.77 -7.18
CA SER A 38 -3.41 -0.84 -7.02
C SER A 38 -3.92 -2.23 -7.39
N ASN A 39 -3.40 -2.77 -8.47
CA ASN A 39 -3.80 -4.09 -8.90
C ASN A 39 -3.09 -5.20 -8.11
N MET A 40 -1.80 -4.99 -7.85
CA MET A 40 -1.02 -6.00 -7.14
C MET A 40 -1.39 -6.13 -5.66
N PHE A 41 -1.58 -5.00 -4.98
CA PHE A 41 -1.90 -5.06 -3.56
C PHE A 41 -3.31 -5.58 -3.35
N SER A 42 -4.22 -5.25 -4.26
CA SER A 42 -5.59 -5.72 -4.16
C SER A 42 -5.64 -7.23 -4.38
N SER A 43 -4.75 -7.69 -5.25
CA SER A 43 -4.67 -9.10 -5.57
C SER A 43 -4.25 -9.91 -4.35
N PHE A 44 -3.49 -9.28 -3.45
CA PHE A 44 -3.03 -9.96 -2.25
C PHE A 44 -4.21 -10.45 -1.41
N THR A 45 -5.17 -9.55 -1.17
CA THR A 45 -6.34 -9.88 -0.37
C THR A 45 -7.38 -10.63 -1.20
N MET A 46 -7.35 -10.42 -2.51
CA MET A 46 -8.30 -11.06 -3.40
C MET A 46 -7.67 -12.29 -4.04
N GLY A 47 -8.30 -13.45 -3.88
CA GLY A 47 -7.79 -14.68 -4.46
C GLY A 47 -8.84 -15.78 -4.45
N LYS A 48 -8.61 -16.82 -5.25
CA LYS A 48 -9.54 -17.94 -5.32
C LYS A 48 -9.61 -18.64 -3.97
N HIS A 49 -8.55 -18.48 -3.17
CA HIS A 49 -8.49 -19.08 -1.85
C HIS A 49 -7.98 -18.08 -0.82
N GLY A 50 -8.72 -17.93 0.28
CA GLY A 50 -8.32 -17.00 1.32
C GLY A 50 -9.22 -17.16 2.54
N GLY A 51 -9.21 -16.16 3.42
CA GLY A 51 -10.04 -16.21 4.62
C GLY A 51 -11.50 -16.40 4.26
N GLU A 52 -11.87 -17.64 3.96
CA GLU A 52 -13.25 -17.96 3.60
C GLU A 52 -14.20 -17.56 4.73
N GLU A 53 -13.64 -17.32 5.91
CA GLU A 53 -14.44 -16.92 7.05
C GLU A 53 -15.18 -15.63 6.72
N GLY A 54 -14.50 -14.75 6.00
CA GLY A 54 -15.06 -13.47 5.61
C GLY A 54 -14.01 -12.38 5.71
N MET A 55 -12.84 -12.74 6.22
CA MET A 55 -11.78 -11.76 6.36
C MET A 55 -11.46 -11.13 5.01
N ILE A 56 -11.81 -11.84 3.94
CA ILE A 56 -11.56 -11.35 2.61
C ILE A 56 -12.68 -10.44 2.11
N ASP A 57 -13.91 -10.77 2.50
CA ASP A 57 -15.06 -9.99 2.07
C ASP A 57 -15.57 -9.12 3.22
N PHE A 58 -14.89 -9.19 4.35
CA PHE A 58 -15.30 -8.40 5.50
C PHE A 58 -14.45 -7.13 5.58
N MET A 59 -13.16 -7.31 5.86
CA MET A 59 -12.25 -6.17 5.97
C MET A 59 -12.16 -5.39 4.66
N ASN A 60 -12.23 -6.09 3.54
CA ASN A 60 -12.17 -5.41 2.25
C ASN A 60 -13.32 -4.43 2.12
N GLU A 61 -14.50 -4.90 2.50
CA GLU A 61 -15.70 -4.10 2.41
C GLU A 61 -15.70 -2.94 3.41
N ARG A 62 -15.16 -3.17 4.59
CA ARG A 62 -15.10 -2.13 5.61
C ARG A 62 -14.16 -1.01 5.18
N LYS A 63 -13.17 -1.33 4.36
CA LYS A 63 -12.22 -0.33 3.89
C LYS A 63 -12.95 0.85 3.26
N LEU A 64 -13.91 0.57 2.37
CA LEU A 64 -14.64 1.64 1.72
C LEU A 64 -15.40 2.49 2.74
N MET A 65 -16.15 1.84 3.62
CA MET A 65 -16.90 2.56 4.63
C MET A 65 -15.95 3.28 5.57
N ASP A 66 -14.87 2.60 5.95
CA ASP A 66 -13.89 3.18 6.83
C ASP A 66 -13.19 4.38 6.21
N LEU A 67 -12.87 4.28 4.92
CA LEU A 67 -12.18 5.37 4.26
C LEU A 67 -13.03 6.62 4.27
N VAL A 68 -14.25 6.50 3.78
CA VAL A 68 -15.15 7.64 3.77
C VAL A 68 -15.58 7.99 5.19
N ASN A 69 -15.97 6.97 5.96
CA ASN A 69 -16.38 7.22 7.34
C ASN A 69 -15.20 7.79 8.12
N SER A 70 -14.03 7.20 7.90
CA SER A 70 -12.80 7.64 8.54
C SER A 70 -11.93 8.36 7.53
N TRP A 71 -12.52 9.38 6.91
CA TRP A 71 -11.81 10.15 5.89
C TRP A 71 -10.69 10.97 6.50
N ASP A 72 -10.41 10.71 7.77
CA ASP A 72 -9.35 11.43 8.45
C ASP A 72 -8.04 10.64 8.33
N TYR A 73 -8.11 9.52 7.63
CA TYR A 73 -6.93 8.66 7.42
C TYR A 73 -6.54 8.67 5.95
N VAL A 74 -5.24 8.75 5.67
CA VAL A 74 -4.76 8.80 4.29
C VAL A 74 -3.50 7.96 4.12
N PRO A 75 -3.27 7.39 2.94
CA PRO A 75 -2.07 6.55 2.68
C PRO A 75 -0.76 7.32 2.79
N SER A 76 0.27 6.66 3.29
CA SER A 76 1.57 7.28 3.45
C SER A 76 2.68 6.21 3.41
N TYR A 77 3.84 6.60 2.86
CA TYR A 77 4.97 5.68 2.73
C TYR A 77 6.14 6.14 3.60
N GLU A 78 7.08 5.23 3.85
CA GLU A 78 8.25 5.57 4.67
C GLU A 78 9.48 5.77 3.80
N ASN A 79 10.14 6.92 3.96
CA ASN A 79 11.31 7.22 3.17
C ASN A 79 12.56 6.58 3.78
N LYS A 80 13.70 6.82 3.15
CA LYS A 80 14.96 6.27 3.63
C LYS A 80 15.24 6.77 5.04
N ASP A 81 14.72 7.95 5.36
CA ASP A 81 14.89 8.52 6.68
C ASP A 81 14.06 7.72 7.67
N GLY A 82 12.89 7.28 7.22
CA GLY A 82 12.00 6.49 8.05
C GLY A 82 10.81 7.31 8.51
N ASN A 83 10.62 8.49 7.92
CA ASN A 83 9.49 9.32 8.26
C ASN A 83 8.31 8.93 7.38
N TRP A 84 7.10 9.09 7.87
CA TRP A 84 5.94 8.76 7.05
C TRP A 84 5.54 9.99 6.24
N MET A 85 5.21 9.79 4.96
CA MET A 85 4.82 10.90 4.11
C MET A 85 3.64 10.46 3.25
N LEU A 86 2.67 11.34 3.08
CA LEU A 86 1.52 11.00 2.26
C LEU A 86 1.96 10.67 0.85
N VAL A 87 1.42 9.59 0.29
CA VAL A 87 1.78 9.20 -1.05
C VAL A 87 1.67 10.39 -2.00
N GLY A 88 2.77 10.69 -2.69
CA GLY A 88 2.79 11.81 -3.61
C GLY A 88 3.19 13.09 -2.89
N ASP A 89 3.26 13.02 -1.57
CA ASP A 89 3.63 14.20 -0.77
C ASP A 89 5.03 14.68 -1.13
N VAL A 90 5.96 13.74 -1.31
CA VAL A 90 7.34 14.10 -1.63
C VAL A 90 7.60 13.91 -3.13
N PRO A 91 8.63 14.54 -3.67
CA PRO A 91 8.96 14.42 -5.13
C PRO A 91 9.04 12.97 -5.58
N TRP A 92 8.50 12.68 -6.77
CA TRP A 92 8.53 11.32 -7.26
C TRP A 92 9.94 10.74 -7.25
N PRO A 93 10.95 11.48 -7.67
CA PRO A 93 12.35 10.95 -7.69
C PRO A 93 12.83 10.53 -6.31
N MET A 94 12.50 11.32 -5.30
CA MET A 94 12.89 10.97 -3.94
C MET A 94 12.00 9.86 -3.44
N PHE A 95 10.72 9.92 -3.79
CA PHE A 95 9.77 8.90 -3.36
C PHE A 95 10.18 7.54 -3.87
N VAL A 96 10.47 7.45 -5.16
CA VAL A 96 10.85 6.19 -5.78
C VAL A 96 12.21 5.69 -5.31
N ASP A 97 13.14 6.63 -5.14
CA ASP A 97 14.49 6.29 -4.70
C ASP A 97 14.53 5.97 -3.21
N THR A 98 13.83 6.80 -2.47
CA THR A 98 13.78 6.67 -1.01
C THR A 98 12.78 5.58 -0.66
N CYS A 99 12.18 5.03 -1.69
CA CYS A 99 11.18 4.00 -1.52
C CYS A 99 11.71 2.77 -0.78
N LYS A 100 11.37 2.66 0.52
CA LYS A 100 11.82 1.51 1.31
C LYS A 100 10.62 0.74 1.85
N ARG A 101 9.70 1.46 2.51
CA ARG A 101 8.51 0.85 3.06
C ARG A 101 7.29 1.62 2.59
N LEU A 102 6.22 0.91 2.30
CA LEU A 102 5.00 1.54 1.82
C LEU A 102 3.79 0.92 2.50
N ARG A 103 2.91 1.73 3.04
CA ARG A 103 1.73 1.19 3.68
C ARG A 103 0.59 2.18 3.64
N LEU A 104 -0.62 1.66 3.63
CA LEU A 104 -1.81 2.50 3.59
C LEU A 104 -2.30 2.72 5.01
N MET A 105 -2.76 3.94 5.29
CA MET A 105 -3.26 4.23 6.63
C MET A 105 -4.77 4.04 6.62
N LYS A 106 -5.23 3.09 7.41
CA LYS A 106 -6.65 2.79 7.48
C LYS A 106 -7.20 2.83 8.90
N GLY A 107 -8.29 3.56 9.07
CA GLY A 107 -8.94 3.66 10.37
C GLY A 107 -9.81 2.43 10.59
N SER A 108 -9.87 1.59 9.55
CA SER A 108 -10.66 0.38 9.59
C SER A 108 -10.06 -0.63 10.53
N ASP A 109 -8.79 -0.46 10.83
CA ASP A 109 -8.13 -1.42 11.68
C ASP A 109 -8.97 -1.66 12.92
N ALA A 110 -9.81 -0.69 13.24
CA ALA A 110 -10.68 -0.83 14.40
C ALA A 110 -12.05 -1.35 13.98
N ILE A 111 -12.49 -0.94 12.80
CA ILE A 111 -13.80 -1.34 12.28
C ILE A 111 -13.70 -2.64 11.51
N GLY A 112 -12.77 -2.71 10.56
CA GLY A 112 -12.58 -3.90 9.74
C GLY A 112 -12.16 -5.10 10.58
N LEU A 113 -11.26 -4.85 11.54
CA LEU A 113 -10.78 -5.93 12.39
C LEU A 113 -11.38 -5.81 13.79
N GLY A 1 17.62 5.73 -4.18
CA GLY A 1 18.88 5.10 -4.67
C GLY A 1 18.79 4.92 -6.19
N GLY A 2 17.67 5.33 -6.76
CA GLY A 2 17.48 5.21 -8.21
C GLY A 2 17.48 3.75 -8.65
N PRO A 3 16.70 2.91 -8.00
CA PRO A 3 16.62 1.47 -8.32
C PRO A 3 16.76 1.21 -9.83
N GLU A 4 15.68 1.43 -10.59
CA GLU A 4 15.73 1.21 -12.03
C GLU A 4 16.53 -0.06 -12.35
N ALA A 5 16.26 -1.12 -11.60
CA ALA A 5 16.96 -2.39 -11.81
C ALA A 5 16.79 -3.29 -10.59
N ALA A 6 16.65 -2.68 -9.43
CA ALA A 6 16.46 -3.45 -8.19
C ALA A 6 15.79 -2.58 -7.13
N ALA A 7 14.50 -2.84 -6.91
CA ALA A 7 13.73 -2.09 -5.93
C ALA A 7 12.83 -3.03 -5.14
N PHE A 8 12.72 -2.80 -3.84
CA PHE A 8 11.88 -3.64 -3.00
C PHE A 8 11.17 -2.81 -1.93
N VAL A 9 9.84 -2.79 -1.98
CA VAL A 9 9.06 -2.05 -0.99
C VAL A 9 7.96 -2.94 -0.45
N LYS A 10 7.85 -3.01 0.86
CA LYS A 10 6.83 -3.86 1.50
C LYS A 10 5.50 -3.13 1.61
N VAL A 11 4.39 -3.88 1.60
CA VAL A 11 3.07 -3.27 1.72
C VAL A 11 2.24 -3.89 2.84
N SER A 12 1.89 -3.04 3.80
CA SER A 12 1.09 -3.45 4.96
C SER A 12 -0.08 -2.49 5.14
N MET A 13 -1.18 -3.00 5.68
CA MET A 13 -2.36 -2.17 5.92
C MET A 13 -2.71 -2.18 7.40
N ASP A 14 -2.80 -1.00 8.00
CA ASP A 14 -3.12 -0.91 9.42
C ASP A 14 -4.39 -1.68 9.73
N GLY A 15 -4.30 -2.60 10.70
CA GLY A 15 -5.45 -3.40 11.10
C GLY A 15 -5.52 -4.70 10.31
N ALA A 16 -6.10 -4.63 9.11
CA ALA A 16 -6.23 -5.84 8.29
C ALA A 16 -4.86 -6.37 7.92
N PRO A 17 -4.70 -7.67 7.79
CA PRO A 17 -3.38 -8.27 7.41
C PRO A 17 -3.05 -8.02 5.94
N TYR A 18 -1.83 -7.59 5.69
CA TYR A 18 -1.36 -7.32 4.33
C TYR A 18 0.17 -7.49 4.31
N LEU A 19 0.69 -8.33 3.42
CA LEU A 19 2.13 -8.51 3.34
C LEU A 19 2.56 -8.82 1.91
N ARG A 20 3.17 -7.86 1.23
CA ARG A 20 3.63 -8.11 -0.13
C ARG A 20 4.72 -7.12 -0.56
N LYS A 21 5.71 -7.65 -1.26
CA LYS A 21 6.81 -6.81 -1.75
C LYS A 21 6.59 -6.43 -3.21
N ILE A 22 7.02 -5.24 -3.58
CA ILE A 22 6.86 -4.77 -4.95
C ILE A 22 8.12 -4.05 -5.41
N ASP A 23 8.15 -3.68 -6.69
CA ASP A 23 9.30 -2.99 -7.26
C ASP A 23 8.85 -1.75 -8.03
N LEU A 24 9.34 -0.57 -7.63
CA LEU A 24 8.98 0.65 -8.34
C LEU A 24 9.83 0.82 -9.59
N ARG A 25 10.94 0.08 -9.66
CA ARG A 25 11.82 0.18 -10.82
C ARG A 25 11.05 -0.21 -12.06
N MET A 26 10.01 -1.00 -11.85
CA MET A 26 9.15 -1.44 -12.93
C MET A 26 8.41 -0.23 -13.46
N TYR A 27 8.06 0.65 -12.53
CA TYR A 27 7.33 1.85 -12.84
C TYR A 27 8.13 3.08 -12.45
N LYS A 28 8.65 3.77 -13.45
CA LYS A 28 9.46 4.95 -13.21
C LYS A 28 8.57 6.16 -12.94
N SER A 29 7.26 5.96 -12.98
CA SER A 29 6.34 7.06 -12.70
C SER A 29 5.31 6.64 -11.67
N TYR A 30 4.91 7.58 -10.84
CA TYR A 30 3.96 7.26 -9.79
C TYR A 30 2.63 6.78 -10.38
N ASP A 31 2.31 7.23 -11.60
CA ASP A 31 1.06 6.80 -12.23
C ASP A 31 1.04 5.28 -12.41
N GLU A 32 2.10 4.74 -13.02
CA GLU A 32 2.14 3.31 -13.25
C GLU A 32 2.33 2.57 -11.94
N LEU A 33 3.13 3.12 -11.03
CA LEU A 33 3.33 2.46 -9.75
C LEU A 33 2.01 2.35 -9.04
N SER A 34 1.29 3.44 -8.99
CA SER A 34 0.03 3.44 -8.30
C SER A 34 -0.91 2.41 -8.92
N ASN A 35 -0.89 2.31 -10.24
CA ASN A 35 -1.75 1.35 -10.92
C ASN A 35 -1.30 -0.09 -10.64
N ALA A 36 0.00 -0.34 -10.76
CA ALA A 36 0.53 -1.68 -10.52
C ALA A 36 0.28 -2.08 -9.08
N LEU A 37 0.56 -1.17 -8.16
CA LEU A 37 0.35 -1.43 -6.74
C LEU A 37 -1.13 -1.60 -6.46
N SER A 38 -1.95 -0.79 -7.11
CA SER A 38 -3.40 -0.87 -6.91
C SER A 38 -3.91 -2.26 -7.27
N ASN A 39 -3.41 -2.80 -8.36
CA ASN A 39 -3.81 -4.12 -8.80
C ASN A 39 -3.13 -5.22 -7.99
N MET A 40 -1.82 -5.05 -7.74
CA MET A 40 -1.08 -6.07 -7.00
C MET A 40 -1.41 -6.12 -5.51
N PHE A 41 -1.52 -4.97 -4.86
CA PHE A 41 -1.81 -4.96 -3.44
C PHE A 41 -3.22 -5.47 -3.16
N SER A 42 -4.13 -5.27 -4.11
CA SER A 42 -5.50 -5.78 -3.96
C SER A 42 -5.48 -7.30 -4.09
N SER A 43 -4.63 -7.76 -5.00
CA SER A 43 -4.48 -9.18 -5.31
C SER A 43 -3.76 -9.94 -4.21
N PHE A 44 -3.15 -9.20 -3.30
CA PHE A 44 -2.39 -9.81 -2.23
C PHE A 44 -3.17 -10.93 -1.54
N THR A 45 -4.49 -10.80 -1.50
CA THR A 45 -5.31 -11.84 -0.86
C THR A 45 -5.63 -12.96 -1.85
N MET A 46 -5.59 -12.65 -3.14
CA MET A 46 -5.87 -13.65 -4.15
C MET A 46 -4.74 -14.66 -4.21
N GLY A 47 -5.09 -15.94 -4.32
CA GLY A 47 -4.08 -17.00 -4.36
C GLY A 47 -4.67 -18.34 -3.95
N LYS A 48 -3.80 -19.29 -3.66
CA LYS A 48 -4.25 -20.62 -3.24
C LYS A 48 -5.05 -20.48 -1.96
N HIS A 49 -4.60 -19.59 -1.08
CA HIS A 49 -5.28 -19.35 0.18
C HIS A 49 -5.35 -17.85 0.46
N GLY A 50 -6.54 -17.39 0.81
CA GLY A 50 -6.76 -15.98 1.12
C GLY A 50 -7.44 -15.81 2.47
N GLY A 51 -8.17 -14.71 2.62
CA GLY A 51 -8.86 -14.43 3.88
C GLY A 51 -10.11 -15.30 4.01
N GLU A 52 -9.90 -16.60 4.11
CA GLU A 52 -11.01 -17.55 4.25
C GLU A 52 -11.76 -17.32 5.56
N GLU A 53 -11.14 -16.56 6.45
CA GLU A 53 -11.74 -16.27 7.75
C GLU A 53 -12.84 -15.23 7.62
N GLY A 54 -13.15 -14.85 6.38
CA GLY A 54 -14.18 -13.86 6.13
C GLY A 54 -13.57 -12.47 5.99
N MET A 55 -12.27 -12.37 6.20
CA MET A 55 -11.60 -11.09 6.09
C MET A 55 -11.80 -10.53 4.69
N ILE A 56 -12.13 -11.42 3.76
CA ILE A 56 -12.36 -11.03 2.38
C ILE A 56 -13.71 -10.35 2.19
N ASP A 57 -14.70 -10.77 2.97
CA ASP A 57 -16.03 -10.21 2.88
C ASP A 57 -16.37 -9.44 4.13
N PHE A 58 -15.47 -9.50 5.10
CA PHE A 58 -15.68 -8.81 6.37
C PHE A 58 -14.96 -7.46 6.39
N MET A 59 -13.66 -7.48 6.15
CA MET A 59 -12.87 -6.26 6.14
C MET A 59 -12.98 -5.53 4.80
N ASN A 60 -13.51 -6.23 3.79
CA ASN A 60 -13.66 -5.62 2.47
C ASN A 60 -14.88 -4.71 2.41
N GLU A 61 -16.00 -5.18 2.95
CA GLU A 61 -17.23 -4.40 2.96
C GLU A 61 -17.06 -3.13 3.78
N ARG A 62 -16.03 -3.10 4.61
CA ARG A 62 -15.76 -1.93 5.45
C ARG A 62 -14.54 -1.18 4.92
N LYS A 63 -13.80 -1.85 4.05
CA LYS A 63 -12.60 -1.23 3.47
C LYS A 63 -12.99 0.04 2.72
N LEU A 64 -13.85 -0.11 1.72
CA LEU A 64 -14.28 1.05 0.93
C LEU A 64 -15.02 2.04 1.82
N MET A 65 -16.01 1.56 2.58
CA MET A 65 -16.80 2.42 3.43
C MET A 65 -15.94 3.09 4.50
N ASP A 66 -14.85 2.46 4.91
CA ASP A 66 -13.99 3.08 5.91
C ASP A 66 -13.21 4.23 5.29
N LEU A 67 -12.75 4.03 4.06
CA LEU A 67 -11.99 5.05 3.37
C LEU A 67 -12.82 6.31 3.17
N VAL A 68 -13.99 6.13 2.60
CA VAL A 68 -14.88 7.26 2.39
C VAL A 68 -15.44 7.77 3.71
N ASN A 69 -15.86 6.86 4.58
CA ASN A 69 -16.37 7.28 5.88
C ASN A 69 -15.25 7.96 6.63
N SER A 70 -14.06 7.37 6.56
CA SER A 70 -12.88 7.91 7.19
C SER A 70 -12.01 8.55 6.11
N TRP A 71 -12.59 9.52 5.42
CA TRP A 71 -11.89 10.19 4.34
C TRP A 71 -10.76 11.05 4.85
N ASP A 72 -10.44 10.90 6.12
CA ASP A 72 -9.35 11.65 6.72
C ASP A 72 -8.08 10.81 6.65
N TYR A 73 -8.17 9.68 5.95
CA TYR A 73 -7.03 8.77 5.78
C TYR A 73 -6.57 8.74 4.34
N VAL A 74 -5.26 8.76 4.14
CA VAL A 74 -4.69 8.73 2.80
C VAL A 74 -3.45 7.82 2.79
N PRO A 75 -3.06 7.27 1.67
CA PRO A 75 -1.85 6.39 1.62
C PRO A 75 -0.59 7.11 2.11
N SER A 76 0.30 6.38 2.77
CA SER A 76 1.52 6.99 3.29
C SER A 76 2.68 5.97 3.26
N TYR A 77 3.90 6.48 3.08
CA TYR A 77 5.07 5.61 3.02
C TYR A 77 6.27 6.21 3.75
N GLU A 78 7.25 5.36 4.10
CA GLU A 78 8.44 5.81 4.81
C GLU A 78 9.64 5.89 3.86
N ASN A 79 10.48 6.90 4.08
CA ASN A 79 11.67 7.08 3.27
C ASN A 79 12.85 6.39 3.93
N LYS A 80 14.03 6.56 3.32
CA LYS A 80 15.23 5.95 3.85
C LYS A 80 15.59 6.55 5.20
N ASP A 81 15.11 7.76 5.45
CA ASP A 81 15.37 8.44 6.71
C ASP A 81 14.42 7.92 7.79
N GLY A 82 13.38 7.21 7.35
CA GLY A 82 12.40 6.65 8.27
C GLY A 82 11.33 7.68 8.66
N ASN A 83 11.16 8.70 7.85
CA ASN A 83 10.15 9.72 8.11
C ASN A 83 8.87 9.34 7.40
N TRP A 84 7.72 9.73 7.95
CA TRP A 84 6.45 9.40 7.32
C TRP A 84 6.01 10.50 6.36
N MET A 85 5.66 10.11 5.14
CA MET A 85 5.21 11.07 4.13
C MET A 85 4.00 10.55 3.39
N LEU A 86 2.99 11.40 3.32
CA LEU A 86 1.77 11.04 2.62
C LEU A 86 2.06 10.97 1.13
N VAL A 87 1.38 10.06 0.45
CA VAL A 87 1.59 9.92 -0.99
C VAL A 87 1.43 11.25 -1.71
N GLY A 88 2.39 11.57 -2.56
CA GLY A 88 2.37 12.81 -3.32
C GLY A 88 2.99 13.93 -2.51
N ASP A 89 3.24 13.66 -1.22
CA ASP A 89 3.84 14.67 -0.36
C ASP A 89 5.26 14.99 -0.80
N VAL A 90 6.04 13.97 -1.13
CA VAL A 90 7.42 14.17 -1.57
C VAL A 90 7.53 13.96 -3.09
N PRO A 91 8.49 14.59 -3.74
CA PRO A 91 8.68 14.42 -5.22
C PRO A 91 8.82 12.94 -5.61
N TRP A 92 8.15 12.55 -6.68
CA TRP A 92 8.23 11.16 -7.12
C TRP A 92 9.69 10.70 -7.24
N PRO A 93 10.57 11.50 -7.81
CA PRO A 93 12.01 11.10 -7.95
C PRO A 93 12.62 10.75 -6.59
N MET A 94 12.28 11.54 -5.58
CA MET A 94 12.80 11.26 -4.25
C MET A 94 12.18 9.98 -3.73
N PHE A 95 10.88 9.80 -3.99
CA PHE A 95 10.19 8.61 -3.52
C PHE A 95 10.71 7.33 -4.18
N VAL A 96 10.81 7.33 -5.49
CA VAL A 96 11.26 6.16 -6.22
C VAL A 96 12.68 5.77 -5.81
N ASP A 97 13.39 6.73 -5.25
CA ASP A 97 14.77 6.49 -4.85
C ASP A 97 14.86 6.03 -3.39
N THR A 98 14.13 6.72 -2.52
CA THR A 98 14.13 6.43 -1.09
C THR A 98 13.06 5.41 -0.74
N CYS A 99 12.17 5.15 -1.68
CA CYS A 99 11.08 4.20 -1.45
C CYS A 99 11.58 2.94 -0.73
N LYS A 100 11.29 2.83 0.57
CA LYS A 100 11.72 1.65 1.32
C LYS A 100 10.54 0.85 1.90
N ARG A 101 9.66 1.54 2.63
CA ARG A 101 8.50 0.89 3.23
C ARG A 101 7.23 1.64 2.88
N LEU A 102 6.22 0.91 2.45
CA LEU A 102 4.95 1.51 2.08
C LEU A 102 3.81 0.91 2.88
N ARG A 103 2.95 1.75 3.40
CA ARG A 103 1.81 1.27 4.17
C ARG A 103 0.62 2.20 3.99
N LEU A 104 -0.52 1.64 3.63
CA LEU A 104 -1.71 2.46 3.45
C LEU A 104 -2.37 2.70 4.79
N MET A 105 -2.62 3.97 5.11
CA MET A 105 -3.25 4.29 6.37
C MET A 105 -4.75 4.11 6.23
N LYS A 106 -5.30 3.17 6.98
CA LYS A 106 -6.72 2.87 6.90
C LYS A 106 -7.38 2.93 8.28
N GLY A 107 -8.38 3.79 8.41
CA GLY A 107 -9.09 3.94 9.68
C GLY A 107 -9.97 2.73 9.96
N SER A 108 -10.07 1.85 8.97
CA SER A 108 -10.89 0.65 9.09
C SER A 108 -10.37 -0.26 10.16
N ASP A 109 -9.11 -0.13 10.47
CA ASP A 109 -8.53 -1.02 11.44
C ASP A 109 -9.42 -1.11 12.67
N ALA A 110 -10.19 -0.06 12.90
CA ALA A 110 -11.10 -0.06 14.03
C ALA A 110 -12.51 -0.47 13.62
N ILE A 111 -12.81 -0.31 12.34
CA ILE A 111 -14.14 -0.63 11.82
C ILE A 111 -14.12 -1.97 11.10
N GLY A 112 -13.18 -2.14 10.19
CA GLY A 112 -13.06 -3.38 9.43
C GLY A 112 -12.76 -4.54 10.35
N LEU A 113 -11.89 -4.28 11.33
CA LEU A 113 -11.51 -5.31 12.30
C LEU A 113 -12.20 -5.06 13.63
N GLY A 1 15.56 7.37 -11.07
CA GLY A 1 15.47 6.61 -9.79
C GLY A 1 16.71 5.75 -9.61
N GLY A 2 17.16 5.61 -8.37
CA GLY A 2 18.34 4.80 -8.09
C GLY A 2 18.14 3.35 -8.50
N PRO A 3 16.99 2.80 -8.17
CA PRO A 3 16.66 1.37 -8.51
C PRO A 3 16.73 1.11 -10.02
N GLU A 4 15.66 1.47 -10.74
CA GLU A 4 15.61 1.26 -12.18
C GLU A 4 16.33 -0.03 -12.56
N ALA A 5 16.11 -1.07 -11.75
CA ALA A 5 16.75 -2.37 -11.98
C ALA A 5 16.80 -3.18 -10.68
N ALA A 6 16.56 -2.51 -9.56
CA ALA A 6 16.57 -3.20 -8.27
C ALA A 6 15.89 -2.36 -7.19
N ALA A 7 14.60 -2.64 -6.95
CA ALA A 7 13.85 -1.93 -5.92
C ALA A 7 12.97 -2.89 -5.16
N PHE A 8 12.92 -2.72 -3.84
CA PHE A 8 12.08 -3.58 -3.01
C PHE A 8 11.41 -2.77 -1.91
N VAL A 9 10.09 -2.75 -1.93
CA VAL A 9 9.34 -2.02 -0.93
C VAL A 9 8.29 -2.94 -0.33
N LYS A 10 8.22 -3.00 0.99
CA LYS A 10 7.24 -3.87 1.63
C LYS A 10 5.87 -3.22 1.60
N VAL A 11 4.84 -4.07 1.52
CA VAL A 11 3.47 -3.59 1.44
C VAL A 11 2.60 -4.17 2.54
N SER A 12 2.18 -3.30 3.46
CA SER A 12 1.34 -3.72 4.59
C SER A 12 0.13 -2.80 4.73
N MET A 13 -0.96 -3.36 5.27
CA MET A 13 -2.19 -2.61 5.47
C MET A 13 -2.56 -2.59 6.95
N ASP A 14 -2.75 -1.40 7.50
CA ASP A 14 -3.08 -1.27 8.92
C ASP A 14 -4.34 -2.06 9.25
N GLY A 15 -4.22 -3.01 10.18
CA GLY A 15 -5.38 -3.82 10.59
C GLY A 15 -5.39 -5.18 9.91
N ALA A 16 -6.04 -5.25 8.75
CA ALA A 16 -6.14 -6.50 8.04
C ALA A 16 -4.75 -7.01 7.65
N PRO A 17 -4.55 -8.30 7.59
CA PRO A 17 -3.20 -8.85 7.23
C PRO A 17 -2.84 -8.60 5.76
N TYR A 18 -1.63 -8.09 5.56
CA TYR A 18 -1.12 -7.79 4.23
C TYR A 18 0.41 -7.86 4.27
N LEU A 19 0.99 -8.70 3.42
CA LEU A 19 2.44 -8.82 3.36
C LEU A 19 2.89 -9.09 1.93
N ARG A 20 3.48 -8.09 1.30
CA ARG A 20 3.94 -8.24 -0.07
C ARG A 20 5.02 -7.21 -0.43
N LYS A 21 5.97 -7.64 -1.23
CA LYS A 21 7.05 -6.76 -1.67
C LYS A 21 6.76 -6.30 -3.09
N ILE A 22 7.16 -5.07 -3.41
CA ILE A 22 6.94 -4.53 -4.74
C ILE A 22 8.23 -3.91 -5.30
N ASP A 23 8.24 -3.64 -6.59
CA ASP A 23 9.40 -3.05 -7.23
C ASP A 23 8.97 -1.80 -8.01
N LEU A 24 9.51 -0.65 -7.62
CA LEU A 24 9.18 0.59 -8.31
C LEU A 24 10.01 0.74 -9.58
N ARG A 25 11.07 -0.06 -9.68
CA ARG A 25 11.92 -0.03 -10.87
C ARG A 25 11.12 -0.41 -12.10
N MET A 26 10.06 -1.18 -11.85
CA MET A 26 9.17 -1.62 -12.91
C MET A 26 8.43 -0.42 -13.48
N TYR A 27 8.07 0.48 -12.57
CA TYR A 27 7.34 1.67 -12.93
C TYR A 27 8.15 2.89 -12.53
N LYS A 28 8.68 3.57 -13.53
CA LYS A 28 9.51 4.74 -13.28
C LYS A 28 8.62 5.97 -13.15
N SER A 29 7.31 5.78 -13.31
CA SER A 29 6.37 6.89 -13.20
C SER A 29 5.39 6.62 -12.09
N TYR A 30 4.99 7.67 -11.39
CA TYR A 30 4.06 7.51 -10.30
C TYR A 30 2.72 6.97 -10.79
N ASP A 31 2.34 7.31 -12.02
CA ASP A 31 1.07 6.82 -12.54
C ASP A 31 1.06 5.30 -12.62
N GLU A 32 2.08 4.71 -13.23
CA GLU A 32 2.08 3.26 -13.34
C GLU A 32 2.31 2.62 -11.98
N LEU A 33 3.11 3.27 -11.13
CA LEU A 33 3.35 2.70 -9.81
C LEU A 33 2.06 2.53 -9.08
N SER A 34 1.29 3.60 -9.04
CA SER A 34 0.04 3.57 -8.34
C SER A 34 -0.87 2.51 -8.92
N ASN A 35 -0.87 2.39 -10.23
CA ASN A 35 -1.70 1.40 -10.90
C ASN A 35 -1.25 -0.01 -10.59
N ALA A 36 0.05 -0.24 -10.65
CA ALA A 36 0.59 -1.56 -10.37
C ALA A 36 0.30 -1.92 -8.93
N LEU A 37 0.51 -0.96 -8.05
CA LEU A 37 0.29 -1.17 -6.62
C LEU A 37 -1.18 -1.28 -6.27
N SER A 38 -2.03 -0.50 -6.91
CA SER A 38 -3.46 -0.56 -6.62
C SER A 38 -4.00 -1.96 -6.92
N ASN A 39 -3.53 -2.53 -8.02
CA ASN A 39 -3.95 -3.86 -8.40
C ASN A 39 -3.20 -4.93 -7.62
N MET A 40 -1.89 -4.74 -7.44
CA MET A 40 -1.07 -5.74 -6.74
C MET A 40 -1.35 -5.80 -5.24
N PHE A 41 -1.50 -4.66 -4.58
CA PHE A 41 -1.71 -4.67 -3.14
C PHE A 41 -3.06 -5.31 -2.79
N SER A 42 -4.09 -4.98 -3.56
CA SER A 42 -5.41 -5.57 -3.33
C SER A 42 -5.39 -7.06 -3.63
N SER A 43 -4.68 -7.40 -4.70
CA SER A 43 -4.56 -8.77 -5.18
C SER A 43 -3.95 -9.72 -4.14
N PHE A 44 -2.99 -9.22 -3.36
CA PHE A 44 -2.29 -10.06 -2.39
C PHE A 44 -3.26 -10.86 -1.52
N THR A 45 -4.27 -10.21 -0.95
CA THR A 45 -5.23 -10.92 -0.10
C THR A 45 -6.28 -11.65 -0.92
N MET A 46 -6.21 -11.52 -2.25
CA MET A 46 -7.17 -12.20 -3.12
C MET A 46 -6.54 -13.47 -3.68
N GLY A 47 -7.25 -14.59 -3.53
CA GLY A 47 -6.74 -15.86 -4.02
C GLY A 47 -7.85 -16.91 -4.09
N LYS A 48 -7.56 -18.02 -4.75
CA LYS A 48 -8.54 -19.10 -4.87
C LYS A 48 -8.89 -19.66 -3.50
N HIS A 49 -7.88 -19.79 -2.64
CA HIS A 49 -8.11 -20.31 -1.30
C HIS A 49 -7.35 -19.48 -0.26
N GLY A 50 -8.08 -19.06 0.77
CA GLY A 50 -7.48 -18.26 1.84
C GLY A 50 -8.50 -17.27 2.40
N GLY A 51 -8.52 -17.13 3.72
CA GLY A 51 -9.45 -16.22 4.36
C GLY A 51 -10.88 -16.71 4.22
N GLU A 52 -11.02 -18.04 4.10
CA GLU A 52 -12.33 -18.66 3.96
C GLU A 52 -13.24 -18.33 5.15
N GLU A 53 -12.62 -17.88 6.24
CA GLU A 53 -13.37 -17.53 7.43
C GLU A 53 -14.30 -16.35 7.16
N GLY A 54 -14.09 -15.71 6.01
CA GLY A 54 -14.89 -14.56 5.62
C GLY A 54 -14.06 -13.30 5.62
N MET A 55 -12.79 -13.44 5.96
CA MET A 55 -11.90 -12.29 5.99
C MET A 55 -11.85 -11.65 4.60
N ILE A 56 -12.22 -12.43 3.59
CA ILE A 56 -12.21 -11.95 2.23
C ILE A 56 -13.45 -11.12 1.90
N ASP A 57 -14.59 -11.52 2.44
CA ASP A 57 -15.84 -10.81 2.18
C ASP A 57 -16.24 -10.00 3.41
N PHE A 58 -15.49 -10.17 4.48
CA PHE A 58 -15.79 -9.46 5.73
C PHE A 58 -15.05 -8.13 5.77
N MET A 59 -13.77 -8.14 5.44
CA MET A 59 -12.98 -6.91 5.43
C MET A 59 -13.12 -6.16 4.12
N ASN A 60 -13.61 -6.84 3.08
CA ASN A 60 -13.80 -6.19 1.78
C ASN A 60 -15.01 -5.26 1.79
N GLU A 61 -16.10 -5.73 2.37
CA GLU A 61 -17.33 -4.94 2.44
C GLU A 61 -17.13 -3.70 3.31
N ARG A 62 -16.07 -3.71 4.10
CA ARG A 62 -15.76 -2.59 4.97
C ARG A 62 -14.57 -1.80 4.42
N LYS A 63 -13.83 -2.46 3.52
CA LYS A 63 -12.66 -1.81 2.93
C LYS A 63 -13.08 -0.53 2.22
N LEU A 64 -13.98 -0.63 1.25
CA LEU A 64 -14.43 0.54 0.52
C LEU A 64 -15.19 1.48 1.45
N MET A 65 -16.14 0.95 2.21
CA MET A 65 -16.95 1.77 3.10
C MET A 65 -16.11 2.40 4.19
N ASP A 66 -15.01 1.77 4.58
CA ASP A 66 -14.16 2.35 5.60
C ASP A 66 -13.39 3.54 5.04
N LEU A 67 -12.93 3.39 3.80
CA LEU A 67 -12.17 4.44 3.15
C LEU A 67 -13.00 5.69 3.02
N VAL A 68 -14.19 5.54 2.47
CA VAL A 68 -15.08 6.67 2.30
C VAL A 68 -15.65 7.11 3.65
N ASN A 69 -16.06 6.14 4.48
CA ASN A 69 -16.58 6.49 5.80
C ASN A 69 -15.46 7.13 6.60
N SER A 70 -14.27 6.56 6.49
CA SER A 70 -13.09 7.06 7.18
C SER A 70 -12.21 7.78 6.15
N TRP A 71 -12.81 8.74 5.46
CA TRP A 71 -12.10 9.48 4.43
C TRP A 71 -11.05 10.39 5.03
N ASP A 72 -10.76 10.18 6.30
CA ASP A 72 -9.73 10.96 6.98
C ASP A 72 -8.38 10.27 6.80
N TYR A 73 -8.44 8.99 6.44
CA TYR A 73 -7.23 8.19 6.24
C TYR A 73 -6.77 8.26 4.79
N VAL A 74 -5.46 8.34 4.59
CA VAL A 74 -4.91 8.42 3.24
C VAL A 74 -3.65 7.57 3.12
N PRO A 75 -3.30 7.10 1.93
CA PRO A 75 -2.06 6.28 1.75
C PRO A 75 -0.84 7.02 2.30
N SER A 76 0.07 6.29 2.94
CA SER A 76 1.26 6.93 3.48
C SER A 76 2.45 5.96 3.40
N TYR A 77 3.62 6.50 3.08
CA TYR A 77 4.83 5.69 2.94
C TYR A 77 5.98 6.23 3.80
N GLU A 78 6.99 5.38 4.01
CA GLU A 78 8.17 5.78 4.78
C GLU A 78 9.39 5.85 3.87
N ASN A 79 10.22 6.85 4.08
CA ASN A 79 11.42 7.03 3.27
C ASN A 79 12.58 6.25 3.89
N LYS A 80 13.75 6.37 3.30
CA LYS A 80 14.92 5.67 3.79
C LYS A 80 15.27 6.13 5.20
N ASP A 81 14.95 7.39 5.50
CA ASP A 81 15.20 7.94 6.82
C ASP A 81 14.23 7.32 7.81
N GLY A 82 12.99 7.12 7.36
CA GLY A 82 11.96 6.55 8.21
C GLY A 82 10.92 7.59 8.58
N ASN A 83 10.75 8.60 7.72
CA ASN A 83 9.78 9.66 7.97
C ASN A 83 8.47 9.35 7.24
N TRP A 84 7.35 9.71 7.84
CA TRP A 84 6.06 9.44 7.21
C TRP A 84 5.62 10.60 6.30
N MET A 85 5.27 10.26 5.06
CA MET A 85 4.81 11.27 4.11
C MET A 85 3.67 10.73 3.28
N LEU A 86 2.59 11.47 3.20
CA LEU A 86 1.44 11.03 2.44
C LEU A 86 1.82 10.95 0.97
N VAL A 87 1.23 9.98 0.29
CA VAL A 87 1.50 9.79 -1.13
C VAL A 87 1.41 11.10 -1.90
N GLY A 88 2.43 11.38 -2.70
CA GLY A 88 2.46 12.60 -3.50
C GLY A 88 3.05 13.74 -2.70
N ASP A 89 3.25 13.51 -1.40
CA ASP A 89 3.83 14.56 -0.56
C ASP A 89 5.23 14.91 -1.02
N VAL A 90 6.05 13.89 -1.29
CA VAL A 90 7.43 14.11 -1.74
C VAL A 90 7.55 13.85 -3.24
N PRO A 91 8.49 14.48 -3.91
CA PRO A 91 8.69 14.26 -5.38
C PRO A 91 8.66 12.77 -5.73
N TRP A 92 8.55 12.47 -7.02
CA TRP A 92 8.57 11.07 -7.44
C TRP A 92 9.99 10.53 -7.43
N PRO A 93 10.96 11.27 -7.94
CA PRO A 93 12.38 10.83 -7.96
C PRO A 93 12.87 10.51 -6.56
N MET A 94 12.45 11.32 -5.59
CA MET A 94 12.85 11.10 -4.22
C MET A 94 12.16 9.86 -3.70
N PHE A 95 10.88 9.70 -4.06
CA PHE A 95 10.11 8.55 -3.62
C PHE A 95 10.68 7.26 -4.16
N VAL A 96 10.87 7.20 -5.48
CA VAL A 96 11.37 5.99 -6.13
C VAL A 96 12.79 5.68 -5.68
N ASP A 97 13.48 6.68 -5.18
CA ASP A 97 14.85 6.49 -4.73
C ASP A 97 14.90 6.05 -3.27
N THR A 98 14.01 6.63 -2.49
CA THR A 98 13.96 6.35 -1.06
C THR A 98 12.88 5.32 -0.76
N CYS A 99 12.04 5.03 -1.74
CA CYS A 99 10.97 4.06 -1.56
C CYS A 99 11.49 2.84 -0.81
N LYS A 100 11.23 2.78 0.50
CA LYS A 100 11.70 1.65 1.30
C LYS A 100 10.54 0.83 1.90
N ARG A 101 9.60 1.52 2.56
CA ARG A 101 8.46 0.83 3.14
C ARG A 101 7.19 1.55 2.71
N LEU A 102 6.23 0.77 2.23
CA LEU A 102 4.97 1.32 1.76
C LEU A 102 3.82 0.65 2.48
N ARG A 103 2.86 1.43 2.92
CA ARG A 103 1.70 0.88 3.60
C ARG A 103 0.47 1.73 3.32
N LEU A 104 -0.68 1.07 3.33
CA LEU A 104 -1.94 1.76 3.08
C LEU A 104 -2.61 2.08 4.41
N MET A 105 -2.89 3.36 4.64
CA MET A 105 -3.53 3.74 5.90
C MET A 105 -5.02 3.47 5.78
N LYS A 106 -5.52 2.56 6.58
CA LYS A 106 -6.93 2.20 6.55
C LYS A 106 -7.56 2.29 7.93
N GLY A 107 -8.60 3.10 8.05
CA GLY A 107 -9.29 3.26 9.33
C GLY A 107 -10.14 2.03 9.63
N SER A 108 -10.23 1.15 8.65
CA SER A 108 -11.02 -0.08 8.79
C SER A 108 -10.44 -0.97 9.85
N ASP A 109 -9.18 -0.79 10.14
CA ASP A 109 -8.54 -1.65 11.08
C ASP A 109 -9.42 -1.78 12.31
N ALA A 110 -10.24 -0.77 12.54
CA ALA A 110 -11.15 -0.79 13.68
C ALA A 110 -12.53 -1.26 13.26
N ILE A 111 -12.86 -1.09 11.97
CA ILE A 111 -14.17 -1.47 11.46
C ILE A 111 -14.11 -2.78 10.68
N GLY A 112 -13.15 -2.86 9.76
CA GLY A 112 -12.99 -4.06 8.95
C GLY A 112 -12.65 -5.27 9.81
N LEU A 113 -11.81 -5.03 10.81
CA LEU A 113 -11.40 -6.09 11.72
C LEU A 113 -12.18 -6.00 13.02
N GLY A 1 20.22 9.21 -8.98
CA GLY A 1 20.04 7.81 -9.49
C GLY A 1 18.88 7.15 -8.76
N GLY A 2 18.63 5.88 -9.09
CA GLY A 2 17.55 5.14 -8.46
C GLY A 2 17.55 3.68 -8.90
N PRO A 3 16.63 2.90 -8.41
CA PRO A 3 16.51 1.45 -8.74
C PRO A 3 16.73 1.18 -10.23
N GLU A 4 15.70 1.41 -11.05
CA GLU A 4 15.80 1.19 -12.48
C GLU A 4 16.62 -0.08 -12.76
N ALA A 5 16.36 -1.12 -11.97
CA ALA A 5 17.08 -2.38 -12.11
C ALA A 5 16.99 -3.19 -10.83
N ALA A 6 16.88 -2.48 -9.70
CA ALA A 6 16.77 -3.14 -8.41
C ALA A 6 16.03 -2.26 -7.41
N ALA A 7 14.79 -2.64 -7.13
CA ALA A 7 13.97 -1.91 -6.16
C ALA A 7 13.24 -2.92 -5.29
N PHE A 8 12.99 -2.54 -4.05
CA PHE A 8 12.31 -3.43 -3.13
C PHE A 8 11.65 -2.62 -2.02
N VAL A 9 10.33 -2.70 -1.96
CA VAL A 9 9.58 -2.00 -0.94
C VAL A 9 8.57 -2.94 -0.34
N LYS A 10 8.53 -3.00 0.97
CA LYS A 10 7.57 -3.87 1.63
C LYS A 10 6.20 -3.28 1.54
N VAL A 11 5.20 -4.11 1.78
CA VAL A 11 3.82 -3.68 1.66
C VAL A 11 2.97 -4.19 2.82
N SER A 12 2.52 -3.27 3.67
CA SER A 12 1.70 -3.65 4.81
C SER A 12 0.56 -2.65 5.03
N MET A 13 -0.46 -3.10 5.76
CA MET A 13 -1.62 -2.28 6.06
C MET A 13 -1.95 -2.40 7.54
N ASP A 14 -2.06 -1.27 8.23
CA ASP A 14 -2.35 -1.30 9.65
C ASP A 14 -3.63 -2.06 9.93
N GLY A 15 -3.59 -2.95 10.92
CA GLY A 15 -4.75 -3.74 11.29
C GLY A 15 -4.84 -5.03 10.49
N ALA A 16 -5.46 -4.96 9.32
CA ALA A 16 -5.61 -6.15 8.49
C ALA A 16 -4.24 -6.69 8.08
N PRO A 17 -4.09 -7.98 7.93
CA PRO A 17 -2.76 -8.58 7.56
C PRO A 17 -2.39 -8.32 6.11
N TYR A 18 -1.14 -7.86 5.92
CA TYR A 18 -0.62 -7.59 4.59
C TYR A 18 0.91 -7.72 4.60
N LEU A 19 1.44 -8.60 3.75
CA LEU A 19 2.90 -8.78 3.67
C LEU A 19 3.31 -9.09 2.24
N ARG A 20 3.93 -8.10 1.60
CA ARG A 20 4.38 -8.29 0.22
C ARG A 20 5.45 -7.28 -0.17
N LYS A 21 6.28 -7.65 -1.13
CA LYS A 21 7.35 -6.78 -1.62
C LYS A 21 7.05 -6.40 -3.06
N ILE A 22 7.49 -5.22 -3.49
CA ILE A 22 7.25 -4.77 -4.87
C ILE A 22 8.48 -4.10 -5.46
N ASP A 23 8.52 -3.96 -6.80
CA ASP A 23 9.64 -3.32 -7.45
C ASP A 23 9.16 -2.07 -8.18
N LEU A 24 9.67 -0.92 -7.79
CA LEU A 24 9.28 0.33 -8.42
C LEU A 24 10.06 0.53 -9.71
N ARG A 25 11.16 -0.20 -9.84
CA ARG A 25 11.98 -0.08 -11.04
C ARG A 25 11.16 -0.45 -12.26
N MET A 26 10.13 -1.23 -12.01
CA MET A 26 9.22 -1.65 -13.06
C MET A 26 8.45 -0.43 -13.54
N TYR A 27 8.13 0.42 -12.59
CA TYR A 27 7.38 1.62 -12.86
C TYR A 27 8.18 2.84 -12.44
N LYS A 28 8.70 3.55 -13.42
CA LYS A 28 9.51 4.72 -13.15
C LYS A 28 8.63 5.94 -12.87
N SER A 29 7.32 5.76 -13.00
CA SER A 29 6.40 6.85 -12.75
C SER A 29 5.38 6.45 -11.70
N TYR A 30 4.90 7.42 -10.94
CA TYR A 30 3.93 7.13 -9.90
C TYR A 30 2.64 6.61 -10.50
N ASP A 31 2.33 7.04 -11.74
CA ASP A 31 1.08 6.58 -12.36
C ASP A 31 1.08 5.07 -12.51
N GLU A 32 2.13 4.52 -13.12
CA GLU A 32 2.18 3.09 -13.32
C GLU A 32 2.38 2.38 -12.00
N LEU A 33 3.15 2.97 -11.09
CA LEU A 33 3.35 2.33 -9.80
C LEU A 33 2.03 2.25 -9.08
N SER A 34 1.35 3.35 -9.04
CA SER A 34 0.09 3.39 -8.33
C SER A 34 -0.87 2.36 -8.93
N ASN A 35 -0.81 2.19 -10.24
CA ASN A 35 -1.68 1.22 -10.90
C ASN A 35 -1.23 -0.20 -10.59
N ALA A 36 0.08 -0.44 -10.68
CA ALA A 36 0.63 -1.76 -10.42
C ALA A 36 0.36 -2.15 -8.98
N LEU A 37 0.58 -1.22 -8.07
CA LEU A 37 0.35 -1.46 -6.66
C LEU A 37 -1.15 -1.61 -6.39
N SER A 38 -1.94 -0.74 -7.02
CA SER A 38 -3.38 -0.77 -6.84
C SER A 38 -3.98 -2.12 -7.26
N ASN A 39 -3.51 -2.62 -8.40
CA ASN A 39 -3.98 -3.90 -8.90
C ASN A 39 -3.35 -5.06 -8.14
N MET A 40 -2.06 -4.94 -7.87
CA MET A 40 -1.34 -5.99 -7.16
C MET A 40 -1.84 -6.15 -5.73
N PHE A 41 -2.11 -5.03 -5.09
CA PHE A 41 -2.56 -5.04 -3.71
C PHE A 41 -3.90 -5.76 -3.59
N SER A 42 -4.81 -5.46 -4.52
CA SER A 42 -6.12 -6.10 -4.51
C SER A 42 -5.97 -7.60 -4.70
N SER A 43 -5.05 -7.97 -5.59
CA SER A 43 -4.78 -9.37 -5.87
C SER A 43 -4.29 -10.09 -4.61
N PHE A 44 -3.46 -9.41 -3.83
CA PHE A 44 -2.92 -10.01 -2.63
C PHE A 44 -4.03 -10.47 -1.68
N THR A 45 -4.98 -9.59 -1.41
CA THR A 45 -6.07 -9.93 -0.51
C THR A 45 -7.07 -10.86 -1.20
N MET A 46 -7.12 -10.81 -2.53
CA MET A 46 -8.02 -11.68 -3.28
C MET A 46 -7.30 -12.97 -3.66
N GLY A 47 -7.75 -14.08 -3.09
CA GLY A 47 -7.13 -15.37 -3.38
C GLY A 47 -8.18 -16.45 -3.56
N LYS A 48 -7.89 -17.42 -4.42
CA LYS A 48 -8.81 -18.52 -4.66
C LYS A 48 -9.02 -19.31 -3.37
N HIS A 49 -8.08 -19.14 -2.43
CA HIS A 49 -8.18 -19.81 -1.14
C HIS A 49 -7.34 -19.08 -0.10
N GLY A 50 -7.58 -19.38 1.17
CA GLY A 50 -6.85 -18.75 2.26
C GLY A 50 -7.61 -17.53 2.79
N GLY A 51 -8.63 -17.10 2.06
CA GLY A 51 -9.43 -15.96 2.47
C GLY A 51 -10.89 -16.37 2.63
N GLU A 52 -11.13 -17.67 2.55
CA GLU A 52 -12.48 -18.21 2.67
C GLU A 52 -13.08 -17.89 4.03
N GLU A 53 -12.23 -17.53 4.98
CA GLU A 53 -12.68 -17.20 6.32
C GLU A 53 -13.52 -15.92 6.31
N GLY A 54 -13.61 -15.31 5.13
CA GLY A 54 -14.37 -14.08 4.97
C GLY A 54 -13.46 -12.87 5.05
N MET A 55 -12.18 -13.13 5.28
CA MET A 55 -11.20 -12.06 5.37
C MET A 55 -11.21 -11.26 4.08
N ILE A 56 -11.76 -11.86 3.03
CA ILE A 56 -11.82 -11.20 1.73
C ILE A 56 -12.97 -10.20 1.65
N ASP A 57 -14.10 -10.52 2.28
CA ASP A 57 -15.26 -9.64 2.25
C ASP A 57 -15.52 -9.07 3.64
N PHE A 58 -14.75 -9.52 4.61
CA PHE A 58 -14.91 -9.06 5.98
C PHE A 58 -14.12 -7.77 6.23
N MET A 59 -12.93 -7.70 5.65
CA MET A 59 -12.09 -6.52 5.81
C MET A 59 -12.20 -5.62 4.58
N ASN A 60 -12.47 -6.21 3.42
CA ASN A 60 -12.58 -5.43 2.19
C ASN A 60 -13.78 -4.49 2.24
N GLU A 61 -14.92 -5.00 2.70
CA GLU A 61 -16.12 -4.17 2.77
C GLU A 61 -15.95 -3.08 3.82
N ARG A 62 -15.29 -3.41 4.93
CA ARG A 62 -15.05 -2.43 5.99
C ARG A 62 -14.12 -1.32 5.49
N LYS A 63 -13.20 -1.66 4.59
CA LYS A 63 -12.27 -0.67 4.07
C LYS A 63 -13.03 0.52 3.47
N LEU A 64 -14.00 0.24 2.61
CA LEU A 64 -14.77 1.31 1.99
C LEU A 64 -15.50 2.14 3.04
N MET A 65 -16.22 1.46 3.92
CA MET A 65 -16.96 2.15 4.97
C MET A 65 -15.98 2.85 5.90
N ASP A 66 -14.89 2.18 6.20
CA ASP A 66 -13.88 2.74 7.08
C ASP A 66 -13.20 3.96 6.45
N LEU A 67 -12.94 3.91 5.16
CA LEU A 67 -12.28 5.02 4.50
C LEU A 67 -13.14 6.27 4.59
N VAL A 68 -14.38 6.15 4.15
CA VAL A 68 -15.28 7.27 4.21
C VAL A 68 -15.67 7.56 5.66
N ASN A 69 -16.05 6.52 6.41
CA ASN A 69 -16.42 6.71 7.80
C ASN A 69 -15.21 7.26 8.57
N SER A 70 -14.05 6.68 8.28
CA SER A 70 -12.81 7.12 8.91
C SER A 70 -12.00 7.91 7.90
N TRP A 71 -12.62 8.94 7.35
CA TRP A 71 -11.95 9.77 6.35
C TRP A 71 -10.84 10.58 6.98
N ASP A 72 -10.58 10.30 8.24
CA ASP A 72 -9.52 10.97 8.95
C ASP A 72 -8.18 10.32 8.60
N TYR A 73 -8.26 9.06 8.15
CA TYR A 73 -7.08 8.30 7.76
C TYR A 73 -6.74 8.52 6.29
N VAL A 74 -5.45 8.62 6.01
CA VAL A 74 -4.99 8.83 4.64
C VAL A 74 -3.73 8.00 4.34
N PRO A 75 -3.55 7.55 3.12
CA PRO A 75 -2.36 6.73 2.74
C PRO A 75 -1.05 7.49 2.89
N SER A 76 -0.03 6.80 3.40
CA SER A 76 1.27 7.42 3.59
C SER A 76 2.38 6.38 3.49
N TYR A 77 3.51 6.82 2.94
CA TYR A 77 4.65 5.94 2.72
C TYR A 77 5.85 6.38 3.57
N GLU A 78 6.81 5.47 3.73
CA GLU A 78 8.02 5.76 4.52
C GLU A 78 9.25 5.91 3.62
N ASN A 79 9.97 7.02 3.81
CA ASN A 79 11.17 7.28 3.02
C ASN A 79 12.39 6.59 3.61
N LYS A 80 13.57 6.94 3.10
CA LYS A 80 14.81 6.36 3.58
C LYS A 80 15.09 6.74 5.03
N ASP A 81 14.70 7.94 5.41
CA ASP A 81 14.89 8.41 6.77
C ASP A 81 13.87 7.74 7.67
N GLY A 82 12.91 7.06 7.04
CA GLY A 82 11.87 6.36 7.77
C GLY A 82 10.80 7.32 8.24
N ASN A 83 10.74 8.48 7.61
CA ASN A 83 9.74 9.47 7.95
C ASN A 83 8.44 9.16 7.22
N TRP A 84 7.31 9.38 7.86
CA TRP A 84 6.03 9.11 7.22
C TRP A 84 5.56 10.35 6.47
N MET A 85 5.13 10.18 5.22
CA MET A 85 4.65 11.31 4.43
C MET A 85 3.51 10.83 3.55
N LEU A 86 2.45 11.63 3.45
CA LEU A 86 1.31 11.24 2.65
C LEU A 86 1.71 11.03 1.21
N VAL A 87 1.11 10.05 0.57
CA VAL A 87 1.43 9.77 -0.83
C VAL A 87 1.46 11.06 -1.64
N GLY A 88 2.51 11.22 -2.42
CA GLY A 88 2.65 12.40 -3.27
C GLY A 88 3.28 13.55 -2.50
N ASP A 89 3.47 13.38 -1.20
CA ASP A 89 4.08 14.44 -0.40
C ASP A 89 5.48 14.78 -0.89
N VAL A 90 6.29 13.75 -1.14
CA VAL A 90 7.66 13.97 -1.59
C VAL A 90 7.79 13.76 -3.10
N PRO A 91 8.75 14.39 -3.75
CA PRO A 91 8.97 14.23 -5.22
C PRO A 91 9.08 12.77 -5.64
N TRP A 92 8.51 12.43 -6.79
CA TRP A 92 8.57 11.05 -7.25
C TRP A 92 10.02 10.55 -7.33
N PRO A 93 10.95 11.34 -7.85
CA PRO A 93 12.37 10.90 -7.96
C PRO A 93 12.94 10.55 -6.59
N MET A 94 12.63 11.37 -5.59
CA MET A 94 13.11 11.11 -4.26
C MET A 94 12.39 9.91 -3.68
N PHE A 95 11.09 9.83 -3.96
CA PHE A 95 10.28 8.74 -3.44
C PHE A 95 10.71 7.39 -3.98
N VAL A 96 10.88 7.30 -5.31
CA VAL A 96 11.24 6.05 -5.93
C VAL A 96 12.60 5.57 -5.42
N ASP A 97 13.47 6.51 -5.13
CA ASP A 97 14.79 6.19 -4.63
C ASP A 97 14.75 5.92 -3.13
N THR A 98 14.15 6.85 -2.41
CA THR A 98 14.03 6.73 -0.96
C THR A 98 13.03 5.63 -0.62
N CYS A 99 12.22 5.29 -1.61
CA CYS A 99 11.20 4.26 -1.44
C CYS A 99 11.71 3.02 -0.72
N LYS A 100 11.40 2.90 0.59
CA LYS A 100 11.83 1.72 1.36
C LYS A 100 10.63 0.92 1.89
N ARG A 101 9.69 1.60 2.56
CA ARG A 101 8.51 0.94 3.12
C ARG A 101 7.24 1.66 2.67
N LEU A 102 6.26 0.89 2.19
CA LEU A 102 5.01 1.47 1.72
C LEU A 102 3.81 0.85 2.42
N ARG A 103 2.92 1.67 2.97
CA ARG A 103 1.74 1.15 3.63
C ARG A 103 0.58 2.13 3.56
N LEU A 104 -0.63 1.60 3.53
CA LEU A 104 -1.82 2.44 3.48
C LEU A 104 -2.34 2.63 4.89
N MET A 105 -2.89 3.80 5.19
CA MET A 105 -3.42 4.04 6.51
C MET A 105 -4.91 3.75 6.52
N LYS A 106 -5.30 2.79 7.33
CA LYS A 106 -6.70 2.38 7.41
C LYS A 106 -7.21 2.44 8.84
N GLY A 107 -8.33 3.16 9.02
CA GLY A 107 -8.93 3.28 10.34
C GLY A 107 -9.77 2.06 10.64
N SER A 108 -9.82 1.15 9.68
CA SER A 108 -10.59 -0.07 9.82
C SER A 108 -9.93 -1.00 10.79
N ASP A 109 -8.68 -0.75 11.09
CA ASP A 109 -7.98 -1.63 11.99
C ASP A 109 -8.85 -1.91 13.19
N ALA A 110 -9.75 -1.00 13.49
CA ALA A 110 -10.67 -1.18 14.61
C ALA A 110 -12.00 -1.75 14.13
N ILE A 111 -12.28 -1.57 12.84
CA ILE A 111 -13.55 -2.04 12.27
C ILE A 111 -13.32 -3.28 11.41
N GLY A 112 -12.37 -3.18 10.49
CA GLY A 112 -12.04 -4.29 9.60
C GLY A 112 -11.53 -5.47 10.40
N LEU A 113 -10.74 -5.16 11.40
CA LEU A 113 -10.16 -6.18 12.26
C LEU A 113 -10.85 -6.20 13.62
N GLY A 1 19.48 7.27 -12.43
CA GLY A 1 19.65 7.26 -10.95
C GLY A 1 18.48 6.50 -10.32
N GLY A 2 18.65 6.10 -9.06
CA GLY A 2 17.61 5.37 -8.35
C GLY A 2 17.67 3.89 -8.69
N PRO A 3 16.78 3.11 -8.12
CA PRO A 3 16.72 1.64 -8.37
C PRO A 3 16.84 1.31 -9.86
N GLU A 4 15.77 1.54 -10.61
CA GLU A 4 15.78 1.28 -12.05
C GLU A 4 16.58 0.02 -12.36
N ALA A 5 16.34 -1.04 -11.59
CA ALA A 5 17.06 -2.30 -11.78
C ALA A 5 16.94 -3.17 -10.54
N ALA A 6 16.82 -2.52 -9.38
CA ALA A 6 16.67 -3.24 -8.13
C ALA A 6 15.98 -2.38 -7.07
N ALA A 7 14.70 -2.64 -6.86
CA ALA A 7 13.93 -1.89 -5.87
C ALA A 7 13.06 -2.85 -5.07
N PHE A 8 12.97 -2.61 -3.77
CA PHE A 8 12.16 -3.47 -2.91
C PHE A 8 11.44 -2.64 -1.86
N VAL A 9 10.12 -2.71 -1.87
CA VAL A 9 9.32 -1.97 -0.89
C VAL A 9 8.28 -2.90 -0.28
N LYS A 10 8.20 -2.92 1.04
CA LYS A 10 7.23 -3.79 1.70
C LYS A 10 5.85 -3.12 1.77
N VAL A 11 4.78 -3.92 1.79
CA VAL A 11 3.44 -3.36 1.87
C VAL A 11 2.63 -3.98 3.01
N SER A 12 2.26 -3.12 3.95
CA SER A 12 1.50 -3.53 5.12
C SER A 12 0.26 -2.65 5.28
N MET A 13 -0.81 -3.24 5.78
CA MET A 13 -2.07 -2.52 5.98
C MET A 13 -2.45 -2.54 7.46
N ASP A 14 -2.59 -1.37 8.07
CA ASP A 14 -2.93 -1.30 9.47
C ASP A 14 -4.21 -2.09 9.75
N GLY A 15 -4.18 -2.90 10.80
CA GLY A 15 -5.34 -3.71 11.17
C GLY A 15 -5.33 -5.04 10.44
N ALA A 16 -5.92 -5.06 9.24
CA ALA A 16 -5.99 -6.29 8.47
C ALA A 16 -4.58 -6.73 8.06
N PRO A 17 -4.34 -8.01 7.93
CA PRO A 17 -2.98 -8.53 7.54
C PRO A 17 -2.63 -8.25 6.07
N TYR A 18 -1.40 -7.76 5.87
CA TYR A 18 -0.91 -7.45 4.53
C TYR A 18 0.62 -7.57 4.52
N LEU A 19 1.18 -8.41 3.66
CA LEU A 19 2.63 -8.55 3.58
C LEU A 19 3.09 -8.90 2.17
N ARG A 20 3.66 -7.93 1.48
CA ARG A 20 4.17 -8.19 0.12
C ARG A 20 5.21 -7.17 -0.34
N LYS A 21 6.21 -7.65 -1.07
CA LYS A 21 7.25 -6.78 -1.58
C LYS A 21 6.92 -6.36 -3.01
N ILE A 22 7.31 -5.14 -3.37
CA ILE A 22 7.04 -4.63 -4.71
C ILE A 22 8.29 -3.94 -5.26
N ASP A 23 8.33 -3.72 -6.57
CA ASP A 23 9.47 -3.07 -7.19
C ASP A 23 8.99 -1.83 -7.96
N LEU A 24 9.50 -0.67 -7.56
CA LEU A 24 9.11 0.57 -8.22
C LEU A 24 9.92 0.76 -9.50
N ARG A 25 11.02 0.02 -9.61
CA ARG A 25 11.88 0.10 -10.80
C ARG A 25 11.10 -0.34 -12.03
N MET A 26 10.09 -1.15 -11.79
CA MET A 26 9.24 -1.64 -12.87
C MET A 26 8.46 -0.47 -13.43
N TYR A 27 8.07 0.42 -12.52
CA TYR A 27 7.31 1.59 -12.89
C TYR A 27 8.10 2.84 -12.49
N LYS A 28 8.68 3.48 -13.48
CA LYS A 28 9.50 4.66 -13.22
C LYS A 28 8.62 5.89 -13.04
N SER A 29 7.30 5.71 -13.22
CA SER A 29 6.39 6.84 -13.05
C SER A 29 5.40 6.54 -11.95
N TYR A 30 5.02 7.57 -11.22
CA TYR A 30 4.09 7.40 -10.15
C TYR A 30 2.75 6.93 -10.68
N ASP A 31 2.50 7.18 -11.97
CA ASP A 31 1.26 6.75 -12.58
C ASP A 31 1.19 5.23 -12.61
N GLU A 32 2.15 4.61 -13.30
CA GLU A 32 2.13 3.17 -13.40
C GLU A 32 2.36 2.52 -12.05
N LEU A 33 3.12 3.16 -11.17
CA LEU A 33 3.35 2.57 -9.86
C LEU A 33 2.04 2.38 -9.16
N SER A 34 1.27 3.45 -9.12
CA SER A 34 0.01 3.40 -8.44
C SER A 34 -0.89 2.34 -9.06
N ASN A 35 -0.86 2.24 -10.38
CA ASN A 35 -1.68 1.27 -11.07
C ASN A 35 -1.21 -0.15 -10.76
N ALA A 36 0.10 -0.35 -10.80
CA ALA A 36 0.68 -1.66 -10.53
C ALA A 36 0.36 -2.06 -9.11
N LEU A 37 0.53 -1.13 -8.21
CA LEU A 37 0.27 -1.38 -6.80
C LEU A 37 -1.23 -1.51 -6.53
N SER A 38 -2.03 -0.72 -7.23
CA SER A 38 -3.47 -0.77 -7.04
C SER A 38 -3.99 -2.16 -7.39
N ASN A 39 -3.49 -2.71 -8.48
CA ASN A 39 -3.90 -4.03 -8.90
C ASN A 39 -3.17 -5.13 -8.12
N MET A 40 -1.88 -4.93 -7.86
CA MET A 40 -1.10 -5.93 -7.15
C MET A 40 -1.46 -6.05 -5.68
N PHE A 41 -1.63 -4.92 -4.99
CA PHE A 41 -1.94 -4.99 -3.57
C PHE A 41 -3.36 -5.53 -3.35
N SER A 42 -4.27 -5.18 -4.25
CA SER A 42 -5.65 -5.65 -4.15
C SER A 42 -5.68 -7.16 -4.37
N SER A 43 -4.80 -7.62 -5.26
CA SER A 43 -4.72 -9.03 -5.59
C SER A 43 -4.22 -9.85 -4.41
N PHE A 44 -3.50 -9.20 -3.51
CA PHE A 44 -2.96 -9.90 -2.34
C PHE A 44 -4.09 -10.50 -1.49
N THR A 45 -5.09 -9.69 -1.20
CA THR A 45 -6.22 -10.15 -0.40
C THR A 45 -7.09 -11.13 -1.17
N MET A 46 -7.10 -11.01 -2.49
CA MET A 46 -7.89 -11.91 -3.33
C MET A 46 -7.03 -13.04 -3.86
N GLY A 47 -7.40 -14.27 -3.54
CA GLY A 47 -6.64 -15.44 -4.00
C GLY A 47 -7.22 -16.73 -3.43
N LYS A 48 -6.62 -17.85 -3.80
CA LYS A 48 -7.09 -19.14 -3.32
C LYS A 48 -6.99 -19.19 -1.80
N HIS A 49 -5.87 -18.72 -1.27
CA HIS A 49 -5.66 -18.70 0.18
C HIS A 49 -5.41 -17.27 0.65
N GLY A 50 -6.27 -16.80 1.55
CA GLY A 50 -6.13 -15.45 2.08
C GLY A 50 -7.08 -15.21 3.24
N GLY A 51 -7.23 -16.22 4.10
CA GLY A 51 -8.11 -16.09 5.27
C GLY A 51 -9.57 -16.04 4.81
N GLU A 52 -9.87 -16.78 3.75
CA GLU A 52 -11.23 -16.83 3.22
C GLU A 52 -12.24 -17.21 4.29
N GLU A 53 -11.74 -17.56 5.46
CA GLU A 53 -12.62 -17.93 6.57
C GLU A 53 -13.57 -16.79 6.89
N GLY A 54 -13.27 -15.63 6.32
CA GLY A 54 -14.08 -14.44 6.52
C GLY A 54 -13.20 -13.25 6.77
N MET A 55 -11.91 -13.48 6.88
CA MET A 55 -11.00 -12.38 7.13
C MET A 55 -11.07 -11.41 5.98
N ILE A 56 -11.72 -11.85 4.92
CA ILE A 56 -11.90 -11.03 3.76
C ILE A 56 -13.28 -10.43 3.74
N ASP A 57 -14.29 -11.27 3.88
CA ASP A 57 -15.65 -10.77 3.90
C ASP A 57 -15.80 -9.81 5.07
N PHE A 58 -15.15 -10.17 6.16
CA PHE A 58 -15.19 -9.40 7.39
C PHE A 58 -14.42 -8.07 7.27
N MET A 59 -13.23 -8.10 6.68
CA MET A 59 -12.41 -6.88 6.55
C MET A 59 -12.53 -6.21 5.17
N ASN A 60 -13.02 -6.94 4.19
CA ASN A 60 -13.15 -6.37 2.84
C ASN A 60 -14.49 -5.66 2.66
N GLU A 61 -15.49 -6.10 3.41
CA GLU A 61 -16.81 -5.49 3.32
C GLU A 61 -16.80 -4.08 3.91
N ARG A 62 -15.80 -3.80 4.74
CA ARG A 62 -15.67 -2.50 5.36
C ARG A 62 -14.49 -1.71 4.78
N LYS A 63 -13.76 -2.36 3.88
CA LYS A 63 -12.62 -1.72 3.25
C LYS A 63 -13.07 -0.46 2.53
N LEU A 64 -13.97 -0.62 1.56
CA LEU A 64 -14.46 0.53 0.81
C LEU A 64 -15.19 1.50 1.73
N MET A 65 -16.12 0.99 2.54
CA MET A 65 -16.88 1.83 3.43
C MET A 65 -16.01 2.51 4.46
N ASP A 66 -14.91 1.89 4.87
CA ASP A 66 -14.03 2.53 5.84
C ASP A 66 -13.28 3.68 5.19
N LEU A 67 -12.85 3.48 3.95
CA LEU A 67 -12.10 4.50 3.23
C LEU A 67 -12.95 5.74 3.03
N VAL A 68 -14.13 5.55 2.47
CA VAL A 68 -15.04 6.66 2.25
C VAL A 68 -15.56 7.19 3.57
N ASN A 69 -15.94 6.29 4.47
CA ASN A 69 -16.42 6.72 5.79
C ASN A 69 -15.29 7.41 6.53
N SER A 70 -14.10 6.82 6.41
CA SER A 70 -12.90 7.36 7.03
C SER A 70 -12.03 7.99 5.95
N TRP A 71 -12.63 8.89 5.19
CA TRP A 71 -11.93 9.55 4.10
C TRP A 71 -10.86 10.50 4.63
N ASP A 72 -10.60 10.41 5.92
CA ASP A 72 -9.58 11.24 6.54
C ASP A 72 -8.22 10.54 6.46
N TYR A 73 -8.27 9.25 6.16
CA TYR A 73 -7.05 8.44 6.05
C TYR A 73 -6.59 8.35 4.59
N VAL A 74 -5.29 8.36 4.39
CA VAL A 74 -4.74 8.28 3.03
C VAL A 74 -3.50 7.39 3.00
N PRO A 75 -3.14 6.82 1.86
CA PRO A 75 -1.92 5.95 1.77
C PRO A 75 -0.68 6.71 2.23
N SER A 76 0.27 6.01 2.85
CA SER A 76 1.48 6.67 3.33
C SER A 76 2.68 5.73 3.25
N TYR A 77 3.86 6.30 3.01
CA TYR A 77 5.09 5.49 2.90
C TYR A 77 6.22 6.12 3.71
N GLU A 78 7.22 5.31 4.02
CA GLU A 78 8.39 5.78 4.78
C GLU A 78 9.56 6.03 3.84
N ASN A 79 10.25 7.16 4.05
CA ASN A 79 11.39 7.50 3.19
C ASN A 79 12.66 6.83 3.68
N LYS A 80 13.76 7.11 3.01
CA LYS A 80 15.04 6.52 3.36
C LYS A 80 15.45 6.95 4.77
N ASP A 81 15.04 8.15 5.15
CA ASP A 81 15.36 8.66 6.49
C ASP A 81 14.56 7.88 7.52
N GLY A 82 13.32 7.55 7.16
CA GLY A 82 12.44 6.82 8.05
C GLY A 82 11.28 7.68 8.52
N ASN A 83 11.03 8.79 7.84
CA ASN A 83 9.93 9.66 8.20
C ASN A 83 8.69 9.24 7.42
N TRP A 84 7.51 9.50 7.95
CA TRP A 84 6.30 9.12 7.26
C TRP A 84 5.83 10.25 6.34
N MET A 85 5.46 9.89 5.11
CA MET A 85 5.00 10.87 4.14
C MET A 85 3.80 10.33 3.37
N LEU A 86 2.76 11.15 3.26
CA LEU A 86 1.59 10.73 2.54
C LEU A 86 1.95 10.59 1.06
N VAL A 87 1.36 9.60 0.40
CA VAL A 87 1.65 9.38 -1.01
C VAL A 87 1.42 10.66 -1.80
N GLY A 88 2.41 11.02 -2.61
CA GLY A 88 2.33 12.23 -3.43
C GLY A 88 2.84 13.43 -2.64
N ASP A 89 3.06 13.24 -1.35
CA ASP A 89 3.56 14.32 -0.50
C ASP A 89 4.95 14.76 -0.97
N VAL A 90 5.78 13.79 -1.30
CA VAL A 90 7.14 14.07 -1.77
C VAL A 90 7.25 13.85 -3.27
N PRO A 91 8.17 14.52 -3.93
CA PRO A 91 8.36 14.36 -5.40
C PRO A 91 8.70 12.90 -5.76
N TRP A 92 8.12 12.42 -6.86
CA TRP A 92 8.32 11.03 -7.25
C TRP A 92 9.79 10.61 -7.33
N PRO A 93 10.67 11.35 -7.96
CA PRO A 93 12.11 10.97 -8.01
C PRO A 93 12.64 10.60 -6.62
N MET A 94 12.24 11.37 -5.62
CA MET A 94 12.67 11.09 -4.26
C MET A 94 11.98 9.84 -3.76
N PHE A 95 10.71 9.70 -4.16
CA PHE A 95 9.90 8.55 -3.74
C PHE A 95 10.48 7.26 -4.28
N VAL A 96 10.74 7.22 -5.59
CA VAL A 96 11.28 6.02 -6.21
C VAL A 96 12.66 5.71 -5.65
N ASP A 97 13.29 6.73 -5.11
CA ASP A 97 14.62 6.57 -4.57
C ASP A 97 14.58 6.32 -3.06
N THR A 98 13.56 6.84 -2.42
CA THR A 98 13.41 6.70 -0.98
C THR A 98 12.35 5.66 -0.66
N CYS A 99 11.75 5.11 -1.71
CA CYS A 99 10.71 4.11 -1.55
C CYS A 99 11.25 2.89 -0.81
N LYS A 100 11.39 2.96 0.52
CA LYS A 100 11.90 1.81 1.27
C LYS A 100 10.77 0.97 1.88
N ARG A 101 9.87 1.64 2.60
CA ARG A 101 8.76 0.95 3.22
C ARG A 101 7.46 1.64 2.85
N LEU A 102 6.45 0.83 2.54
CA LEU A 102 5.15 1.36 2.15
C LEU A 102 4.04 0.71 2.95
N ARG A 103 3.03 1.50 3.30
CA ARG A 103 1.91 0.98 4.06
C ARG A 103 0.68 1.83 3.80
N LEU A 104 -0.46 1.18 3.62
CA LEU A 104 -1.70 1.91 3.38
C LEU A 104 -2.38 2.21 4.70
N MET A 105 -2.67 3.49 4.96
CA MET A 105 -3.33 3.84 6.21
C MET A 105 -4.82 3.60 6.04
N LYS A 106 -5.35 2.67 6.84
CA LYS A 106 -6.76 2.34 6.77
C LYS A 106 -7.41 2.45 8.15
N GLY A 107 -8.41 3.32 8.26
CA GLY A 107 -9.10 3.51 9.53
C GLY A 107 -9.96 2.29 9.86
N SER A 108 -10.08 1.39 8.89
CA SER A 108 -10.89 0.19 9.08
C SER A 108 -10.32 -0.68 10.15
N ASP A 109 -9.05 -0.52 10.43
CA ASP A 109 -8.45 -1.37 11.42
C ASP A 109 -9.31 -1.42 12.65
N ALA A 110 -10.09 -0.37 12.86
CA ALA A 110 -10.98 -0.32 14.00
C ALA A 110 -12.39 -0.76 13.62
N ILE A 111 -12.72 -0.63 12.33
CA ILE A 111 -14.05 -0.98 11.85
C ILE A 111 -14.04 -2.34 11.15
N GLY A 112 -13.11 -2.50 10.22
CA GLY A 112 -12.98 -3.76 9.49
C GLY A 112 -12.63 -4.90 10.42
N LEU A 113 -11.75 -4.62 11.37
CA LEU A 113 -11.32 -5.62 12.34
C LEU A 113 -11.98 -5.36 13.69
N GLY A 1 14.86 8.05 -9.28
CA GLY A 1 14.87 6.81 -10.13
C GLY A 1 16.22 6.11 -10.00
N GLY A 2 16.74 6.06 -8.79
CA GLY A 2 18.02 5.41 -8.55
C GLY A 2 17.97 3.93 -8.90
N PRO A 3 16.92 3.25 -8.51
CA PRO A 3 16.74 1.79 -8.78
C PRO A 3 16.84 1.45 -10.27
N GLU A 4 15.74 1.65 -11.02
CA GLU A 4 15.73 1.37 -12.44
C GLU A 4 16.54 0.11 -12.73
N ALA A 5 16.34 -0.92 -11.90
CA ALA A 5 17.07 -2.17 -12.06
C ALA A 5 17.00 -2.99 -10.78
N ALA A 6 16.79 -2.30 -9.66
CA ALA A 6 16.70 -2.99 -8.37
C ALA A 6 15.98 -2.13 -7.34
N ALA A 7 14.70 -2.42 -7.13
CA ALA A 7 13.90 -1.69 -6.16
C ALA A 7 13.10 -2.67 -5.32
N PHE A 8 12.97 -2.37 -4.04
CA PHE A 8 12.23 -3.24 -3.14
C PHE A 8 11.50 -2.43 -2.09
N VAL A 9 10.18 -2.60 -2.00
CA VAL A 9 9.41 -1.89 -1.00
C VAL A 9 8.37 -2.83 -0.41
N LYS A 10 8.28 -2.86 0.91
CA LYS A 10 7.31 -3.74 1.56
C LYS A 10 5.93 -3.09 1.55
N VAL A 11 4.89 -3.88 1.84
CA VAL A 11 3.55 -3.32 1.88
C VAL A 11 2.73 -3.93 3.02
N SER A 12 2.24 -3.07 3.89
CA SER A 12 1.46 -3.50 5.04
C SER A 12 0.20 -2.65 5.17
N MET A 13 -0.82 -3.24 5.77
CA MET A 13 -2.09 -2.54 5.98
C MET A 13 -2.43 -2.54 7.46
N ASP A 14 -2.47 -1.36 8.08
CA ASP A 14 -2.78 -1.30 9.50
C ASP A 14 -4.09 -2.02 9.74
N GLY A 15 -4.16 -2.74 10.86
CA GLY A 15 -5.38 -3.49 11.18
C GLY A 15 -5.38 -4.85 10.51
N ALA A 16 -5.87 -4.91 9.28
CA ALA A 16 -5.93 -6.16 8.55
C ALA A 16 -4.51 -6.61 8.15
N PRO A 17 -4.27 -7.90 8.00
CA PRO A 17 -2.92 -8.42 7.63
C PRO A 17 -2.56 -8.18 6.16
N TYR A 18 -1.35 -7.69 5.93
CA TYR A 18 -0.84 -7.44 4.57
C TYR A 18 0.68 -7.53 4.57
N LEU A 19 1.26 -8.42 3.76
CA LEU A 19 2.71 -8.53 3.69
C LEU A 19 3.19 -8.90 2.29
N ARG A 20 3.79 -7.94 1.60
CA ARG A 20 4.32 -8.21 0.26
C ARG A 20 5.37 -7.18 -0.17
N LYS A 21 6.23 -7.57 -1.09
CA LYS A 21 7.26 -6.68 -1.61
C LYS A 21 6.91 -6.26 -3.04
N ILE A 22 7.39 -5.09 -3.45
CA ILE A 22 7.10 -4.60 -4.80
C ILE A 22 8.34 -3.90 -5.36
N ASP A 23 8.40 -3.74 -6.69
CA ASP A 23 9.54 -3.06 -7.31
C ASP A 23 9.04 -1.83 -8.05
N LEU A 24 9.55 -0.67 -7.67
CA LEU A 24 9.16 0.57 -8.32
C LEU A 24 9.94 0.78 -9.60
N ARG A 25 11.05 0.04 -9.75
CA ARG A 25 11.87 0.16 -10.95
C ARG A 25 11.07 -0.24 -12.17
N MET A 26 10.07 -1.07 -11.93
CA MET A 26 9.20 -1.54 -12.98
C MET A 26 8.39 -0.37 -13.50
N TYR A 27 8.02 0.50 -12.58
CA TYR A 27 7.24 1.68 -12.88
C TYR A 27 8.03 2.90 -12.46
N LYS A 28 8.62 3.57 -13.45
CA LYS A 28 9.44 4.74 -13.18
C LYS A 28 8.58 5.95 -12.89
N SER A 29 7.26 5.81 -13.07
CA SER A 29 6.36 6.93 -12.82
C SER A 29 5.37 6.57 -11.72
N TYR A 30 4.92 7.58 -10.98
CA TYR A 30 3.97 7.31 -9.92
C TYR A 30 2.66 6.79 -10.50
N ASP A 31 2.37 7.18 -11.73
CA ASP A 31 1.13 6.74 -12.37
C ASP A 31 1.11 5.22 -12.48
N GLU A 32 2.07 4.65 -13.19
CA GLU A 32 2.09 3.22 -13.35
C GLU A 32 2.33 2.54 -12.02
N LEU A 33 3.07 3.16 -11.12
CA LEU A 33 3.31 2.56 -9.82
C LEU A 33 2.00 2.37 -9.14
N SER A 34 1.25 3.45 -9.08
CA SER A 34 -0.02 3.42 -8.40
C SER A 34 -0.95 2.38 -9.02
N ASN A 35 -0.90 2.26 -10.34
CA ASN A 35 -1.75 1.28 -11.01
C ASN A 35 -1.25 -0.13 -10.72
N ALA A 36 0.06 -0.30 -10.78
CA ALA A 36 0.67 -1.60 -10.54
C ALA A 36 0.36 -2.04 -9.12
N LEU A 37 0.50 -1.12 -8.18
CA LEU A 37 0.23 -1.40 -6.78
C LEU A 37 -1.26 -1.54 -6.54
N SER A 38 -2.04 -0.69 -7.18
CA SER A 38 -3.49 -0.71 -7.01
C SER A 38 -4.03 -2.10 -7.36
N ASN A 39 -3.53 -2.64 -8.46
CA ASN A 39 -3.95 -3.97 -8.89
C ASN A 39 -3.23 -5.07 -8.11
N MET A 40 -1.93 -4.90 -7.90
CA MET A 40 -1.14 -5.91 -7.20
C MET A 40 -1.50 -6.06 -5.73
N PHE A 41 -1.68 -4.95 -5.02
CA PHE A 41 -1.98 -5.04 -3.60
C PHE A 41 -3.40 -5.58 -3.38
N SER A 42 -4.33 -5.19 -4.27
CA SER A 42 -5.69 -5.67 -4.16
C SER A 42 -5.73 -7.17 -4.37
N SER A 43 -4.93 -7.61 -5.33
CA SER A 43 -4.86 -9.03 -5.68
C SER A 43 -4.28 -9.86 -4.53
N PHE A 44 -3.53 -9.21 -3.64
CA PHE A 44 -2.93 -9.93 -2.51
C PHE A 44 -3.99 -10.59 -1.64
N THR A 45 -5.01 -9.80 -1.26
CA THR A 45 -6.07 -10.32 -0.42
C THR A 45 -6.94 -11.30 -1.20
N MET A 46 -6.87 -11.24 -2.52
CA MET A 46 -7.65 -12.14 -3.36
C MET A 46 -6.78 -13.30 -3.84
N GLY A 47 -7.23 -14.52 -3.57
CA GLY A 47 -6.48 -15.70 -3.98
C GLY A 47 -7.28 -16.97 -3.74
N LYS A 48 -6.77 -18.09 -4.25
CA LYS A 48 -7.44 -19.37 -4.06
C LYS A 48 -7.50 -19.71 -2.58
N HIS A 49 -6.41 -19.40 -1.89
CA HIS A 49 -6.32 -19.66 -0.45
C HIS A 49 -5.91 -18.39 0.28
N GLY A 50 -6.60 -18.11 1.38
CA GLY A 50 -6.30 -16.91 2.18
C GLY A 50 -7.31 -16.77 3.31
N GLY A 51 -7.56 -15.54 3.73
CA GLY A 51 -8.51 -15.29 4.81
C GLY A 51 -9.94 -15.58 4.36
N GLU A 52 -10.18 -16.83 4.00
CA GLU A 52 -11.50 -17.26 3.54
C GLU A 52 -12.52 -17.18 4.67
N GLU A 53 -12.05 -16.98 5.88
CA GLU A 53 -12.92 -16.88 7.04
C GLU A 53 -13.78 -15.64 6.98
N GLY A 54 -13.81 -15.01 5.80
CA GLY A 54 -14.60 -13.80 5.60
C GLY A 54 -13.71 -12.57 5.66
N MET A 55 -12.50 -12.73 6.15
CA MET A 55 -11.58 -11.60 6.22
C MET A 55 -11.33 -11.06 4.82
N ILE A 56 -11.62 -11.88 3.84
CA ILE A 56 -11.43 -11.49 2.45
C ILE A 56 -12.66 -10.81 1.87
N ASP A 57 -13.81 -11.04 2.49
CA ASP A 57 -15.05 -10.45 2.01
C ASP A 57 -15.64 -9.51 3.08
N PHE A 58 -15.02 -9.52 4.26
CA PHE A 58 -15.50 -8.68 5.36
C PHE A 58 -14.67 -7.40 5.50
N MET A 59 -13.41 -7.55 5.86
CA MET A 59 -12.52 -6.41 6.03
C MET A 59 -12.19 -5.76 4.69
N ASN A 60 -12.11 -6.57 3.65
CA ASN A 60 -11.79 -6.07 2.32
C ASN A 60 -12.89 -5.17 1.77
N GLU A 61 -14.15 -5.59 1.90
CA GLU A 61 -15.27 -4.79 1.37
C GLU A 61 -15.51 -3.54 2.20
N ARG A 62 -14.98 -3.52 3.42
CA ARG A 62 -15.16 -2.38 4.32
C ARG A 62 -14.19 -1.25 3.97
N LYS A 63 -13.13 -1.56 3.25
CA LYS A 63 -12.15 -0.55 2.90
C LYS A 63 -12.81 0.64 2.21
N LEU A 64 -13.72 0.36 1.28
CA LEU A 64 -14.40 1.44 0.55
C LEU A 64 -15.19 2.31 1.53
N MET A 65 -15.98 1.68 2.38
CA MET A 65 -16.77 2.42 3.35
C MET A 65 -15.85 3.12 4.32
N ASP A 66 -14.79 2.43 4.74
CA ASP A 66 -13.85 3.01 5.67
C ASP A 66 -13.10 4.18 5.05
N LEU A 67 -12.74 4.05 3.78
CA LEU A 67 -12.00 5.13 3.12
C LEU A 67 -12.83 6.39 3.08
N VAL A 68 -14.03 6.29 2.55
CA VAL A 68 -14.91 7.44 2.49
C VAL A 68 -15.37 7.83 3.88
N ASN A 69 -15.81 6.84 4.66
CA ASN A 69 -16.25 7.11 6.02
C ASN A 69 -15.09 7.70 6.81
N SER A 70 -13.92 7.10 6.64
CA SER A 70 -12.70 7.56 7.30
C SER A 70 -11.82 8.25 6.28
N TRP A 71 -12.38 9.25 5.62
CA TRP A 71 -11.66 9.99 4.59
C TRP A 71 -10.56 10.82 5.19
N ASP A 72 -10.30 10.62 6.47
CA ASP A 72 -9.25 11.35 7.14
C ASP A 72 -7.95 10.54 7.08
N TYR A 73 -8.02 9.38 6.44
CA TYR A 73 -6.87 8.49 6.30
C TYR A 73 -6.48 8.37 4.83
N VAL A 74 -5.18 8.45 4.55
CA VAL A 74 -4.71 8.36 3.17
C VAL A 74 -3.42 7.54 3.10
N PRO A 75 -3.12 6.93 1.97
CA PRO A 75 -1.85 6.11 1.82
C PRO A 75 -0.62 6.91 2.19
N SER A 76 0.31 6.28 2.92
CA SER A 76 1.53 6.97 3.31
C SER A 76 2.71 6.00 3.29
N TYR A 77 3.89 6.49 2.86
CA TYR A 77 5.08 5.64 2.77
C TYR A 77 6.22 6.19 3.64
N GLU A 78 7.20 5.34 3.91
CA GLU A 78 8.37 5.73 4.72
C GLU A 78 9.61 5.92 3.85
N ASN A 79 10.25 7.08 4.01
CA ASN A 79 11.45 7.38 3.22
C ASN A 79 12.70 6.78 3.86
N LYS A 80 13.84 6.99 3.23
CA LYS A 80 15.10 6.49 3.73
C LYS A 80 15.39 7.05 5.12
N ASP A 81 14.86 8.24 5.37
CA ASP A 81 15.03 8.87 6.67
C ASP A 81 14.21 8.11 7.70
N GLY A 82 13.06 7.61 7.24
CA GLY A 82 12.17 6.85 8.10
C GLY A 82 10.98 7.69 8.53
N ASN A 83 10.81 8.85 7.90
CA ASN A 83 9.68 9.70 8.22
C ASN A 83 8.51 9.30 7.34
N TRP A 84 7.29 9.47 7.84
CA TRP A 84 6.12 9.11 7.06
C TRP A 84 5.68 10.30 6.21
N MET A 85 5.33 10.06 4.95
CA MET A 85 4.85 11.12 4.07
C MET A 85 3.67 10.58 3.28
N LEU A 86 2.63 11.37 3.15
CA LEU A 86 1.48 10.90 2.41
C LEU A 86 1.88 10.71 0.95
N VAL A 87 1.32 9.70 0.32
CA VAL A 87 1.64 9.43 -1.08
C VAL A 87 1.42 10.66 -1.95
N GLY A 88 2.41 10.99 -2.75
CA GLY A 88 2.31 12.15 -3.63
C GLY A 88 2.77 13.41 -2.90
N ASP A 89 2.94 13.30 -1.58
CA ASP A 89 3.38 14.44 -0.81
C ASP A 89 4.78 14.87 -1.23
N VAL A 90 5.66 13.89 -1.42
CA VAL A 90 7.03 14.17 -1.82
C VAL A 90 7.22 13.92 -3.32
N PRO A 91 8.16 14.56 -3.95
CA PRO A 91 8.42 14.38 -5.41
C PRO A 91 8.71 12.91 -5.74
N TRP A 92 8.19 12.45 -6.87
CA TRP A 92 8.35 11.04 -7.25
C TRP A 92 9.80 10.55 -7.27
N PRO A 93 10.72 11.25 -7.90
CA PRO A 93 12.16 10.80 -7.95
C PRO A 93 12.69 10.41 -6.57
N MET A 94 12.30 11.17 -5.55
CA MET A 94 12.74 10.85 -4.20
C MET A 94 11.92 9.70 -3.65
N PHE A 95 10.65 9.68 -4.02
CA PHE A 95 9.74 8.63 -3.57
C PHE A 95 10.22 7.27 -4.04
N VAL A 96 10.62 7.19 -5.31
CA VAL A 96 11.06 5.93 -5.89
C VAL A 96 12.41 5.49 -5.35
N ASP A 97 13.28 6.45 -5.10
CA ASP A 97 14.61 6.14 -4.60
C ASP A 97 14.58 5.87 -3.10
N THR A 98 13.99 6.80 -2.37
CA THR A 98 13.88 6.68 -0.93
C THR A 98 12.88 5.59 -0.59
N CYS A 99 12.18 5.13 -1.60
CA CYS A 99 11.16 4.10 -1.43
C CYS A 99 11.73 2.86 -0.74
N LYS A 100 11.55 2.76 0.57
CA LYS A 100 12.04 1.61 1.32
C LYS A 100 10.88 0.82 1.93
N ARG A 101 9.99 1.53 2.65
CA ARG A 101 8.85 0.89 3.27
C ARG A 101 7.58 1.63 2.87
N LEU A 102 6.54 0.86 2.57
CA LEU A 102 5.26 1.44 2.17
C LEU A 102 4.13 0.77 2.91
N ARG A 103 3.11 1.54 3.23
CA ARG A 103 1.97 1.00 3.93
C ARG A 103 0.73 1.84 3.63
N LEU A 104 -0.41 1.18 3.57
CA LEU A 104 -1.66 1.87 3.29
C LEU A 104 -2.33 2.21 4.61
N MET A 105 -2.58 3.50 4.86
CA MET A 105 -3.22 3.89 6.09
C MET A 105 -4.71 3.70 5.94
N LYS A 106 -5.28 2.80 6.73
CA LYS A 106 -6.70 2.50 6.64
C LYS A 106 -7.37 2.63 8.02
N GLY A 107 -8.42 3.43 8.08
CA GLY A 107 -9.15 3.63 9.34
C GLY A 107 -10.08 2.45 9.61
N SER A 108 -10.07 1.50 8.69
CA SER A 108 -10.93 0.33 8.81
C SER A 108 -10.44 -0.58 9.90
N ASP A 109 -9.22 -0.36 10.32
CA ASP A 109 -8.64 -1.22 11.32
C ASP A 109 -9.63 -1.45 12.43
N ALA A 110 -10.54 -0.52 12.60
CA ALA A 110 -11.56 -0.64 13.62
C ALA A 110 -12.84 -1.21 13.02
N ILE A 111 -13.30 -0.59 11.95
CA ILE A 111 -14.52 -1.01 11.27
C ILE A 111 -14.34 -2.40 10.66
N GLY A 112 -13.24 -2.57 9.92
CA GLY A 112 -12.96 -3.85 9.29
C GLY A 112 -12.70 -4.93 10.33
N LEU A 113 -11.97 -4.56 11.37
CA LEU A 113 -11.63 -5.49 12.44
C LEU A 113 -12.11 -4.95 13.79
N GLY A 1 19.97 8.21 -11.70
CA GLY A 1 20.23 6.75 -11.58
C GLY A 1 19.02 6.06 -10.95
N GLY A 2 19.12 5.74 -9.67
CA GLY A 2 18.03 5.09 -8.97
C GLY A 2 18.03 3.58 -9.23
N PRO A 3 17.03 2.91 -8.75
CA PRO A 3 16.88 1.43 -8.94
C PRO A 3 17.08 1.00 -10.39
N GLU A 4 16.09 1.26 -11.23
CA GLU A 4 16.16 0.89 -12.63
C GLU A 4 16.83 -0.47 -12.79
N ALA A 5 16.50 -1.40 -11.89
CA ALA A 5 17.08 -2.73 -11.92
C ALA A 5 17.02 -3.39 -10.55
N ALA A 6 17.01 -2.57 -9.50
CA ALA A 6 16.95 -3.11 -8.14
C ALA A 6 16.23 -2.18 -7.17
N ALA A 7 14.94 -2.43 -6.96
CA ALA A 7 14.15 -1.63 -6.03
C ALA A 7 13.28 -2.55 -5.21
N PHE A 8 13.14 -2.25 -3.93
CA PHE A 8 12.34 -3.08 -3.06
C PHE A 8 11.60 -2.25 -2.04
N VAL A 9 10.29 -2.42 -1.96
CA VAL A 9 9.51 -1.68 -0.99
C VAL A 9 8.48 -2.62 -0.38
N LYS A 10 8.48 -2.71 0.94
CA LYS A 10 7.55 -3.59 1.61
C LYS A 10 6.14 -3.08 1.42
N VAL A 11 5.16 -3.95 1.62
CA VAL A 11 3.78 -3.59 1.44
C VAL A 11 2.93 -4.06 2.61
N SER A 12 2.50 -3.10 3.43
CA SER A 12 1.68 -3.42 4.60
C SER A 12 0.48 -2.49 4.66
N MET A 13 -0.62 -2.98 5.24
CA MET A 13 -1.83 -2.18 5.37
C MET A 13 -2.28 -2.13 6.82
N ASP A 14 -2.36 -0.92 7.36
CA ASP A 14 -2.75 -0.75 8.76
C ASP A 14 -4.06 -1.47 9.07
N GLY A 15 -4.04 -2.29 10.12
CA GLY A 15 -5.23 -3.02 10.54
C GLY A 15 -5.23 -4.45 10.04
N ALA A 16 -5.83 -4.65 8.86
CA ALA A 16 -5.90 -5.99 8.29
C ALA A 16 -4.50 -6.50 7.95
N PRO A 17 -4.31 -7.79 7.89
CA PRO A 17 -2.98 -8.39 7.59
C PRO A 17 -2.55 -8.18 6.13
N TYR A 18 -1.30 -7.73 5.96
CA TYR A 18 -0.74 -7.52 4.63
C TYR A 18 0.78 -7.66 4.68
N LEU A 19 1.32 -8.59 3.91
CA LEU A 19 2.78 -8.77 3.88
C LEU A 19 3.24 -9.12 2.46
N ARG A 20 3.86 -8.15 1.80
CA ARG A 20 4.38 -8.37 0.45
C ARG A 20 5.42 -7.33 0.07
N LYS A 21 6.30 -7.68 -0.85
CA LYS A 21 7.33 -6.77 -1.33
C LYS A 21 7.00 -6.38 -2.76
N ILE A 22 7.52 -5.23 -3.20
CA ILE A 22 7.25 -4.75 -4.55
C ILE A 22 8.51 -4.17 -5.19
N ASP A 23 8.58 -4.14 -6.53
CA ASP A 23 9.73 -3.58 -7.21
C ASP A 23 9.31 -2.27 -7.85
N LEU A 24 9.89 -1.19 -7.39
CA LEU A 24 9.56 0.11 -7.92
C LEU A 24 10.34 0.37 -9.21
N ARG A 25 11.40 -0.40 -9.42
CA ARG A 25 12.21 -0.26 -10.64
C ARG A 25 11.35 -0.51 -11.86
N MET A 26 10.27 -1.24 -11.64
CA MET A 26 9.35 -1.57 -12.71
C MET A 26 8.59 -0.34 -13.16
N TYR A 27 8.25 0.52 -12.19
CA TYR A 27 7.49 1.71 -12.49
C TYR A 27 8.27 2.96 -12.11
N LYS A 28 8.67 3.71 -13.13
CA LYS A 28 9.42 4.92 -12.93
C LYS A 28 8.48 6.11 -12.76
N SER A 29 7.18 5.84 -12.86
CA SER A 29 6.21 6.91 -12.71
C SER A 29 5.17 6.52 -11.66
N TYR A 30 4.71 7.51 -10.92
CA TYR A 30 3.74 7.24 -9.88
C TYR A 30 2.45 6.68 -10.48
N ASP A 31 2.19 6.99 -11.74
CA ASP A 31 0.99 6.49 -12.39
C ASP A 31 1.02 4.96 -12.43
N GLU A 32 2.08 4.40 -13.01
CA GLU A 32 2.14 2.96 -13.11
C GLU A 32 2.30 2.35 -11.74
N LEU A 33 3.04 3.01 -10.85
CA LEU A 33 3.19 2.45 -9.52
C LEU A 33 1.85 2.36 -8.85
N SER A 34 1.15 3.46 -8.87
CA SER A 34 -0.14 3.49 -8.21
C SER A 34 -1.07 2.46 -8.83
N ASN A 35 -1.01 2.31 -10.15
CA ASN A 35 -1.88 1.34 -10.81
C ASN A 35 -1.44 -0.08 -10.49
N ALA A 36 -0.14 -0.34 -10.63
CA ALA A 36 0.41 -1.66 -10.37
C ALA A 36 0.17 -2.06 -8.92
N LEU A 37 0.42 -1.15 -7.99
CA LEU A 37 0.20 -1.43 -6.58
C LEU A 37 -1.29 -1.57 -6.30
N SER A 38 -2.09 -0.74 -6.94
CA SER A 38 -3.53 -0.79 -6.77
C SER A 38 -4.07 -2.15 -7.18
N ASN A 39 -3.58 -2.64 -8.32
CA ASN A 39 -4.00 -3.95 -8.82
C ASN A 39 -3.39 -5.09 -8.00
N MET A 40 -2.11 -4.92 -7.66
CA MET A 40 -1.41 -5.94 -6.88
C MET A 40 -1.99 -6.06 -5.48
N PHE A 41 -2.32 -4.92 -4.88
CA PHE A 41 -2.85 -4.91 -3.54
C PHE A 41 -4.10 -5.79 -3.46
N SER A 42 -5.00 -5.60 -4.42
CA SER A 42 -6.23 -6.39 -4.47
C SER A 42 -5.90 -7.86 -4.68
N SER A 43 -4.93 -8.10 -5.55
CA SER A 43 -4.48 -9.46 -5.85
C SER A 43 -3.99 -10.16 -4.59
N PHE A 44 -3.30 -9.41 -3.74
CA PHE A 44 -2.74 -9.98 -2.52
C PHE A 44 -3.83 -10.63 -1.67
N THR A 45 -4.92 -9.90 -1.44
CA THR A 45 -6.02 -10.43 -0.63
C THR A 45 -6.95 -11.31 -1.44
N MET A 46 -6.54 -11.65 -2.65
CA MET A 46 -7.36 -12.50 -3.52
C MET A 46 -6.81 -13.93 -3.57
N GLY A 47 -7.66 -14.89 -3.24
CA GLY A 47 -7.26 -16.30 -3.27
C GLY A 47 -8.40 -17.20 -2.82
N LYS A 48 -8.39 -18.44 -3.31
CA LYS A 48 -9.43 -19.40 -2.94
C LYS A 48 -9.35 -19.67 -1.44
N HIS A 49 -8.13 -19.84 -0.95
CA HIS A 49 -7.91 -20.11 0.47
C HIS A 49 -7.12 -18.97 1.11
N GLY A 50 -7.62 -18.49 2.24
CA GLY A 50 -6.98 -17.40 2.95
C GLY A 50 -7.97 -16.25 3.16
N GLY A 51 -8.42 -16.08 4.40
CA GLY A 51 -9.37 -15.03 4.70
C GLY A 51 -10.77 -15.42 4.24
N GLU A 52 -10.95 -16.71 3.95
CA GLU A 52 -12.23 -17.22 3.50
C GLU A 52 -13.31 -17.00 4.56
N GLU A 53 -12.87 -16.67 5.77
CA GLU A 53 -13.79 -16.44 6.87
C GLU A 53 -14.54 -15.13 6.66
N GLY A 54 -14.32 -14.52 5.50
CA GLY A 54 -14.97 -13.25 5.18
C GLY A 54 -14.01 -12.08 5.38
N MET A 55 -12.84 -12.37 5.90
CA MET A 55 -11.86 -11.32 6.13
C MET A 55 -11.56 -10.60 4.81
N ILE A 56 -11.99 -11.20 3.71
CA ILE A 56 -11.76 -10.63 2.40
C ILE A 56 -12.91 -9.71 2.00
N ASP A 57 -14.12 -10.09 2.35
CA ASP A 57 -15.29 -9.30 1.99
C ASP A 57 -15.84 -8.58 3.22
N PHE A 58 -15.22 -8.81 4.36
CA PHE A 58 -15.65 -8.16 5.59
C PHE A 58 -14.81 -6.94 5.89
N MET A 59 -13.57 -6.96 5.40
CA MET A 59 -12.67 -5.84 5.59
C MET A 59 -12.58 -4.97 4.35
N ASN A 60 -12.70 -5.61 3.19
CA ASN A 60 -12.62 -4.89 1.92
C ASN A 60 -13.79 -3.91 1.77
N GLU A 61 -14.99 -4.36 2.12
CA GLU A 61 -16.16 -3.50 2.01
C GLU A 61 -16.05 -2.34 3.00
N ARG A 62 -15.42 -2.59 4.14
CA ARG A 62 -15.24 -1.56 5.16
C ARG A 62 -14.26 -0.49 4.67
N LYS A 63 -13.33 -0.87 3.82
CA LYS A 63 -12.34 0.07 3.32
C LYS A 63 -13.02 1.28 2.67
N LEU A 64 -13.98 1.04 1.79
CA LEU A 64 -14.65 2.14 1.12
C LEU A 64 -15.35 3.03 2.14
N MET A 65 -16.10 2.42 3.07
CA MET A 65 -16.78 3.18 4.09
C MET A 65 -15.78 3.86 5.00
N ASP A 66 -14.73 3.13 5.34
CA ASP A 66 -13.69 3.67 6.22
C ASP A 66 -12.95 4.82 5.55
N LEU A 67 -12.67 4.70 4.26
CA LEU A 67 -11.95 5.74 3.56
C LEU A 67 -12.74 7.04 3.60
N VAL A 68 -13.96 6.98 3.12
CA VAL A 68 -14.80 8.16 3.13
C VAL A 68 -15.18 8.53 4.56
N ASN A 69 -15.60 7.55 5.34
CA ASN A 69 -15.95 7.82 6.74
C ASN A 69 -14.72 8.36 7.46
N SER A 70 -13.59 7.72 7.19
CA SER A 70 -12.32 8.13 7.79
C SER A 70 -11.48 8.82 6.72
N TRP A 71 -12.05 9.85 6.11
CA TRP A 71 -11.36 10.57 5.06
C TRP A 71 -10.20 11.37 5.61
N ASP A 72 -9.90 11.13 6.87
CA ASP A 72 -8.79 11.79 7.53
C ASP A 72 -7.52 10.97 7.29
N TYR A 73 -7.70 9.74 6.83
CA TYR A 73 -6.59 8.83 6.56
C TYR A 73 -6.26 8.80 5.07
N VAL A 74 -4.97 8.83 4.76
CA VAL A 74 -4.54 8.78 3.36
C VAL A 74 -3.29 7.92 3.20
N PRO A 75 -3.08 7.30 2.06
CA PRO A 75 -1.86 6.45 1.84
C PRO A 75 -0.58 7.21 2.16
N SER A 76 0.35 6.56 2.86
CA SER A 76 1.59 7.20 3.22
C SER A 76 2.74 6.19 3.17
N TYR A 77 3.92 6.64 2.71
CA TYR A 77 5.07 5.76 2.60
C TYR A 77 6.20 6.23 3.51
N GLU A 78 7.14 5.31 3.78
CA GLU A 78 8.29 5.63 4.65
C GLU A 78 9.54 5.87 3.80
N ASN A 79 10.22 6.98 4.06
CA ASN A 79 11.42 7.32 3.31
C ASN A 79 12.65 6.65 3.88
N LYS A 80 13.80 6.94 3.29
CA LYS A 80 15.05 6.35 3.75
C LYS A 80 15.35 6.76 5.17
N ASP A 81 14.87 7.94 5.57
CA ASP A 81 15.06 8.42 6.92
C ASP A 81 14.21 7.58 7.86
N GLY A 82 13.04 7.19 7.36
CA GLY A 82 12.12 6.38 8.15
C GLY A 82 10.93 7.21 8.62
N ASN A 83 10.77 8.39 8.03
CA ASN A 83 9.66 9.25 8.39
C ASN A 83 8.48 8.92 7.48
N TRP A 84 7.27 9.14 7.96
CA TRP A 84 6.10 8.87 7.14
C TRP A 84 5.72 10.10 6.33
N MET A 85 5.37 9.92 5.07
CA MET A 85 4.96 11.03 4.22
C MET A 85 3.76 10.61 3.39
N LEU A 86 2.79 11.48 3.27
CA LEU A 86 1.61 11.14 2.49
C LEU A 86 2.02 10.91 1.04
N VAL A 87 1.43 9.90 0.42
CA VAL A 87 1.78 9.59 -0.97
C VAL A 87 1.69 10.83 -1.85
N GLY A 88 2.75 11.09 -2.59
CA GLY A 88 2.79 12.25 -3.47
C GLY A 88 3.30 13.47 -2.73
N ASP A 89 3.43 13.35 -1.41
CA ASP A 89 3.91 14.47 -0.61
C ASP A 89 5.33 14.87 -1.00
N VAL A 90 6.19 13.88 -1.21
CA VAL A 90 7.57 14.15 -1.58
C VAL A 90 7.76 13.94 -3.09
N PRO A 91 8.77 14.54 -3.71
CA PRO A 91 8.99 14.40 -5.17
C PRO A 91 9.11 12.94 -5.60
N TRP A 92 8.59 12.64 -6.79
CA TRP A 92 8.67 11.28 -7.29
C TRP A 92 10.08 10.71 -7.27
N PRO A 93 11.09 11.42 -7.76
CA PRO A 93 12.48 10.87 -7.75
C PRO A 93 12.96 10.54 -6.34
N MET A 94 12.51 11.32 -5.37
CA MET A 94 12.90 11.04 -3.99
C MET A 94 12.06 9.87 -3.50
N PHE A 95 10.79 9.85 -3.91
CA PHE A 95 9.86 8.81 -3.50
C PHE A 95 10.34 7.44 -3.97
N VAL A 96 10.69 7.35 -5.25
CA VAL A 96 11.11 6.10 -5.84
C VAL A 96 12.45 5.63 -5.29
N ASP A 97 13.32 6.56 -5.01
CA ASP A 97 14.65 6.24 -4.50
C ASP A 97 14.59 5.94 -3.01
N THR A 98 13.98 6.85 -2.28
CA THR A 98 13.85 6.71 -0.83
C THR A 98 12.80 5.65 -0.52
N CYS A 99 12.11 5.19 -1.56
CA CYS A 99 11.07 4.19 -1.40
C CYS A 99 11.59 2.94 -0.70
N LYS A 100 11.57 2.94 0.63
CA LYS A 100 12.03 1.80 1.39
C LYS A 100 10.85 0.95 1.89
N ARG A 101 9.84 1.62 2.43
CA ARG A 101 8.65 0.91 2.93
C ARG A 101 7.39 1.65 2.50
N LEU A 102 6.43 0.91 1.97
CA LEU A 102 5.17 1.49 1.50
C LEU A 102 3.98 0.84 2.18
N ARG A 103 3.07 1.66 2.70
CA ARG A 103 1.88 1.13 3.34
C ARG A 103 0.71 2.10 3.18
N LEU A 104 -0.49 1.54 3.16
CA LEU A 104 -1.69 2.35 3.02
C LEU A 104 -2.29 2.64 4.39
N MET A 105 -2.56 3.92 4.66
CA MET A 105 -3.12 4.31 5.94
C MET A 105 -4.63 4.07 5.89
N LYS A 106 -5.10 3.17 6.75
CA LYS A 106 -6.52 2.84 6.79
C LYS A 106 -7.08 2.99 8.20
N GLY A 107 -8.12 3.81 8.34
CA GLY A 107 -8.76 4.02 9.63
C GLY A 107 -9.69 2.87 9.94
N SER A 108 -9.80 1.95 9.00
CA SER A 108 -10.67 0.80 9.14
C SER A 108 -10.11 -0.18 10.14
N ASP A 109 -8.85 -0.04 10.47
CA ASP A 109 -8.26 -0.99 11.38
C ASP A 109 -9.18 -1.21 12.56
N ALA A 110 -10.03 -0.22 12.82
CA ALA A 110 -10.99 -0.34 13.92
C ALA A 110 -12.35 -0.80 13.40
N ILE A 111 -12.61 -0.57 12.11
CA ILE A 111 -13.89 -0.92 11.50
C ILE A 111 -13.75 -2.17 10.62
N GLY A 112 -12.71 -2.17 9.78
CA GLY A 112 -12.46 -3.28 8.87
C GLY A 112 -11.59 -4.33 9.53
N LEU A 113 -11.81 -4.55 10.82
CA LEU A 113 -11.04 -5.54 11.56
C LEU A 113 -11.59 -5.67 12.98
N GLY A 1 21.88 6.03 -9.78
CA GLY A 1 20.94 6.81 -10.62
C GLY A 1 19.51 6.37 -10.33
N GLY A 2 19.30 5.83 -9.14
CA GLY A 2 17.97 5.37 -8.74
C GLY A 2 17.79 3.90 -9.10
N PRO A 3 16.79 3.24 -8.55
CA PRO A 3 16.52 1.81 -8.85
C PRO A 3 16.65 1.48 -10.34
N GLU A 4 15.60 1.74 -11.12
CA GLU A 4 15.63 1.46 -12.56
C GLU A 4 16.42 0.18 -12.83
N ALA A 5 16.20 -0.82 -11.98
CA ALA A 5 16.92 -2.09 -12.11
C ALA A 5 16.92 -2.84 -10.78
N ALA A 6 16.59 -2.13 -9.69
CA ALA A 6 16.56 -2.75 -8.38
C ALA A 6 15.73 -1.94 -7.39
N ALA A 7 14.47 -2.31 -7.25
CA ALA A 7 13.56 -1.63 -6.32
C ALA A 7 12.89 -2.63 -5.40
N PHE A 8 12.80 -2.31 -4.13
CA PHE A 8 12.16 -3.19 -3.18
C PHE A 8 11.37 -2.38 -2.17
N VAL A 9 10.06 -2.62 -2.10
CA VAL A 9 9.24 -1.93 -1.14
C VAL A 9 8.25 -2.89 -0.53
N LYS A 10 8.20 -2.93 0.79
CA LYS A 10 7.28 -3.81 1.47
C LYS A 10 5.89 -3.19 1.49
N VAL A 11 4.87 -3.98 1.83
CA VAL A 11 3.52 -3.45 1.88
C VAL A 11 2.76 -4.01 3.06
N SER A 12 2.32 -3.09 3.92
CA SER A 12 1.60 -3.45 5.13
C SER A 12 0.33 -2.61 5.28
N MET A 13 -0.66 -3.19 5.96
CA MET A 13 -1.93 -2.52 6.18
C MET A 13 -2.21 -2.46 7.67
N ASP A 14 -2.26 -1.26 8.26
CA ASP A 14 -2.53 -1.16 9.68
C ASP A 14 -3.80 -1.94 10.00
N GLY A 15 -3.72 -2.80 10.99
CA GLY A 15 -4.88 -3.60 11.38
C GLY A 15 -4.97 -4.86 10.55
N ALA A 16 -5.53 -4.73 9.34
CA ALA A 16 -5.67 -5.88 8.47
C ALA A 16 -4.29 -6.40 8.06
N PRO A 17 -4.13 -7.68 7.87
CA PRO A 17 -2.79 -8.26 7.48
C PRO A 17 -2.45 -8.00 6.01
N TYR A 18 -1.21 -7.56 5.79
CA TYR A 18 -0.71 -7.30 4.45
C TYR A 18 0.81 -7.45 4.44
N LEU A 19 1.34 -8.37 3.65
CA LEU A 19 2.79 -8.53 3.59
C LEU A 19 3.25 -8.96 2.22
N ARG A 20 3.87 -8.03 1.51
CA ARG A 20 4.40 -8.32 0.18
C ARG A 20 5.43 -7.27 -0.25
N LYS A 21 6.33 -7.67 -1.16
CA LYS A 21 7.33 -6.77 -1.68
C LYS A 21 7.02 -6.44 -3.13
N ILE A 22 7.47 -5.29 -3.60
CA ILE A 22 7.21 -4.88 -4.98
C ILE A 22 8.43 -4.18 -5.56
N ASP A 23 8.46 -3.98 -6.87
CA ASP A 23 9.58 -3.29 -7.51
C ASP A 23 9.06 -2.02 -8.16
N LEU A 24 9.56 -0.88 -7.72
CA LEU A 24 9.14 0.40 -8.29
C LEU A 24 9.95 0.71 -9.55
N ARG A 25 11.04 -0.04 -9.73
CA ARG A 25 11.89 0.12 -10.90
C ARG A 25 11.10 -0.21 -12.15
N MET A 26 10.09 -1.05 -11.96
CA MET A 26 9.23 -1.46 -13.04
C MET A 26 8.44 -0.26 -13.52
N TYR A 27 8.04 0.56 -12.56
CA TYR A 27 7.28 1.75 -12.83
C TYR A 27 8.09 2.97 -12.46
N LYS A 28 8.62 3.63 -13.47
CA LYS A 28 9.45 4.80 -13.24
C LYS A 28 8.59 6.02 -12.95
N SER A 29 7.27 5.86 -13.08
CA SER A 29 6.35 6.97 -12.81
C SER A 29 5.36 6.60 -11.72
N TYR A 30 4.87 7.59 -11.00
CA TYR A 30 3.92 7.33 -9.94
C TYR A 30 2.62 6.78 -10.51
N ASP A 31 2.32 7.15 -11.76
CA ASP A 31 1.10 6.68 -12.39
C ASP A 31 1.09 5.16 -12.47
N GLU A 32 2.08 4.59 -13.17
CA GLU A 32 2.13 3.17 -13.31
C GLU A 32 2.33 2.51 -11.96
N LEU A 33 3.03 3.18 -11.06
CA LEU A 33 3.23 2.62 -9.73
C LEU A 33 1.88 2.46 -9.07
N SER A 34 1.11 3.53 -9.10
CA SER A 34 -0.17 3.47 -8.45
C SER A 34 -1.02 2.38 -9.07
N ASN A 35 -0.94 2.23 -10.38
CA ASN A 35 -1.73 1.20 -11.05
C ASN A 35 -1.22 -0.20 -10.70
N ALA A 36 0.09 -0.36 -10.78
CA ALA A 36 0.72 -1.63 -10.50
C ALA A 36 0.45 -2.04 -9.07
N LEU A 37 0.60 -1.10 -8.16
CA LEU A 37 0.35 -1.37 -6.74
C LEU A 37 -1.15 -1.55 -6.49
N SER A 38 -1.96 -0.76 -7.16
CA SER A 38 -3.40 -0.84 -6.98
C SER A 38 -3.89 -2.24 -7.34
N ASN A 39 -3.38 -2.79 -8.43
CA ASN A 39 -3.77 -4.12 -8.86
C ASN A 39 -3.06 -5.19 -8.03
N MET A 40 -1.77 -4.97 -7.79
CA MET A 40 -0.98 -5.96 -7.05
C MET A 40 -1.43 -6.08 -5.60
N PHE A 41 -1.71 -4.94 -4.97
CA PHE A 41 -2.15 -4.96 -3.57
C PHE A 41 -3.49 -5.67 -3.46
N SER A 42 -4.38 -5.39 -4.41
CA SER A 42 -5.70 -6.01 -4.43
C SER A 42 -5.56 -7.52 -4.58
N SER A 43 -4.64 -7.92 -5.45
CA SER A 43 -4.38 -9.33 -5.71
C SER A 43 -3.95 -10.04 -4.43
N PHE A 44 -3.16 -9.36 -3.62
CA PHE A 44 -2.66 -9.96 -2.38
C PHE A 44 -3.83 -10.42 -1.50
N THR A 45 -4.81 -9.54 -1.30
CA THR A 45 -5.95 -9.89 -0.46
C THR A 45 -7.03 -10.61 -1.27
N MET A 46 -7.00 -10.44 -2.58
CA MET A 46 -7.98 -11.09 -3.45
C MET A 46 -7.39 -12.36 -4.05
N GLY A 47 -8.08 -13.47 -3.86
CA GLY A 47 -7.61 -14.75 -4.39
C GLY A 47 -8.74 -15.77 -4.44
N LYS A 48 -8.53 -16.82 -5.24
CA LYS A 48 -9.52 -17.88 -5.36
C LYS A 48 -9.72 -18.52 -3.99
N HIS A 49 -8.60 -18.66 -3.28
CA HIS A 49 -8.62 -19.25 -1.95
C HIS A 49 -7.54 -18.60 -1.08
N GLY A 50 -7.67 -18.77 0.23
CA GLY A 50 -6.71 -18.20 1.17
C GLY A 50 -7.41 -17.22 2.10
N GLY A 51 -8.69 -17.01 1.87
CA GLY A 51 -9.48 -16.10 2.69
C GLY A 51 -10.92 -16.57 2.79
N GLU A 52 -11.10 -17.89 2.79
CA GLU A 52 -12.42 -18.48 2.88
C GLU A 52 -13.11 -18.06 4.17
N GLU A 53 -12.34 -17.61 5.14
CA GLU A 53 -12.88 -17.17 6.41
C GLU A 53 -13.69 -15.89 6.23
N GLY A 54 -13.59 -15.32 5.04
CA GLY A 54 -14.30 -14.08 4.73
C GLY A 54 -13.38 -12.88 4.83
N MET A 55 -12.11 -13.12 5.12
CA MET A 55 -11.16 -12.02 5.23
C MET A 55 -11.11 -11.29 3.90
N ILE A 56 -11.62 -11.93 2.86
CA ILE A 56 -11.64 -11.36 1.53
C ILE A 56 -12.69 -10.25 1.38
N ASP A 57 -13.84 -10.44 2.00
CA ASP A 57 -14.91 -9.45 1.90
C ASP A 57 -15.19 -8.84 3.26
N PHE A 58 -14.73 -9.52 4.30
CA PHE A 58 -14.93 -9.05 5.67
C PHE A 58 -14.13 -7.77 5.95
N MET A 59 -12.90 -7.72 5.45
CA MET A 59 -12.06 -6.54 5.66
C MET A 59 -12.12 -5.61 4.43
N ASN A 60 -12.30 -6.20 3.26
CA ASN A 60 -12.37 -5.43 2.03
C ASN A 60 -13.61 -4.54 1.98
N GLU A 61 -14.70 -5.01 2.58
CA GLU A 61 -15.95 -4.25 2.58
C GLU A 61 -15.89 -3.08 3.57
N ARG A 62 -15.28 -3.34 4.72
CA ARG A 62 -15.19 -2.32 5.78
C ARG A 62 -14.26 -1.17 5.40
N LYS A 63 -13.18 -1.45 4.68
CA LYS A 63 -12.24 -0.38 4.32
C LYS A 63 -12.98 0.79 3.69
N LEU A 64 -13.96 0.50 2.82
CA LEU A 64 -14.70 1.55 2.16
C LEU A 64 -15.43 2.41 3.18
N MET A 65 -16.16 1.76 4.09
CA MET A 65 -16.88 2.48 5.12
C MET A 65 -15.89 3.22 5.99
N ASP A 66 -14.80 2.56 6.34
CA ASP A 66 -13.78 3.15 7.19
C ASP A 66 -13.12 4.35 6.51
N LEU A 67 -12.88 4.24 5.21
CA LEU A 67 -12.23 5.33 4.51
C LEU A 67 -13.08 6.56 4.53
N VAL A 68 -14.31 6.44 4.08
CA VAL A 68 -15.21 7.57 4.09
C VAL A 68 -15.57 7.94 5.53
N ASN A 69 -15.90 6.93 6.34
CA ASN A 69 -16.24 7.18 7.73
C ASN A 69 -15.04 7.78 8.45
N SER A 70 -13.88 7.19 8.19
CA SER A 70 -12.63 7.67 8.79
C SER A 70 -11.81 8.34 7.71
N TRP A 71 -12.39 9.36 7.10
CA TRP A 71 -11.73 10.09 6.03
C TRP A 71 -10.56 10.89 6.54
N ASP A 72 -10.21 10.68 7.80
CA ASP A 72 -9.08 11.35 8.41
C ASP A 72 -7.80 10.60 8.06
N TYR A 73 -7.95 9.31 7.77
CA TYR A 73 -6.81 8.45 7.44
C TYR A 73 -6.50 8.50 5.95
N VAL A 74 -5.21 8.61 5.63
CA VAL A 74 -4.78 8.67 4.23
C VAL A 74 -3.49 7.86 4.02
N PRO A 75 -3.28 7.29 2.85
CA PRO A 75 -2.04 6.50 2.55
C PRO A 75 -0.75 7.28 2.70
N SER A 76 0.25 6.66 3.31
CA SER A 76 1.54 7.29 3.50
C SER A 76 2.65 6.23 3.51
N TYR A 77 3.81 6.60 2.96
CA TYR A 77 4.95 5.67 2.86
C TYR A 77 6.12 6.17 3.71
N GLU A 78 7.06 5.26 3.98
CA GLU A 78 8.25 5.60 4.78
C GLU A 78 9.46 5.79 3.88
N ASN A 79 10.11 6.94 4.02
CA ASN A 79 11.28 7.22 3.20
C ASN A 79 12.53 6.57 3.78
N LYS A 80 13.67 6.83 3.13
CA LYS A 80 14.93 6.26 3.57
C LYS A 80 15.23 6.70 5.00
N ASP A 81 14.78 7.89 5.35
CA ASP A 81 14.98 8.41 6.69
C ASP A 81 14.13 7.61 7.68
N GLY A 82 12.95 7.23 7.22
CA GLY A 82 12.02 6.47 8.04
C GLY A 82 10.86 7.33 8.51
N ASN A 83 10.71 8.50 7.91
CA ASN A 83 9.61 9.39 8.26
C ASN A 83 8.41 9.03 7.40
N TRP A 84 7.21 9.24 7.90
CA TRP A 84 6.02 8.93 7.11
C TRP A 84 5.63 10.13 6.25
N MET A 85 5.32 9.88 4.97
CA MET A 85 4.92 10.95 4.07
C MET A 85 3.72 10.49 3.24
N LEU A 86 2.76 11.37 3.06
CA LEU A 86 1.58 11.03 2.28
C LEU A 86 2.00 10.68 0.86
N VAL A 87 1.45 9.60 0.33
CA VAL A 87 1.81 9.18 -1.02
C VAL A 87 1.63 10.34 -2.00
N GLY A 88 2.70 10.62 -2.74
CA GLY A 88 2.67 11.70 -3.71
C GLY A 88 3.05 13.02 -3.05
N ASP A 89 3.16 13.00 -1.73
CA ASP A 89 3.52 14.22 -1.00
C ASP A 89 4.91 14.70 -1.38
N VAL A 90 5.84 13.76 -1.51
CA VAL A 90 7.22 14.10 -1.87
C VAL A 90 7.49 13.82 -3.36
N PRO A 91 8.42 14.54 -3.96
CA PRO A 91 8.76 14.37 -5.40
C PRO A 91 8.75 12.90 -5.83
N TRP A 92 8.81 12.67 -7.14
CA TRP A 92 8.85 11.31 -7.67
C TRP A 92 10.21 10.64 -7.50
N PRO A 93 11.30 11.24 -7.94
CA PRO A 93 12.64 10.60 -7.81
C PRO A 93 12.99 10.30 -6.36
N MET A 94 12.59 11.18 -5.46
CA MET A 94 12.85 10.94 -4.06
C MET A 94 11.96 9.80 -3.58
N PHE A 95 10.71 9.82 -4.02
CA PHE A 95 9.77 8.78 -3.62
C PHE A 95 10.19 7.41 -4.10
N VAL A 96 10.52 7.28 -5.39
CA VAL A 96 10.90 6.00 -5.98
C VAL A 96 12.24 5.53 -5.45
N ASP A 97 13.13 6.47 -5.20
CA ASP A 97 14.46 6.13 -4.71
C ASP A 97 14.45 5.87 -3.21
N THR A 98 13.89 6.82 -2.47
CA THR A 98 13.81 6.70 -1.02
C THR A 98 12.78 5.65 -0.65
N CYS A 99 12.02 5.23 -1.66
CA CYS A 99 10.99 4.22 -1.46
C CYS A 99 11.54 2.98 -0.78
N LYS A 100 11.27 2.83 0.52
CA LYS A 100 11.73 1.65 1.25
C LYS A 100 10.57 0.82 1.78
N ARG A 101 9.64 1.48 2.47
CA ARG A 101 8.48 0.80 3.03
C ARG A 101 7.23 1.60 2.71
N LEU A 102 6.18 0.91 2.28
CA LEU A 102 4.93 1.57 1.93
C LEU A 102 3.76 0.90 2.62
N ARG A 103 2.84 1.69 3.13
CA ARG A 103 1.67 1.13 3.78
C ARG A 103 0.51 2.10 3.69
N LEU A 104 -0.69 1.56 3.58
CA LEU A 104 -1.86 2.41 3.50
C LEU A 104 -2.40 2.64 4.90
N MET A 105 -2.89 3.84 5.17
CA MET A 105 -3.40 4.15 6.49
C MET A 105 -4.90 3.92 6.52
N LYS A 106 -5.33 2.97 7.34
CA LYS A 106 -6.74 2.64 7.45
C LYS A 106 -7.23 2.69 8.91
N GLY A 107 -8.29 3.45 9.14
CA GLY A 107 -8.87 3.55 10.47
C GLY A 107 -9.77 2.34 10.73
N SER A 108 -9.80 1.44 9.76
CA SER A 108 -10.62 0.25 9.85
C SER A 108 -10.01 -0.76 10.79
N ASP A 109 -8.77 -0.54 11.16
CA ASP A 109 -8.12 -1.48 12.02
C ASP A 109 -9.04 -1.83 13.19
N ALA A 110 -9.94 -0.92 13.52
CA ALA A 110 -10.88 -1.15 14.60
C ALA A 110 -12.22 -1.67 14.06
N ILE A 111 -12.42 -1.51 12.75
CA ILE A 111 -13.66 -1.93 12.11
C ILE A 111 -13.45 -3.18 11.25
N GLY A 112 -12.46 -3.11 10.37
CA GLY A 112 -12.15 -4.22 9.47
C GLY A 112 -11.73 -5.47 10.24
N LEU A 113 -10.94 -5.27 11.27
CA LEU A 113 -10.46 -6.39 12.07
C LEU A 113 -11.41 -6.65 13.25
N GLY A 1 20.47 8.96 -9.80
CA GLY A 1 19.98 7.68 -10.39
C GLY A 1 18.95 7.06 -9.46
N GLY A 2 18.70 5.76 -9.62
CA GLY A 2 17.74 5.06 -8.80
C GLY A 2 17.70 3.58 -9.14
N PRO A 3 16.83 2.83 -8.50
CA PRO A 3 16.68 1.37 -8.75
C PRO A 3 16.73 1.03 -10.24
N GLU A 4 15.62 1.28 -10.94
CA GLU A 4 15.57 1.00 -12.37
C GLU A 4 16.30 -0.29 -12.70
N ALA A 5 16.13 -1.30 -11.82
CA ALA A 5 16.80 -2.57 -12.01
C ALA A 5 16.87 -3.34 -10.69
N ALA A 6 16.64 -2.64 -9.57
CA ALA A 6 16.67 -3.29 -8.27
C ALA A 6 16.02 -2.42 -7.20
N ALA A 7 14.75 -2.73 -6.89
CA ALA A 7 14.02 -1.99 -5.87
C ALA A 7 13.12 -2.93 -5.09
N PHE A 8 12.99 -2.67 -3.80
CA PHE A 8 12.14 -3.48 -2.96
C PHE A 8 11.44 -2.61 -1.95
N VAL A 9 10.12 -2.63 -1.94
CA VAL A 9 9.36 -1.84 -0.98
C VAL A 9 8.31 -2.74 -0.37
N LYS A 10 8.27 -2.79 0.95
CA LYS A 10 7.29 -3.64 1.59
C LYS A 10 5.90 -3.05 1.41
N VAL A 11 4.89 -3.89 1.56
CA VAL A 11 3.53 -3.46 1.36
C VAL A 11 2.64 -3.97 2.50
N SER A 12 2.19 -3.05 3.35
CA SER A 12 1.36 -3.43 4.49
C SER A 12 0.17 -2.48 4.64
N MET A 13 -0.89 -2.97 5.28
CA MET A 13 -2.08 -2.18 5.51
C MET A 13 -2.40 -2.20 7.00
N ASP A 14 -2.42 -1.03 7.63
CA ASP A 14 -2.70 -0.97 9.05
C ASP A 14 -4.05 -1.60 9.35
N GLY A 15 -4.09 -2.40 10.42
CA GLY A 15 -5.32 -3.06 10.81
C GLY A 15 -5.35 -4.51 10.34
N ALA A 16 -5.90 -4.72 9.16
CA ALA A 16 -6.00 -6.06 8.60
C ALA A 16 -4.62 -6.59 8.22
N PRO A 17 -4.48 -7.89 8.12
CA PRO A 17 -3.19 -8.53 7.73
C PRO A 17 -2.84 -8.25 6.27
N TYR A 18 -1.59 -7.87 6.04
CA TYR A 18 -1.09 -7.59 4.69
C TYR A 18 0.42 -7.77 4.67
N LEU A 19 0.94 -8.67 3.83
CA LEU A 19 2.39 -8.86 3.76
C LEU A 19 2.83 -9.15 2.33
N ARG A 20 3.47 -8.15 1.71
CA ARG A 20 3.94 -8.34 0.35
C ARG A 20 5.03 -7.31 -0.01
N LYS A 21 5.86 -7.69 -0.97
CA LYS A 21 6.93 -6.81 -1.45
C LYS A 21 6.64 -6.42 -2.89
N ILE A 22 7.15 -5.28 -3.32
CA ILE A 22 6.94 -4.82 -4.70
C ILE A 22 8.22 -4.19 -5.25
N ASP A 23 8.25 -3.91 -6.56
CA ASP A 23 9.41 -3.29 -7.17
C ASP A 23 8.99 -2.01 -7.86
N LEU A 24 9.59 -0.90 -7.45
CA LEU A 24 9.27 0.39 -8.06
C LEU A 24 10.07 0.59 -9.34
N ARG A 25 11.15 -0.18 -9.49
CA ARG A 25 12.00 -0.09 -10.68
C ARG A 25 11.17 -0.41 -11.91
N MET A 26 10.11 -1.17 -11.69
CA MET A 26 9.20 -1.54 -12.75
C MET A 26 8.49 -0.30 -13.27
N TYR A 27 8.18 0.57 -12.31
CA TYR A 27 7.47 1.79 -12.62
C TYR A 27 8.32 3.00 -12.26
N LYS A 28 8.77 3.71 -13.29
CA LYS A 28 9.61 4.88 -13.09
C LYS A 28 8.74 6.09 -12.81
N SER A 29 7.43 5.92 -12.91
CA SER A 29 6.51 7.04 -12.67
C SER A 29 5.50 6.66 -11.60
N TYR A 30 5.07 7.63 -10.83
CA TYR A 30 4.12 7.36 -9.78
C TYR A 30 2.80 6.85 -10.36
N ASP A 31 2.48 7.26 -11.59
CA ASP A 31 1.23 6.81 -12.20
C ASP A 31 1.21 5.29 -12.33
N GLU A 32 2.24 4.73 -12.96
CA GLU A 32 2.26 3.29 -13.12
C GLU A 32 2.40 2.62 -11.77
N LEU A 33 3.10 3.26 -10.83
CA LEU A 33 3.23 2.67 -9.50
C LEU A 33 1.85 2.51 -8.92
N SER A 34 1.11 3.59 -8.96
CA SER A 34 -0.21 3.55 -8.37
C SER A 34 -1.04 2.47 -9.03
N ASN A 35 -0.91 2.35 -10.35
CA ASN A 35 -1.67 1.33 -11.08
C ASN A 35 -1.20 -0.08 -10.71
N ALA A 36 0.10 -0.28 -10.69
CA ALA A 36 0.67 -1.58 -10.38
C ALA A 36 0.33 -1.98 -8.96
N LEU A 37 0.51 -1.05 -8.04
CA LEU A 37 0.19 -1.30 -6.64
C LEU A 37 -1.31 -1.48 -6.48
N SER A 38 -2.07 -0.75 -7.25
CA SER A 38 -3.51 -0.87 -7.21
C SER A 38 -3.93 -2.30 -7.55
N ASN A 39 -3.30 -2.85 -8.59
CA ASN A 39 -3.59 -4.21 -9.02
C ASN A 39 -2.99 -5.23 -8.05
N MET A 40 -1.75 -4.99 -7.63
CA MET A 40 -1.10 -5.91 -6.71
C MET A 40 -1.84 -5.95 -5.39
N PHE A 41 -2.26 -4.78 -4.94
CA PHE A 41 -2.96 -4.70 -3.67
C PHE A 41 -4.12 -5.67 -3.67
N SER A 42 -4.84 -5.74 -4.78
CA SER A 42 -5.95 -6.67 -4.87
C SER A 42 -5.42 -8.11 -4.78
N SER A 43 -4.13 -8.26 -5.13
CA SER A 43 -3.50 -9.57 -5.10
C SER A 43 -3.26 -10.03 -3.65
N PHE A 44 -3.33 -9.10 -2.72
CA PHE A 44 -3.08 -9.41 -1.32
C PHE A 44 -3.90 -10.61 -0.85
N THR A 45 -5.19 -10.58 -1.11
CA THR A 45 -6.07 -11.66 -0.68
C THR A 45 -6.64 -12.43 -1.87
N MET A 46 -6.65 -11.80 -3.04
CA MET A 46 -7.17 -12.48 -4.22
C MET A 46 -6.11 -13.43 -4.77
N GLY A 47 -6.40 -14.72 -4.69
CA GLY A 47 -5.46 -15.73 -5.17
C GLY A 47 -5.87 -17.12 -4.70
N LYS A 48 -4.98 -18.07 -4.88
CA LYS A 48 -5.26 -19.45 -4.47
C LYS A 48 -5.46 -19.51 -2.96
N HIS A 49 -4.64 -18.75 -2.22
CA HIS A 49 -4.74 -18.72 -0.77
C HIS A 49 -4.34 -17.35 -0.22
N GLY A 50 -5.21 -16.78 0.62
CA GLY A 50 -4.94 -15.47 1.20
C GLY A 50 -6.24 -14.72 1.50
N GLY A 51 -6.66 -14.76 2.77
CA GLY A 51 -7.90 -14.08 3.16
C GLY A 51 -9.10 -14.85 2.65
N GLU A 52 -8.86 -16.06 2.19
CA GLU A 52 -9.92 -16.91 1.67
C GLU A 52 -10.91 -17.29 2.75
N GLU A 53 -10.52 -17.10 4.00
CA GLU A 53 -11.38 -17.42 5.12
C GLU A 53 -12.62 -16.55 5.07
N GLY A 54 -12.61 -15.58 4.16
CA GLY A 54 -13.72 -14.67 4.00
C GLY A 54 -13.47 -13.37 4.75
N MET A 55 -12.27 -13.22 5.28
CA MET A 55 -11.92 -12.01 6.01
C MET A 55 -12.08 -10.79 5.10
N ILE A 56 -12.02 -11.05 3.80
CA ILE A 56 -12.16 -9.98 2.83
C ILE A 56 -13.56 -9.39 2.85
N ASP A 57 -14.54 -10.24 3.14
CA ASP A 57 -15.93 -9.81 3.18
C ASP A 57 -16.18 -8.84 4.33
N PHE A 58 -15.32 -8.90 5.35
CA PHE A 58 -15.49 -8.00 6.51
C PHE A 58 -14.57 -6.83 6.36
N MET A 59 -13.52 -7.03 5.60
CA MET A 59 -12.54 -6.01 5.42
C MET A 59 -12.89 -5.13 4.22
N ASN A 60 -13.05 -5.76 3.06
CA ASN A 60 -13.38 -5.02 1.86
C ASN A 60 -14.66 -4.25 2.08
N GLU A 61 -15.59 -4.89 2.77
CA GLU A 61 -16.86 -4.27 3.08
C GLU A 61 -16.67 -2.98 3.87
N ARG A 62 -15.81 -3.04 4.88
CA ARG A 62 -15.55 -1.86 5.72
C ARG A 62 -14.48 -0.96 5.10
N LYS A 63 -13.73 -1.49 4.15
CA LYS A 63 -12.67 -0.69 3.54
C LYS A 63 -13.24 0.62 3.01
N LEU A 64 -14.26 0.53 2.15
CA LEU A 64 -14.86 1.73 1.58
C LEU A 64 -15.51 2.59 2.66
N MET A 65 -16.30 1.96 3.53
CA MET A 65 -16.97 2.70 4.58
C MET A 65 -15.95 3.31 5.54
N ASP A 66 -14.91 2.55 5.88
CA ASP A 66 -13.89 3.03 6.78
C ASP A 66 -13.12 4.22 6.19
N LEU A 67 -12.82 4.15 4.90
CA LEU A 67 -12.08 5.23 4.27
C LEU A 67 -12.86 6.52 4.33
N VAL A 68 -14.09 6.49 3.85
CA VAL A 68 -14.92 7.68 3.89
C VAL A 68 -15.31 7.99 5.33
N ASN A 69 -15.76 6.98 6.06
CA ASN A 69 -16.14 7.19 7.44
C ASN A 69 -14.94 7.71 8.22
N SER A 70 -13.79 7.11 7.94
CA SER A 70 -12.54 7.51 8.57
C SER A 70 -11.69 8.26 7.55
N TRP A 71 -12.30 9.28 6.95
CA TRP A 71 -11.61 10.06 5.93
C TRP A 71 -10.50 10.90 6.55
N ASP A 72 -10.25 10.65 7.83
CA ASP A 72 -9.20 11.35 8.52
C ASP A 72 -7.86 10.70 8.19
N TYR A 73 -7.93 9.44 7.77
CA TYR A 73 -6.75 8.67 7.43
C TYR A 73 -6.44 8.76 5.93
N VAL A 74 -5.16 8.85 5.60
CA VAL A 74 -4.74 8.92 4.21
C VAL A 74 -3.47 8.10 3.98
N PRO A 75 -3.30 7.50 2.82
CA PRO A 75 -2.09 6.68 2.52
C PRO A 75 -0.79 7.42 2.81
N SER A 76 0.16 6.72 3.43
CA SER A 76 1.43 7.33 3.75
C SER A 76 2.57 6.31 3.57
N TYR A 77 3.70 6.76 3.02
CA TYR A 77 4.84 5.88 2.76
C TYR A 77 6.05 6.29 3.61
N GLU A 78 7.00 5.37 3.76
CA GLU A 78 8.21 5.62 4.55
C GLU A 78 9.44 5.75 3.64
N ASN A 79 10.20 6.83 3.83
CA ASN A 79 11.39 7.07 3.02
C ASN A 79 12.62 6.40 3.63
N LYS A 80 13.77 6.62 3.00
CA LYS A 80 15.01 6.05 3.48
C LYS A 80 15.32 6.55 4.89
N ASP A 81 14.81 7.73 5.20
CA ASP A 81 15.00 8.31 6.53
C ASP A 81 14.19 7.49 7.52
N GLY A 82 13.03 7.02 7.05
CA GLY A 82 12.15 6.21 7.89
C GLY A 82 11.00 7.05 8.43
N ASN A 83 10.85 8.25 7.91
CA ASN A 83 9.76 9.13 8.33
C ASN A 83 8.55 8.84 7.47
N TRP A 84 7.36 9.10 7.98
CA TRP A 84 6.15 8.87 7.19
C TRP A 84 5.81 10.12 6.39
N MET A 85 5.45 9.96 5.12
CA MET A 85 5.10 11.09 4.28
C MET A 85 3.87 10.71 3.48
N LEU A 86 2.90 11.60 3.43
CA LEU A 86 1.69 11.30 2.69
C LEU A 86 2.03 11.12 1.23
N VAL A 87 1.39 10.17 0.57
CA VAL A 87 1.66 9.92 -0.84
C VAL A 87 1.57 11.21 -1.65
N GLY A 88 2.56 11.44 -2.50
CA GLY A 88 2.59 12.63 -3.33
C GLY A 88 3.18 13.81 -2.56
N ASP A 89 3.42 13.61 -1.27
CA ASP A 89 3.99 14.69 -0.45
C ASP A 89 5.39 15.06 -0.94
N VAL A 90 6.22 14.06 -1.20
CA VAL A 90 7.59 14.31 -1.66
C VAL A 90 7.72 14.08 -3.17
N PRO A 91 8.67 14.71 -3.82
CA PRO A 91 8.88 14.52 -5.30
C PRO A 91 9.00 13.06 -5.68
N TRP A 92 8.41 12.68 -6.81
CA TRP A 92 8.48 11.29 -7.25
C TRP A 92 9.93 10.81 -7.34
N PRO A 93 10.84 11.59 -7.87
CA PRO A 93 12.26 11.16 -7.97
C PRO A 93 12.83 10.81 -6.60
N MET A 94 12.48 11.60 -5.60
CA MET A 94 12.95 11.32 -4.27
C MET A 94 12.26 10.08 -3.74
N PHE A 95 10.96 9.97 -4.02
CA PHE A 95 10.19 8.84 -3.55
C PHE A 95 10.64 7.50 -4.12
N VAL A 96 10.84 7.45 -5.44
CA VAL A 96 11.19 6.20 -6.10
C VAL A 96 12.53 5.67 -5.63
N ASP A 97 13.48 6.57 -5.41
CA ASP A 97 14.81 6.16 -4.98
C ASP A 97 14.82 5.79 -3.49
N THR A 98 14.22 6.67 -2.71
CA THR A 98 14.14 6.47 -1.26
C THR A 98 13.13 5.40 -0.94
N CYS A 99 12.40 4.99 -1.97
CA CYS A 99 11.37 3.98 -1.84
C CYS A 99 11.86 2.80 -0.98
N LYS A 100 11.46 2.77 0.29
CA LYS A 100 11.88 1.68 1.19
C LYS A 100 10.70 0.89 1.75
N ARG A 101 9.71 1.58 2.31
CA ARG A 101 8.54 0.91 2.88
C ARG A 101 7.28 1.67 2.52
N LEU A 102 6.27 0.93 2.06
CA LEU A 102 5.01 1.54 1.65
C LEU A 102 3.84 0.89 2.38
N ARG A 103 2.96 1.72 2.92
CA ARG A 103 1.79 1.20 3.60
C ARG A 103 0.66 2.21 3.51
N LEU A 104 -0.57 1.74 3.51
CA LEU A 104 -1.70 2.65 3.44
C LEU A 104 -2.27 2.84 4.83
N MET A 105 -2.58 4.08 5.18
CA MET A 105 -3.14 4.35 6.49
C MET A 105 -4.64 4.10 6.44
N LYS A 106 -5.10 3.11 7.20
CA LYS A 106 -6.51 2.75 7.21
C LYS A 106 -7.06 2.76 8.64
N GLY A 107 -8.14 3.48 8.86
CA GLY A 107 -8.75 3.56 10.19
C GLY A 107 -9.66 2.36 10.43
N SER A 108 -9.73 1.47 9.45
CA SER A 108 -10.57 0.29 9.53
C SER A 108 -10.08 -0.65 10.61
N ASP A 109 -8.83 -0.50 11.00
CA ASP A 109 -8.28 -1.39 11.98
C ASP A 109 -9.26 -1.60 13.12
N ALA A 110 -10.17 -0.67 13.28
CA ALA A 110 -11.17 -0.79 14.34
C ALA A 110 -12.46 -1.44 13.83
N ILE A 111 -12.74 -1.24 12.55
CA ILE A 111 -13.95 -1.80 11.95
C ILE A 111 -13.64 -2.96 11.01
N GLY A 112 -12.60 -2.80 10.20
CA GLY A 112 -12.21 -3.83 9.26
C GLY A 112 -11.80 -5.10 10.01
N LEU A 113 -11.12 -4.91 11.13
CA LEU A 113 -10.68 -6.04 11.93
C LEU A 113 -11.69 -6.34 13.02
N GLY A 1 20.60 7.61 -10.50
CA GLY A 1 19.47 7.35 -11.44
C GLY A 1 18.37 6.57 -10.72
N GLY A 2 18.65 6.20 -9.46
CA GLY A 2 17.67 5.45 -8.67
C GLY A 2 17.72 3.96 -9.00
N PRO A 3 16.85 3.20 -8.41
CA PRO A 3 16.79 1.73 -8.63
C PRO A 3 16.89 1.34 -10.11
N GLU A 4 15.82 1.53 -10.87
CA GLU A 4 15.83 1.20 -12.29
C GLU A 4 16.64 -0.07 -12.54
N ALA A 5 16.38 -1.10 -11.74
CA ALA A 5 17.10 -2.37 -11.89
C ALA A 5 16.98 -3.18 -10.60
N ALA A 6 16.89 -2.49 -9.47
CA ALA A 6 16.75 -3.16 -8.19
C ALA A 6 16.09 -2.25 -7.16
N ALA A 7 14.81 -2.50 -6.90
CA ALA A 7 14.06 -1.72 -5.92
C ALA A 7 13.15 -2.65 -5.14
N PHE A 8 13.02 -2.39 -3.84
CA PHE A 8 12.16 -3.22 -3.01
C PHE A 8 11.48 -2.40 -1.94
N VAL A 9 10.15 -2.40 -1.97
CA VAL A 9 9.39 -1.67 -0.98
C VAL A 9 8.39 -2.63 -0.36
N LYS A 10 8.37 -2.72 0.96
CA LYS A 10 7.47 -3.65 1.62
C LYS A 10 6.05 -3.10 1.62
N VAL A 11 5.09 -4.02 1.59
CA VAL A 11 3.68 -3.64 1.53
C VAL A 11 2.89 -4.18 2.73
N SER A 12 2.54 -3.28 3.65
CA SER A 12 1.80 -3.67 4.85
C SER A 12 0.54 -2.80 5.02
N MET A 13 -0.53 -3.41 5.52
CA MET A 13 -1.79 -2.68 5.74
C MET A 13 -2.15 -2.73 7.22
N ASP A 14 -2.35 -1.55 7.81
CA ASP A 14 -2.68 -1.49 9.23
C ASP A 14 -3.95 -2.29 9.53
N GLY A 15 -3.85 -3.20 10.48
CA GLY A 15 -5.00 -4.03 10.87
C GLY A 15 -5.01 -5.37 10.16
N ALA A 16 -5.62 -5.39 8.98
CA ALA A 16 -5.72 -6.63 8.22
C ALA A 16 -4.32 -7.11 7.82
N PRO A 17 -4.13 -8.40 7.65
CA PRO A 17 -2.80 -8.95 7.26
C PRO A 17 -2.41 -8.57 5.83
N TYR A 18 -1.18 -8.09 5.69
CA TYR A 18 -0.65 -7.71 4.38
C TYR A 18 0.87 -7.80 4.40
N LEU A 19 1.44 -8.64 3.54
CA LEU A 19 2.90 -8.74 3.47
C LEU A 19 3.34 -9.03 2.04
N ARG A 20 3.91 -8.02 1.40
CA ARG A 20 4.39 -8.19 0.04
C ARG A 20 5.44 -7.14 -0.35
N LYS A 21 6.45 -7.58 -1.05
CA LYS A 21 7.50 -6.70 -1.52
C LYS A 21 7.24 -6.35 -2.97
N ILE A 22 7.38 -5.07 -3.32
CA ILE A 22 7.14 -4.64 -4.71
C ILE A 22 8.38 -3.94 -5.28
N ASP A 23 8.41 -3.77 -6.60
CA ASP A 23 9.54 -3.10 -7.24
C ASP A 23 9.05 -1.90 -8.02
N LEU A 24 9.53 -0.73 -7.63
CA LEU A 24 9.13 0.50 -8.31
C LEU A 24 9.95 0.69 -9.58
N ARG A 25 11.07 0.00 -9.67
CA ARG A 25 11.92 0.11 -10.85
C ARG A 25 11.13 -0.30 -12.08
N MET A 26 10.12 -1.11 -11.83
CA MET A 26 9.24 -1.57 -12.88
C MET A 26 8.46 -0.39 -13.42
N TYR A 27 8.10 0.49 -12.50
CA TYR A 27 7.34 1.68 -12.84
C TYR A 27 8.15 2.91 -12.48
N LYS A 28 8.68 3.56 -13.50
CA LYS A 28 9.49 4.75 -13.29
C LYS A 28 8.60 5.97 -13.10
N SER A 29 7.29 5.79 -13.22
CA SER A 29 6.37 6.90 -13.04
C SER A 29 5.35 6.57 -11.95
N TYR A 30 4.94 7.59 -11.22
CA TYR A 30 3.98 7.37 -10.17
C TYR A 30 2.65 6.88 -10.75
N ASP A 31 2.44 7.14 -12.03
CA ASP A 31 1.21 6.69 -12.67
C ASP A 31 1.14 5.17 -12.68
N GLU A 32 2.11 4.54 -13.34
CA GLU A 32 2.10 3.08 -13.42
C GLU A 32 2.23 2.48 -12.04
N LEU A 33 2.93 3.15 -11.13
CA LEU A 33 3.07 2.63 -9.78
C LEU A 33 1.72 2.44 -9.16
N SER A 34 0.92 3.47 -9.21
CA SER A 34 -0.37 3.39 -8.59
C SER A 34 -1.17 2.25 -9.20
N ASN A 35 -1.04 2.09 -10.51
CA ASN A 35 -1.74 1.03 -11.20
C ASN A 35 -1.24 -0.35 -10.79
N ALA A 36 0.08 -0.54 -10.81
CA ALA A 36 0.64 -1.82 -10.44
C ALA A 36 0.32 -2.15 -9.00
N LEU A 37 0.49 -1.16 -8.13
CA LEU A 37 0.22 -1.35 -6.72
C LEU A 37 -1.26 -1.55 -6.47
N SER A 38 -2.10 -0.81 -7.16
CA SER A 38 -3.55 -0.95 -6.98
C SER A 38 -4.00 -2.36 -7.33
N ASN A 39 -3.46 -2.89 -8.42
CA ASN A 39 -3.81 -4.22 -8.85
C ASN A 39 -3.11 -5.28 -7.99
N MET A 40 -1.83 -5.05 -7.68
CA MET A 40 -1.07 -6.00 -6.89
C MET A 40 -1.48 -6.07 -5.43
N PHE A 41 -1.73 -4.93 -4.81
CA PHE A 41 -2.09 -4.94 -3.39
C PHE A 41 -3.52 -5.48 -3.21
N SER A 42 -4.40 -5.11 -4.13
CA SER A 42 -5.78 -5.57 -4.09
C SER A 42 -5.82 -7.09 -4.30
N SER A 43 -4.95 -7.55 -5.18
CA SER A 43 -4.86 -8.96 -5.52
C SER A 43 -4.52 -9.82 -4.30
N PHE A 44 -3.62 -9.31 -3.45
CA PHE A 44 -3.20 -10.08 -2.27
C PHE A 44 -4.39 -10.44 -1.38
N THR A 45 -5.23 -9.46 -1.07
CA THR A 45 -6.39 -9.73 -0.22
C THR A 45 -7.41 -10.60 -0.93
N MET A 46 -7.35 -10.63 -2.26
CA MET A 46 -8.29 -11.43 -3.04
C MET A 46 -7.61 -12.71 -3.54
N GLY A 47 -8.17 -13.86 -3.13
CA GLY A 47 -7.61 -15.14 -3.54
C GLY A 47 -8.70 -16.20 -3.62
N LYS A 48 -8.63 -17.04 -4.64
CA LYS A 48 -9.60 -18.12 -4.81
C LYS A 48 -9.47 -19.13 -3.68
N HIS A 49 -8.29 -19.15 -3.07
CA HIS A 49 -8.03 -20.08 -1.97
C HIS A 49 -7.42 -19.34 -0.78
N GLY A 50 -7.97 -19.61 0.39
CA GLY A 50 -7.49 -18.97 1.62
C GLY A 50 -8.47 -17.89 2.09
N GLY A 51 -8.57 -17.71 3.40
CA GLY A 51 -9.47 -16.72 3.96
C GLY A 51 -10.92 -17.18 3.82
N GLU A 52 -11.09 -18.49 3.64
CA GLU A 52 -12.42 -19.08 3.50
C GLU A 52 -13.27 -18.80 4.73
N GLU A 53 -12.60 -18.46 5.83
CA GLU A 53 -13.31 -18.17 7.07
C GLU A 53 -14.27 -17.00 6.84
N GLY A 54 -13.84 -16.08 6.00
CA GLY A 54 -14.65 -14.90 5.68
C GLY A 54 -13.77 -13.67 5.68
N MET A 55 -12.51 -13.85 5.99
CA MET A 55 -11.59 -12.72 6.02
C MET A 55 -11.56 -12.06 4.65
N ILE A 56 -11.92 -12.82 3.62
CA ILE A 56 -11.92 -12.29 2.27
C ILE A 56 -13.16 -11.46 1.97
N ASP A 57 -14.27 -11.84 2.59
CA ASP A 57 -15.52 -11.12 2.37
C ASP A 57 -15.92 -10.36 3.62
N PHE A 58 -15.09 -10.44 4.64
CA PHE A 58 -15.37 -9.75 5.90
C PHE A 58 -14.66 -8.41 5.95
N MET A 59 -13.35 -8.42 5.71
CA MET A 59 -12.57 -7.18 5.73
C MET A 59 -12.74 -6.41 4.43
N ASN A 60 -13.24 -7.07 3.40
CA ASN A 60 -13.47 -6.40 2.12
C ASN A 60 -14.65 -5.46 2.23
N GLU A 61 -15.68 -5.96 2.89
CA GLU A 61 -16.91 -5.22 3.07
C GLU A 61 -16.69 -3.97 3.91
N ARG A 62 -15.62 -3.96 4.70
CA ARG A 62 -15.32 -2.80 5.53
C ARG A 62 -14.16 -2.01 4.92
N LYS A 63 -13.45 -2.63 3.99
CA LYS A 63 -12.32 -1.97 3.35
C LYS A 63 -12.81 -0.72 2.63
N LEU A 64 -13.72 -0.89 1.68
CA LEU A 64 -14.24 0.26 0.95
C LEU A 64 -14.96 1.22 1.87
N MET A 65 -15.88 0.70 2.68
CA MET A 65 -16.67 1.52 3.57
C MET A 65 -15.80 2.19 4.62
N ASP A 66 -14.67 1.59 4.98
CA ASP A 66 -13.79 2.21 5.95
C ASP A 66 -13.04 3.38 5.34
N LEU A 67 -12.54 3.17 4.12
CA LEU A 67 -11.78 4.20 3.44
C LEU A 67 -12.63 5.44 3.29
N VAL A 68 -13.84 5.25 2.80
CA VAL A 68 -14.76 6.35 2.61
C VAL A 68 -15.34 6.81 3.94
N ASN A 69 -15.86 5.88 4.75
CA ASN A 69 -16.41 6.29 6.05
C ASN A 69 -15.30 6.89 6.88
N SER A 70 -14.19 6.17 6.95
CA SER A 70 -13.02 6.66 7.66
C SER A 70 -12.22 7.47 6.68
N TRP A 71 -12.88 8.49 6.12
CA TRP A 71 -12.27 9.33 5.13
C TRP A 71 -11.14 10.16 5.70
N ASP A 72 -10.76 9.84 6.92
CA ASP A 72 -9.67 10.54 7.57
C ASP A 72 -8.37 9.75 7.41
N TYR A 73 -8.44 8.70 6.59
CA TYR A 73 -7.28 7.84 6.33
C TYR A 73 -6.85 7.96 4.87
N VAL A 74 -5.54 8.08 4.66
CA VAL A 74 -5.01 8.20 3.31
C VAL A 74 -3.74 7.35 3.18
N PRO A 75 -3.37 6.90 2.00
CA PRO A 75 -2.11 6.11 1.84
C PRO A 75 -0.91 6.89 2.33
N SER A 76 0.01 6.22 3.01
CA SER A 76 1.20 6.89 3.49
C SER A 76 2.38 5.93 3.48
N TYR A 77 3.56 6.45 3.17
CA TYR A 77 4.76 5.62 3.08
C TYR A 77 5.90 6.21 3.90
N GLU A 78 6.89 5.37 4.21
CA GLU A 78 8.07 5.81 4.93
C GLU A 78 9.28 5.83 3.99
N ASN A 79 10.10 6.87 4.11
CA ASN A 79 11.27 7.01 3.24
C ASN A 79 12.51 6.37 3.89
N LYS A 80 13.66 6.60 3.26
CA LYS A 80 14.90 6.03 3.78
C LYS A 80 15.24 6.62 5.14
N ASP A 81 14.89 7.89 5.33
CA ASP A 81 15.14 8.56 6.59
C ASP A 81 14.18 8.04 7.65
N GLY A 82 13.15 7.33 7.19
CA GLY A 82 12.16 6.77 8.08
C GLY A 82 11.09 7.79 8.47
N ASN A 83 10.92 8.81 7.65
CA ASN A 83 9.91 9.82 7.92
C ASN A 83 8.61 9.43 7.23
N TRP A 84 7.48 9.76 7.85
CA TRP A 84 6.19 9.42 7.26
C TRP A 84 5.68 10.53 6.34
N MET A 85 5.32 10.14 5.12
CA MET A 85 4.83 11.10 4.14
C MET A 85 3.65 10.53 3.36
N LEU A 86 2.61 11.33 3.24
CA LEU A 86 1.44 10.89 2.51
C LEU A 86 1.78 10.76 1.03
N VAL A 87 1.17 9.78 0.38
CA VAL A 87 1.42 9.55 -1.04
C VAL A 87 1.32 10.84 -1.85
N GLY A 88 2.32 11.06 -2.70
CA GLY A 88 2.33 12.24 -3.55
C GLY A 88 2.87 13.44 -2.81
N ASP A 89 3.03 13.30 -1.50
CA ASP A 89 3.53 14.39 -0.68
C ASP A 89 4.97 14.75 -1.06
N VAL A 90 5.79 13.73 -1.31
CA VAL A 90 7.19 13.95 -1.67
C VAL A 90 7.40 13.75 -3.18
N PRO A 91 8.38 14.40 -3.77
CA PRO A 91 8.66 14.25 -5.23
C PRO A 91 8.71 12.79 -5.67
N TRP A 92 8.70 12.58 -6.97
CA TRP A 92 8.78 11.23 -7.52
C TRP A 92 10.20 10.65 -7.38
N PRO A 93 11.24 11.35 -7.80
CA PRO A 93 12.63 10.79 -7.70
C PRO A 93 13.04 10.49 -6.27
N MET A 94 12.66 11.37 -5.33
CA MET A 94 13.01 11.13 -3.95
C MET A 94 12.25 9.93 -3.46
N PHE A 95 10.99 9.82 -3.86
CA PHE A 95 10.18 8.70 -3.43
C PHE A 95 10.65 7.39 -4.03
N VAL A 96 10.79 7.33 -5.34
CA VAL A 96 11.21 6.11 -6.03
C VAL A 96 12.61 5.74 -5.63
N ASP A 97 13.35 6.72 -5.14
CA ASP A 97 14.73 6.50 -4.73
C ASP A 97 14.80 6.16 -3.24
N THR A 98 14.04 6.90 -2.43
CA THR A 98 14.01 6.68 -1.00
C THR A 98 13.01 5.58 -0.68
N CYS A 99 12.20 5.24 -1.68
CA CYS A 99 11.18 4.22 -1.52
C CYS A 99 11.72 3.00 -0.77
N LYS A 100 11.43 2.92 0.52
CA LYS A 100 11.88 1.80 1.33
C LYS A 100 10.69 1.00 1.91
N ARG A 101 9.75 1.72 2.51
CA ARG A 101 8.58 1.08 3.12
C ARG A 101 7.29 1.71 2.62
N LEU A 102 6.33 0.87 2.23
CA LEU A 102 5.03 1.35 1.75
C LEU A 102 3.91 0.65 2.50
N ARG A 103 2.97 1.42 3.00
CA ARG A 103 1.84 0.84 3.70
C ARG A 103 0.61 1.73 3.58
N LEU A 104 -0.55 1.11 3.59
CA LEU A 104 -1.80 1.83 3.46
C LEU A 104 -2.40 2.10 4.83
N MET A 105 -2.66 3.36 5.12
CA MET A 105 -3.27 3.70 6.40
C MET A 105 -4.75 3.42 6.28
N LYS A 106 -5.23 2.46 7.06
CA LYS A 106 -6.63 2.08 7.00
C LYS A 106 -7.29 2.13 8.38
N GLY A 107 -8.41 2.84 8.47
CA GLY A 107 -9.13 2.95 9.73
C GLY A 107 -9.98 1.72 9.96
N SER A 108 -9.97 0.82 8.97
CA SER A 108 -10.75 -0.41 9.06
C SER A 108 -10.18 -1.33 10.09
N ASP A 109 -8.92 -1.12 10.42
CA ASP A 109 -8.28 -1.99 11.37
C ASP A 109 -9.19 -2.21 12.56
N ALA A 110 -10.09 -1.28 12.78
CA ALA A 110 -11.03 -1.40 13.88
C ALA A 110 -12.37 -1.98 13.40
N ILE A 111 -12.64 -1.79 12.11
CA ILE A 111 -13.89 -2.27 11.53
C ILE A 111 -13.70 -3.61 10.83
N GLY A 112 -12.70 -3.65 9.95
CA GLY A 112 -12.39 -4.87 9.21
C GLY A 112 -11.99 -5.99 10.16
N LEU A 113 -11.23 -5.64 11.18
CA LEU A 113 -10.77 -6.60 12.18
C LEU A 113 -11.49 -6.38 13.50
N GLY A 1 20.48 6.68 -5.03
CA GLY A 1 19.27 5.86 -5.31
C GLY A 1 19.14 5.62 -6.82
N GLY A 2 17.97 5.91 -7.37
CA GLY A 2 17.74 5.73 -8.80
C GLY A 2 17.78 4.25 -9.18
N PRO A 3 17.18 3.38 -8.40
CA PRO A 3 17.16 1.92 -8.66
C PRO A 3 17.17 1.58 -10.14
N GLU A 4 16.03 1.74 -10.82
CA GLU A 4 15.97 1.44 -12.24
C GLU A 4 16.75 0.16 -12.54
N ALA A 5 16.55 -0.86 -11.70
CA ALA A 5 17.26 -2.12 -11.87
C ALA A 5 17.14 -2.99 -10.62
N ALA A 6 17.01 -2.34 -9.46
CA ALA A 6 16.88 -3.08 -8.20
C ALA A 6 16.17 -2.23 -7.14
N ALA A 7 14.88 -2.49 -6.95
CA ALA A 7 14.08 -1.77 -5.96
C ALA A 7 13.24 -2.74 -5.16
N PHE A 8 13.11 -2.48 -3.88
CA PHE A 8 12.29 -3.34 -3.02
C PHE A 8 11.53 -2.49 -2.02
N VAL A 9 10.22 -2.64 -2.01
CA VAL A 9 9.40 -1.88 -1.08
C VAL A 9 8.36 -2.82 -0.48
N LYS A 10 8.28 -2.86 0.84
CA LYS A 10 7.32 -3.73 1.48
C LYS A 10 5.92 -3.18 1.31
N VAL A 11 4.93 -4.04 1.49
CA VAL A 11 3.55 -3.64 1.31
C VAL A 11 2.67 -4.17 2.43
N SER A 12 2.18 -3.26 3.27
CA SER A 12 1.32 -3.65 4.39
C SER A 12 0.19 -2.64 4.55
N MET A 13 -0.88 -3.08 5.20
CA MET A 13 -2.03 -2.21 5.41
C MET A 13 -2.46 -2.30 6.88
N ASP A 14 -2.60 -1.15 7.52
CA ASP A 14 -2.96 -1.12 8.94
C ASP A 14 -4.23 -1.91 9.21
N GLY A 15 -4.19 -2.70 10.28
CA GLY A 15 -5.34 -3.50 10.68
C GLY A 15 -5.40 -4.82 9.93
N ALA A 16 -6.03 -4.80 8.76
CA ALA A 16 -6.16 -6.02 7.97
C ALA A 16 -4.76 -6.55 7.63
N PRO A 17 -4.59 -7.85 7.55
CA PRO A 17 -3.24 -8.45 7.26
C PRO A 17 -2.80 -8.24 5.81
N TYR A 18 -1.55 -7.79 5.66
CA TYR A 18 -0.96 -7.58 4.34
C TYR A 18 0.55 -7.69 4.42
N LEU A 19 1.13 -8.61 3.65
CA LEU A 19 2.58 -8.77 3.63
C LEU A 19 3.03 -9.14 2.22
N ARG A 20 3.64 -8.18 1.54
CA ARG A 20 4.13 -8.40 0.19
C ARG A 20 5.16 -7.34 -0.18
N LYS A 21 6.06 -7.69 -1.09
CA LYS A 21 7.09 -6.77 -1.55
C LYS A 21 6.85 -6.44 -3.02
N ILE A 22 7.37 -5.31 -3.47
CA ILE A 22 7.19 -4.89 -4.86
C ILE A 22 8.47 -4.19 -5.36
N ASP A 23 8.52 -3.87 -6.66
CA ASP A 23 9.67 -3.18 -7.21
C ASP A 23 9.22 -1.85 -7.80
N LEU A 24 9.77 -0.76 -7.30
CA LEU A 24 9.41 0.57 -7.77
C LEU A 24 10.18 0.92 -9.03
N ARG A 25 11.24 0.17 -9.29
CA ARG A 25 12.08 0.41 -10.47
C ARG A 25 11.29 0.11 -11.74
N MET A 26 10.30 -0.74 -11.59
CA MET A 26 9.45 -1.13 -12.71
C MET A 26 8.67 0.07 -13.19
N TYR A 27 8.26 0.88 -12.23
CA TYR A 27 7.47 2.05 -12.52
C TYR A 27 8.26 3.30 -12.19
N LYS A 28 8.71 3.99 -13.24
CA LYS A 28 9.48 5.20 -13.07
C LYS A 28 8.56 6.37 -12.79
N SER A 29 7.24 6.13 -12.87
CA SER A 29 6.28 7.19 -12.63
C SER A 29 5.32 6.80 -11.52
N TYR A 30 4.87 7.78 -10.76
CA TYR A 30 3.96 7.49 -9.68
C TYR A 30 2.63 6.98 -10.21
N ASP A 31 2.30 7.32 -11.47
CA ASP A 31 1.06 6.84 -12.04
C ASP A 31 1.07 5.32 -12.10
N GLU A 32 2.11 4.75 -12.71
CA GLU A 32 2.15 3.30 -12.82
C GLU A 32 2.35 2.66 -11.45
N LEU A 33 3.06 3.33 -10.55
CA LEU A 33 3.25 2.75 -9.22
C LEU A 33 1.89 2.50 -8.63
N SER A 34 1.08 3.53 -8.64
CA SER A 34 -0.22 3.43 -8.04
C SER A 34 -1.05 2.36 -8.71
N ASN A 35 -0.95 2.24 -10.03
CA ASN A 35 -1.73 1.23 -10.73
C ASN A 35 -1.22 -0.18 -10.42
N ALA A 36 0.10 -0.34 -10.49
CA ALA A 36 0.71 -1.63 -10.24
C ALA A 36 0.43 -2.07 -8.81
N LEU A 37 0.61 -1.16 -7.87
CA LEU A 37 0.38 -1.47 -6.47
C LEU A 37 -1.11 -1.64 -6.21
N SER A 38 -1.91 -0.78 -6.80
CA SER A 38 -3.36 -0.84 -6.62
C SER A 38 -3.88 -2.21 -7.03
N ASN A 39 -3.38 -2.72 -8.14
CA ASN A 39 -3.79 -4.02 -8.62
C ASN A 39 -3.09 -5.15 -7.85
N MET A 40 -1.80 -4.99 -7.61
CA MET A 40 -1.02 -6.02 -6.93
C MET A 40 -1.36 -6.18 -5.45
N PHE A 41 -1.52 -5.07 -4.73
CA PHE A 41 -1.82 -5.17 -3.31
C PHE A 41 -3.22 -5.72 -3.09
N SER A 42 -4.15 -5.35 -3.96
CA SER A 42 -5.52 -5.87 -3.85
C SER A 42 -5.51 -7.38 -4.06
N SER A 43 -4.66 -7.78 -5.00
CA SER A 43 -4.54 -9.20 -5.36
C SER A 43 -4.02 -10.03 -4.19
N PHE A 44 -3.31 -9.40 -3.26
CA PHE A 44 -2.77 -10.13 -2.12
C PHE A 44 -3.86 -10.80 -1.30
N THR A 45 -4.90 -10.03 -0.96
CA THR A 45 -6.00 -10.56 -0.18
C THR A 45 -6.83 -11.55 -0.99
N MET A 46 -6.77 -11.43 -2.30
CA MET A 46 -7.53 -12.31 -3.18
C MET A 46 -6.95 -13.72 -3.15
N GLY A 47 -7.83 -14.71 -3.12
CA GLY A 47 -7.39 -16.10 -3.09
C GLY A 47 -8.60 -17.04 -3.07
N LYS A 48 -8.36 -18.30 -3.41
CA LYS A 48 -9.42 -19.29 -3.39
C LYS A 48 -9.45 -19.97 -2.03
N HIS A 49 -8.47 -19.63 -1.21
CA HIS A 49 -8.36 -20.19 0.13
C HIS A 49 -7.61 -19.23 1.06
N GLY A 50 -8.12 -19.09 2.27
CA GLY A 50 -7.51 -18.20 3.26
C GLY A 50 -8.26 -16.88 3.36
N GLY A 51 -9.07 -16.58 2.35
CA GLY A 51 -9.84 -15.34 2.33
C GLY A 51 -11.33 -15.65 2.18
N GLU A 52 -11.63 -16.93 2.01
CA GLU A 52 -13.02 -17.37 1.86
C GLU A 52 -13.82 -17.13 3.12
N GLU A 53 -13.11 -16.92 4.22
CA GLU A 53 -13.77 -16.68 5.51
C GLU A 53 -14.52 -15.36 5.45
N GLY A 54 -14.32 -14.61 4.38
CA GLY A 54 -14.99 -13.32 4.21
C GLY A 54 -14.00 -12.20 4.45
N MET A 55 -12.77 -12.55 4.77
CA MET A 55 -11.76 -11.53 5.03
C MET A 55 -11.61 -10.63 3.81
N ILE A 56 -12.00 -11.15 2.66
CA ILE A 56 -11.90 -10.38 1.42
C ILE A 56 -13.09 -9.44 1.25
N ASP A 57 -14.26 -9.89 1.68
CA ASP A 57 -15.46 -9.08 1.56
C ASP A 57 -15.88 -8.52 2.91
N PHE A 58 -15.07 -8.80 3.91
CA PHE A 58 -15.35 -8.33 5.27
C PHE A 58 -14.54 -7.06 5.60
N MET A 59 -13.32 -7.00 5.09
CA MET A 59 -12.45 -5.85 5.33
C MET A 59 -12.49 -4.89 4.15
N ASN A 60 -12.40 -5.42 2.93
CA ASN A 60 -12.44 -4.58 1.75
C ASN A 60 -13.75 -3.81 1.75
N GLU A 61 -14.80 -4.51 2.15
CA GLU A 61 -16.12 -3.90 2.24
C GLU A 61 -16.11 -2.72 3.21
N ARG A 62 -15.49 -2.92 4.36
CA ARG A 62 -15.43 -1.87 5.38
C ARG A 62 -14.51 -0.73 4.94
N LYS A 63 -13.52 -1.03 4.10
CA LYS A 63 -12.58 -0.02 3.65
C LYS A 63 -13.31 1.17 3.01
N LEU A 64 -14.26 0.89 2.12
CA LEU A 64 -14.98 1.98 1.46
C LEU A 64 -15.70 2.84 2.50
N MET A 65 -16.45 2.20 3.39
CA MET A 65 -17.16 2.96 4.41
C MET A 65 -16.16 3.65 5.33
N ASP A 66 -15.10 2.93 5.68
CA ASP A 66 -14.09 3.49 6.56
C ASP A 66 -13.35 4.64 5.90
N LEU A 67 -13.07 4.54 4.62
CA LEU A 67 -12.34 5.61 3.95
C LEU A 67 -13.15 6.88 3.98
N VAL A 68 -14.37 6.82 3.48
CA VAL A 68 -15.23 8.00 3.48
C VAL A 68 -15.61 8.36 4.91
N ASN A 69 -16.00 7.35 5.70
CA ASN A 69 -16.36 7.61 7.09
C ASN A 69 -15.14 8.15 7.84
N SER A 70 -14.00 7.52 7.59
CA SER A 70 -12.74 7.91 8.20
C SER A 70 -11.88 8.59 7.16
N TRP A 71 -12.42 9.64 6.55
CA TRP A 71 -11.71 10.35 5.50
C TRP A 71 -10.52 11.12 6.06
N ASP A 72 -10.22 10.86 7.33
CA ASP A 72 -9.07 11.49 7.96
C ASP A 72 -7.80 10.71 7.63
N TYR A 73 -7.99 9.43 7.32
CA TYR A 73 -6.88 8.54 6.98
C TYR A 73 -6.52 8.64 5.49
N VAL A 74 -5.22 8.72 5.21
CA VAL A 74 -4.75 8.82 3.83
C VAL A 74 -3.47 7.99 3.62
N PRO A 75 -3.26 7.46 2.44
CA PRO A 75 -2.04 6.63 2.14
C PRO A 75 -0.73 7.38 2.33
N SER A 76 0.26 6.70 2.90
CA SER A 76 1.56 7.30 3.13
C SER A 76 2.66 6.22 3.12
N TYR A 77 3.84 6.61 2.61
CA TYR A 77 4.97 5.68 2.51
C TYR A 77 6.12 6.12 3.41
N GLU A 78 7.04 5.20 3.68
CA GLU A 78 8.19 5.51 4.53
C GLU A 78 9.45 5.73 3.68
N ASN A 79 10.10 6.87 3.90
CA ASN A 79 11.30 7.21 3.12
C ASN A 79 12.54 6.54 3.70
N LYS A 80 13.68 6.86 3.12
CA LYS A 80 14.95 6.28 3.57
C LYS A 80 15.27 6.73 4.99
N ASP A 81 14.83 7.94 5.35
CA ASP A 81 15.04 8.46 6.69
C ASP A 81 14.12 7.73 7.65
N GLY A 82 13.14 7.03 7.08
CA GLY A 82 12.18 6.26 7.86
C GLY A 82 11.02 7.12 8.32
N ASN A 83 10.87 8.30 7.73
CA ASN A 83 9.77 9.18 8.09
C ASN A 83 8.58 8.85 7.19
N TRP A 84 7.38 9.06 7.70
CA TRP A 84 6.18 8.78 6.90
C TRP A 84 5.80 10.01 6.09
N MET A 85 5.46 9.81 4.82
CA MET A 85 5.04 10.93 3.97
C MET A 85 3.87 10.50 3.10
N LEU A 86 2.90 11.38 2.93
CA LEU A 86 1.74 11.06 2.13
C LEU A 86 2.16 10.78 0.69
N VAL A 87 1.58 9.74 0.10
CA VAL A 87 1.94 9.40 -1.26
C VAL A 87 1.88 10.63 -2.17
N GLY A 88 2.97 10.87 -2.87
CA GLY A 88 3.05 12.01 -3.77
C GLY A 88 3.45 13.27 -3.01
N ASP A 89 3.53 13.16 -1.69
CA ASP A 89 3.90 14.31 -0.86
C ASP A 89 5.33 14.78 -1.17
N VAL A 90 6.25 13.83 -1.35
CA VAL A 90 7.64 14.17 -1.62
C VAL A 90 7.93 14.01 -3.13
N PRO A 91 8.94 14.67 -3.66
CA PRO A 91 9.26 14.58 -5.12
C PRO A 91 9.38 13.15 -5.61
N TRP A 92 8.89 12.89 -6.82
CA TRP A 92 8.96 11.56 -7.38
C TRP A 92 10.38 10.97 -7.30
N PRO A 93 11.41 11.66 -7.73
CA PRO A 93 12.78 11.08 -7.67
C PRO A 93 13.15 10.67 -6.25
N MET A 94 12.76 11.48 -5.27
CA MET A 94 13.05 11.13 -3.90
C MET A 94 12.17 9.96 -3.48
N PHE A 95 10.91 9.99 -3.93
CA PHE A 95 9.96 8.93 -3.59
C PHE A 95 10.41 7.59 -4.10
N VAL A 96 10.76 7.53 -5.38
CA VAL A 96 11.17 6.28 -6.00
C VAL A 96 12.51 5.81 -5.43
N ASP A 97 13.38 6.76 -5.16
CA ASP A 97 14.71 6.46 -4.63
C ASP A 97 14.64 6.10 -3.14
N THR A 98 13.80 6.84 -2.43
CA THR A 98 13.63 6.63 -1.01
C THR A 98 12.62 5.53 -0.77
N CYS A 99 11.98 5.11 -1.84
CA CYS A 99 10.97 4.08 -1.75
C CYS A 99 11.51 2.90 -0.92
N LYS A 100 11.16 2.85 0.36
CA LYS A 100 11.64 1.75 1.22
C LYS A 100 10.46 0.90 1.72
N ARG A 101 9.42 1.57 2.19
CA ARG A 101 8.24 0.88 2.68
C ARG A 101 6.98 1.63 2.28
N LEU A 102 5.96 0.90 1.87
CA LEU A 102 4.71 1.50 1.44
C LEU A 102 3.53 0.86 2.13
N ARG A 103 2.64 1.68 2.68
CA ARG A 103 1.46 1.14 3.35
C ARG A 103 0.28 2.10 3.22
N LEU A 104 -0.91 1.53 3.18
CA LEU A 104 -2.13 2.31 3.08
C LEU A 104 -2.63 2.62 4.48
N MET A 105 -3.02 3.86 4.73
CA MET A 105 -3.52 4.20 6.05
C MET A 105 -5.02 4.01 6.07
N LYS A 106 -5.47 3.10 6.92
CA LYS A 106 -6.88 2.79 7.01
C LYS A 106 -7.40 2.91 8.44
N GLY A 107 -8.47 3.68 8.62
CA GLY A 107 -9.07 3.84 9.93
C GLY A 107 -9.99 2.65 10.21
N SER A 108 -10.11 1.78 9.22
CA SER A 108 -10.97 0.61 9.34
C SER A 108 -10.37 -0.39 10.29
N ASP A 109 -9.10 -0.24 10.55
CA ASP A 109 -8.44 -1.19 11.41
C ASP A 109 -9.30 -1.44 12.64
N ALA A 110 -10.10 -0.45 13.00
CA ALA A 110 -10.99 -0.61 14.14
C ALA A 110 -12.39 -1.04 13.70
N ILE A 111 -12.69 -0.85 12.42
CA ILE A 111 -14.01 -1.19 11.89
C ILE A 111 -13.93 -2.46 11.02
N GLY A 112 -13.01 -2.46 10.08
CA GLY A 112 -12.84 -3.60 9.18
C GLY A 112 -12.44 -4.85 9.94
N LEU A 113 -11.56 -4.68 10.92
CA LEU A 113 -11.10 -5.80 11.72
C LEU A 113 -11.87 -5.87 13.03
N GLY A 1 18.80 4.07 -4.47
CA GLY A 1 19.78 4.89 -5.24
C GLY A 1 19.52 4.73 -6.73
N GLY A 2 18.40 5.26 -7.20
CA GLY A 2 18.05 5.16 -8.62
C GLY A 2 17.86 3.70 -9.03
N PRO A 3 16.99 2.99 -8.35
CA PRO A 3 16.72 1.56 -8.65
C PRO A 3 16.79 1.24 -10.14
N GLU A 4 15.71 1.51 -10.88
CA GLU A 4 15.69 1.24 -12.32
C GLU A 4 16.43 -0.07 -12.60
N ALA A 5 16.22 -1.05 -11.73
CA ALA A 5 16.87 -2.35 -11.88
C ALA A 5 16.95 -3.07 -10.53
N ALA A 6 16.69 -2.33 -9.44
CA ALA A 6 16.72 -2.93 -8.11
C ALA A 6 16.00 -2.04 -7.10
N ALA A 7 14.72 -2.35 -6.86
CA ALA A 7 13.92 -1.60 -5.89
C ALA A 7 13.03 -2.56 -5.11
N PHE A 8 12.91 -2.35 -3.83
CA PHE A 8 12.07 -3.21 -3.00
C PHE A 8 11.36 -2.41 -1.92
N VAL A 9 10.03 -2.43 -1.95
CA VAL A 9 9.26 -1.72 -0.93
C VAL A 9 8.25 -2.70 -0.34
N LYS A 10 8.24 -2.84 0.97
CA LYS A 10 7.30 -3.78 1.58
C LYS A 10 5.89 -3.22 1.52
N VAL A 11 4.92 -4.11 1.49
CA VAL A 11 3.52 -3.71 1.37
C VAL A 11 2.65 -4.32 2.46
N SER A 12 2.23 -3.48 3.39
CA SER A 12 1.40 -3.93 4.51
C SER A 12 0.19 -3.02 4.69
N MET A 13 -0.88 -3.57 5.25
CA MET A 13 -2.10 -2.80 5.50
C MET A 13 -2.41 -2.79 6.99
N ASP A 14 -2.46 -1.60 7.57
CA ASP A 14 -2.70 -1.46 9.01
C ASP A 14 -3.93 -2.25 9.45
N GLY A 15 -3.75 -3.06 10.50
CA GLY A 15 -4.85 -3.86 11.05
C GLY A 15 -4.74 -5.33 10.70
N ALA A 16 -5.37 -5.70 9.59
CA ALA A 16 -5.36 -7.10 9.17
C ALA A 16 -3.99 -7.51 8.65
N PRO A 17 -3.72 -8.78 8.60
CA PRO A 17 -2.39 -9.32 8.14
C PRO A 17 -2.17 -9.14 6.64
N TYR A 18 -0.98 -8.64 6.30
CA TYR A 18 -0.58 -8.43 4.91
C TYR A 18 0.93 -8.52 4.80
N LEU A 19 1.44 -9.24 3.81
CA LEU A 19 2.88 -9.31 3.63
C LEU A 19 3.20 -9.46 2.15
N ARG A 20 3.72 -8.40 1.54
CA ARG A 20 4.05 -8.48 0.13
C ARG A 20 5.08 -7.43 -0.25
N LYS A 21 5.95 -7.76 -1.19
CA LYS A 21 6.99 -6.85 -1.65
C LYS A 21 6.69 -6.36 -3.06
N ILE A 22 7.17 -5.16 -3.38
CA ILE A 22 6.95 -4.58 -4.70
C ILE A 22 8.25 -3.95 -5.24
N ASP A 23 8.34 -3.80 -6.57
CA ASP A 23 9.51 -3.19 -7.18
C ASP A 23 9.08 -1.96 -7.97
N LEU A 24 9.61 -0.81 -7.59
CA LEU A 24 9.27 0.43 -8.26
C LEU A 24 10.09 0.59 -9.53
N ARG A 25 11.20 -0.14 -9.61
CA ARG A 25 12.06 -0.09 -10.79
C ARG A 25 11.25 -0.46 -12.01
N MET A 26 10.17 -1.19 -11.77
CA MET A 26 9.28 -1.62 -12.83
C MET A 26 8.55 -0.40 -13.39
N TYR A 27 8.23 0.51 -12.47
CA TYR A 27 7.51 1.72 -12.82
C TYR A 27 8.35 2.94 -12.44
N LYS A 28 8.86 3.61 -13.47
CA LYS A 28 9.70 4.78 -13.24
C LYS A 28 8.84 6.01 -12.99
N SER A 29 7.52 5.86 -13.13
CA SER A 29 6.63 6.98 -12.91
C SER A 29 5.59 6.64 -11.85
N TYR A 30 5.17 7.64 -11.09
CA TYR A 30 4.19 7.39 -10.05
C TYR A 30 2.88 6.92 -10.66
N ASP A 31 2.68 7.26 -11.94
CA ASP A 31 1.44 6.87 -12.62
C ASP A 31 1.38 5.35 -12.73
N GLU A 32 2.34 4.75 -13.43
CA GLU A 32 2.31 3.30 -13.57
C GLU A 32 2.39 2.65 -12.21
N LEU A 33 3.07 3.30 -11.28
CA LEU A 33 3.18 2.74 -9.94
C LEU A 33 1.80 2.60 -9.36
N SER A 34 1.05 3.67 -9.42
CA SER A 34 -0.26 3.61 -8.83
C SER A 34 -1.09 2.51 -9.48
N ASN A 35 -0.96 2.37 -10.79
CA ASN A 35 -1.73 1.34 -11.49
C ASN A 35 -1.27 -0.06 -11.11
N ALA A 36 0.04 -0.28 -11.16
CA ALA A 36 0.59 -1.59 -10.82
C ALA A 36 0.28 -1.94 -9.38
N LEU A 37 0.48 -0.98 -8.48
CA LEU A 37 0.20 -1.21 -7.07
C LEU A 37 -1.29 -1.36 -6.84
N SER A 38 -2.09 -0.66 -7.62
CA SER A 38 -3.54 -0.75 -7.47
C SER A 38 -4.02 -2.17 -7.73
N ASN A 39 -3.48 -2.80 -8.76
CA ASN A 39 -3.86 -4.17 -9.09
C ASN A 39 -3.23 -5.15 -8.11
N MET A 40 -1.97 -4.93 -7.79
CA MET A 40 -1.26 -5.81 -6.87
C MET A 40 -1.86 -5.73 -5.48
N PHE A 41 -2.18 -4.52 -5.05
CA PHE A 41 -2.71 -4.31 -3.72
C PHE A 41 -4.03 -5.05 -3.55
N SER A 42 -4.80 -5.15 -4.63
CA SER A 42 -6.07 -5.87 -4.53
C SER A 42 -5.79 -7.33 -4.19
N SER A 43 -4.72 -7.86 -4.78
CA SER A 43 -4.28 -9.24 -4.57
C SER A 43 -3.68 -9.44 -3.19
N PHE A 44 -3.33 -8.34 -2.55
CA PHE A 44 -2.68 -8.40 -1.24
C PHE A 44 -3.42 -9.30 -0.26
N THR A 45 -4.70 -9.53 -0.48
CA THR A 45 -5.47 -10.40 0.42
C THR A 45 -5.76 -11.75 -0.25
N MET A 46 -5.30 -11.92 -1.47
CA MET A 46 -5.52 -13.16 -2.20
C MET A 46 -4.90 -14.33 -1.44
N GLY A 47 -5.70 -15.38 -1.22
CA GLY A 47 -5.21 -16.55 -0.51
C GLY A 47 -6.36 -17.51 -0.20
N LYS A 48 -6.41 -18.61 -0.94
CA LYS A 48 -7.44 -19.60 -0.72
C LYS A 48 -7.30 -20.16 0.69
N HIS A 49 -6.06 -20.33 1.10
CA HIS A 49 -5.76 -20.84 2.43
C HIS A 49 -5.07 -19.78 3.27
N GLY A 50 -5.42 -19.72 4.55
CA GLY A 50 -4.83 -18.74 5.46
C GLY A 50 -5.84 -17.62 5.77
N GLY A 51 -6.98 -17.66 5.11
CA GLY A 51 -8.02 -16.66 5.32
C GLY A 51 -9.41 -17.25 5.10
N GLU A 52 -9.49 -18.57 5.20
CA GLU A 52 -10.75 -19.27 5.02
C GLU A 52 -11.78 -18.88 6.09
N GLU A 53 -11.31 -18.21 7.13
CA GLU A 53 -12.19 -17.81 8.22
C GLU A 53 -13.03 -16.59 7.82
N GLY A 54 -13.00 -16.24 6.54
CA GLY A 54 -13.77 -15.10 6.05
C GLY A 54 -12.92 -13.83 6.06
N MET A 55 -11.69 -13.95 6.55
CA MET A 55 -10.81 -12.80 6.61
C MET A 55 -10.65 -12.20 5.22
N ILE A 56 -10.93 -13.01 4.20
CA ILE A 56 -10.80 -12.56 2.83
C ILE A 56 -12.05 -11.83 2.34
N ASP A 57 -13.21 -12.26 2.83
CA ASP A 57 -14.46 -11.65 2.42
C ASP A 57 -15.06 -10.84 3.55
N PHE A 58 -14.36 -10.80 4.67
CA PHE A 58 -14.84 -10.06 5.82
C PHE A 58 -14.21 -8.67 5.85
N MET A 59 -12.89 -8.63 5.82
CA MET A 59 -12.17 -7.36 5.85
C MET A 59 -12.23 -6.67 4.49
N ASN A 60 -12.64 -7.39 3.47
CA ASN A 60 -12.77 -6.80 2.14
C ASN A 60 -14.00 -5.92 2.08
N GLU A 61 -15.06 -6.44 2.66
CA GLU A 61 -16.34 -5.76 2.68
C GLU A 61 -16.26 -4.46 3.48
N ARG A 62 -15.29 -4.38 4.38
CA ARG A 62 -15.11 -3.18 5.19
C ARG A 62 -13.98 -2.33 4.60
N LYS A 63 -13.24 -2.92 3.68
CA LYS A 63 -12.14 -2.21 3.05
C LYS A 63 -12.67 -0.97 2.32
N LEU A 64 -13.62 -1.18 1.42
CA LEU A 64 -14.19 -0.07 0.68
C LEU A 64 -14.95 0.87 1.63
N MET A 65 -15.87 0.31 2.41
CA MET A 65 -16.67 1.10 3.32
C MET A 65 -15.83 1.83 4.35
N ASP A 66 -14.74 1.22 4.79
CA ASP A 66 -13.88 1.89 5.76
C ASP A 66 -13.19 3.09 5.14
N LEU A 67 -12.73 2.92 3.92
CA LEU A 67 -12.02 4.00 3.22
C LEU A 67 -12.92 5.19 3.04
N VAL A 68 -14.09 4.95 2.48
CA VAL A 68 -15.04 6.02 2.26
C VAL A 68 -15.64 6.49 3.58
N ASN A 69 -16.01 5.55 4.45
CA ASN A 69 -16.56 5.92 5.75
C ASN A 69 -15.49 6.66 6.53
N SER A 70 -14.28 6.14 6.46
CA SER A 70 -13.14 6.75 7.12
C SER A 70 -12.30 7.45 6.07
N TRP A 71 -12.92 8.38 5.37
CA TRP A 71 -12.23 9.11 4.32
C TRP A 71 -11.17 10.03 4.89
N ASP A 72 -10.92 9.89 6.17
CA ASP A 72 -9.91 10.68 6.83
C ASP A 72 -8.58 9.95 6.78
N TYR A 73 -8.59 8.80 6.11
CA TYR A 73 -7.39 7.99 5.94
C TYR A 73 -6.91 8.03 4.50
N VAL A 74 -5.59 8.19 4.33
CA VAL A 74 -5.01 8.24 3.00
C VAL A 74 -3.73 7.40 2.95
N PRO A 75 -3.31 6.92 1.81
CA PRO A 75 -2.05 6.12 1.74
C PRO A 75 -0.85 6.90 2.27
N SER A 76 0.03 6.21 2.99
CA SER A 76 1.22 6.88 3.52
C SER A 76 2.40 5.92 3.45
N TYR A 77 3.57 6.45 3.09
CA TYR A 77 4.77 5.63 2.94
C TYR A 77 5.93 6.16 3.78
N GLU A 78 6.93 5.31 4.01
CA GLU A 78 8.10 5.71 4.80
C GLU A 78 9.32 5.89 3.88
N ASN A 79 10.07 6.97 4.09
CA ASN A 79 11.24 7.25 3.26
C ASN A 79 12.49 6.60 3.85
N LYS A 80 13.62 6.84 3.20
CA LYS A 80 14.89 6.27 3.67
C LYS A 80 15.23 6.78 5.06
N ASP A 81 14.75 7.99 5.36
CA ASP A 81 14.99 8.59 6.67
C ASP A 81 14.19 7.83 7.71
N GLY A 82 13.00 7.41 7.32
CA GLY A 82 12.12 6.68 8.21
C GLY A 82 10.96 7.54 8.67
N ASN A 83 10.75 8.65 7.99
CA ASN A 83 9.64 9.54 8.33
C ASN A 83 8.43 9.12 7.51
N TRP A 84 7.23 9.42 7.99
CA TRP A 84 6.04 9.06 7.24
C TRP A 84 5.64 10.19 6.29
N MET A 85 5.35 9.82 5.04
CA MET A 85 4.97 10.82 4.04
C MET A 85 3.78 10.35 3.23
N LEU A 86 2.79 11.21 3.12
CA LEU A 86 1.60 10.87 2.37
C LEU A 86 1.94 10.76 0.89
N VAL A 87 1.30 9.82 0.22
CA VAL A 87 1.55 9.61 -1.20
C VAL A 87 1.53 10.93 -1.96
N GLY A 88 2.57 11.14 -2.77
CA GLY A 88 2.67 12.34 -3.58
C GLY A 88 3.21 13.49 -2.75
N ASP A 89 3.38 13.27 -1.45
CA ASP A 89 3.90 14.32 -0.59
C ASP A 89 5.32 14.70 -0.98
N VAL A 90 6.16 13.70 -1.29
CA VAL A 90 7.54 13.97 -1.69
C VAL A 90 7.71 13.80 -3.20
N PRO A 91 8.72 14.41 -3.79
CA PRO A 91 8.96 14.30 -5.27
C PRO A 91 9.14 12.86 -5.74
N TRP A 92 8.56 12.54 -6.90
CA TRP A 92 8.67 11.19 -7.43
C TRP A 92 10.10 10.66 -7.39
N PRO A 93 11.10 11.38 -7.87
CA PRO A 93 12.50 10.87 -7.86
C PRO A 93 12.98 10.56 -6.44
N MET A 94 12.62 11.40 -5.48
CA MET A 94 13.02 11.15 -4.11
C MET A 94 12.29 9.93 -3.59
N PHE A 95 11.01 9.84 -3.93
CA PHE A 95 10.19 8.71 -3.48
C PHE A 95 10.65 7.38 -4.07
N VAL A 96 10.80 7.34 -5.38
CA VAL A 96 11.19 6.10 -6.05
C VAL A 96 12.58 5.67 -5.63
N ASP A 97 13.34 6.62 -5.14
CA ASP A 97 14.70 6.35 -4.71
C ASP A 97 14.74 6.09 -3.21
N THR A 98 13.96 6.85 -2.46
CA THR A 98 13.90 6.69 -1.02
C THR A 98 12.91 5.58 -0.67
N CYS A 99 12.12 5.21 -1.66
CA CYS A 99 11.12 4.17 -1.50
C CYS A 99 11.66 2.95 -0.74
N LYS A 100 11.37 2.88 0.56
CA LYS A 100 11.83 1.74 1.37
C LYS A 100 10.65 0.92 1.92
N ARG A 101 9.69 1.59 2.54
CA ARG A 101 8.51 0.91 3.11
C ARG A 101 7.23 1.51 2.57
N LEU A 102 6.21 0.67 2.42
CA LEU A 102 4.93 1.12 1.91
C LEU A 102 3.79 0.53 2.72
N ARG A 103 2.97 1.40 3.31
CA ARG A 103 1.84 0.92 4.08
C ARG A 103 0.64 1.86 3.92
N LEU A 104 -0.47 1.31 3.48
CA LEU A 104 -1.68 2.11 3.30
C LEU A 104 -2.36 2.31 4.65
N MET A 105 -2.66 3.56 5.01
CA MET A 105 -3.31 3.81 6.28
C MET A 105 -4.79 3.54 6.12
N LYS A 106 -5.27 2.54 6.86
CA LYS A 106 -6.67 2.15 6.76
C LYS A 106 -7.34 2.15 8.13
N GLY A 107 -8.42 2.90 8.27
CA GLY A 107 -9.14 2.98 9.53
C GLY A 107 -9.92 1.69 9.79
N SER A 108 -9.93 0.81 8.80
CA SER A 108 -10.66 -0.45 8.91
C SER A 108 -10.06 -1.32 9.97
N ASP A 109 -8.81 -1.07 10.30
CA ASP A 109 -8.17 -1.91 11.26
C ASP A 109 -9.06 -2.07 12.48
N ALA A 110 -9.95 -1.11 12.67
CA ALA A 110 -10.89 -1.17 13.79
C ALA A 110 -12.22 -1.75 13.36
N ILE A 111 -12.63 -1.41 12.13
CA ILE A 111 -13.91 -1.87 11.60
C ILE A 111 -13.76 -3.23 10.91
N GLY A 112 -12.76 -3.35 10.05
CA GLY A 112 -12.53 -4.59 9.32
C GLY A 112 -12.22 -5.73 10.29
N LEU A 113 -11.44 -5.43 11.32
CA LEU A 113 -11.07 -6.44 12.30
C LEU A 113 -11.88 -6.25 13.58
N GLY A 1 22.13 -0.43 -4.23
CA GLY A 1 22.26 -1.56 -5.20
C GLY A 1 22.09 -1.04 -6.62
N GLY A 2 21.60 0.19 -6.74
CA GLY A 2 21.39 0.79 -8.06
C GLY A 2 20.27 0.08 -8.83
N PRO A 3 19.20 -0.29 -8.17
CA PRO A 3 18.04 -0.98 -8.80
C PRO A 3 17.87 -0.63 -10.29
N GLU A 4 17.11 0.43 -10.60
CA GLU A 4 16.90 0.80 -11.99
C GLU A 4 16.50 -0.43 -12.80
N ALA A 5 15.80 -1.35 -12.14
CA ALA A 5 15.36 -2.58 -12.78
C ALA A 5 14.35 -3.29 -11.88
N ALA A 6 14.54 -3.17 -10.56
CA ALA A 6 13.62 -3.81 -9.62
C ALA A 6 13.82 -3.30 -8.20
N ALA A 7 12.86 -2.54 -7.73
CA ALA A 7 12.90 -2.02 -6.38
C ALA A 7 12.35 -3.06 -5.44
N PHE A 8 12.45 -2.78 -4.17
CA PHE A 8 11.91 -3.69 -3.17
C PHE A 8 11.31 -2.88 -2.02
N VAL A 9 9.99 -2.78 -2.02
CA VAL A 9 9.29 -2.06 -0.97
C VAL A 9 8.23 -2.95 -0.37
N LYS A 10 8.22 -3.06 0.95
CA LYS A 10 7.24 -3.91 1.60
C LYS A 10 5.86 -3.25 1.60
N VAL A 11 4.85 -4.08 1.53
CA VAL A 11 3.47 -3.61 1.45
C VAL A 11 2.61 -4.24 2.54
N SER A 12 2.24 -3.41 3.51
CA SER A 12 1.41 -3.87 4.62
C SER A 12 0.23 -2.93 4.83
N MET A 13 -0.84 -3.45 5.43
CA MET A 13 -2.02 -2.64 5.71
C MET A 13 -2.32 -2.67 7.21
N ASP A 14 -2.44 -1.49 7.79
CA ASP A 14 -2.68 -1.40 9.22
C ASP A 14 -3.95 -2.16 9.63
N GLY A 15 -3.86 -2.88 10.74
CA GLY A 15 -4.99 -3.64 11.25
C GLY A 15 -4.89 -5.12 10.92
N ALA A 16 -5.47 -5.51 9.79
CA ALA A 16 -5.42 -6.91 9.38
C ALA A 16 -4.03 -7.28 8.88
N PRO A 17 -3.71 -8.54 8.83
CA PRO A 17 -2.36 -9.00 8.37
C PRO A 17 -2.16 -8.90 6.85
N TYR A 18 -1.01 -8.36 6.45
CA TYR A 18 -0.66 -8.22 5.04
C TYR A 18 0.86 -8.27 4.89
N LEU A 19 1.35 -9.00 3.91
CA LEU A 19 2.80 -9.05 3.66
C LEU A 19 3.07 -9.24 2.17
N ARG A 20 3.60 -8.22 1.54
CA ARG A 20 3.90 -8.29 0.12
C ARG A 20 4.95 -7.27 -0.29
N LYS A 21 5.87 -7.67 -1.15
CA LYS A 21 6.93 -6.78 -1.62
C LYS A 21 6.64 -6.34 -3.05
N ILE A 22 7.06 -5.12 -3.38
CA ILE A 22 6.83 -4.59 -4.74
C ILE A 22 8.07 -3.89 -5.28
N ASP A 23 8.07 -3.60 -6.58
CA ASP A 23 9.19 -2.94 -7.21
C ASP A 23 8.74 -1.65 -7.91
N LEU A 24 9.28 -0.52 -7.47
CA LEU A 24 8.95 0.76 -8.08
C LEU A 24 9.81 1.00 -9.31
N ARG A 25 10.85 0.19 -9.48
CA ARG A 25 11.75 0.32 -10.62
C ARG A 25 11.04 -0.12 -11.88
N MET A 26 10.09 -1.00 -11.69
CA MET A 26 9.30 -1.48 -12.79
C MET A 26 8.54 -0.30 -13.35
N TYR A 27 8.15 0.57 -12.43
CA TYR A 27 7.41 1.75 -12.76
C TYR A 27 8.18 2.98 -12.28
N LYS A 28 8.97 3.53 -13.18
CA LYS A 28 9.77 4.70 -12.86
C LYS A 28 8.90 5.96 -12.83
N SER A 29 7.60 5.78 -13.02
CA SER A 29 6.68 6.91 -13.00
C SER A 29 5.54 6.65 -12.03
N TYR A 30 5.03 7.70 -11.42
CA TYR A 30 3.96 7.54 -10.46
C TYR A 30 2.68 7.04 -11.14
N ASP A 31 2.50 7.38 -12.40
CA ASP A 31 1.32 6.96 -13.15
C ASP A 31 1.26 5.45 -13.32
N GLU A 32 2.42 4.83 -13.55
CA GLU A 32 2.42 3.37 -13.69
C GLU A 32 2.51 2.71 -12.33
N LEU A 33 3.23 3.33 -11.40
CA LEU A 33 3.38 2.75 -10.08
C LEU A 33 2.05 2.56 -9.44
N SER A 34 1.25 3.60 -9.44
CA SER A 34 -0.04 3.53 -8.82
C SER A 34 -0.86 2.45 -9.50
N ASN A 35 -0.75 2.38 -10.82
CA ASN A 35 -1.49 1.38 -11.57
C ASN A 35 -1.05 -0.04 -11.24
N ALA A 36 0.26 -0.26 -11.18
CA ALA A 36 0.76 -1.58 -10.86
C ALA A 36 0.38 -1.96 -9.44
N LEU A 37 0.53 -0.98 -8.55
CA LEU A 37 0.21 -1.20 -7.15
C LEU A 37 -1.27 -1.35 -6.90
N SER A 38 -2.10 -0.70 -7.69
CA SER A 38 -3.54 -0.83 -7.51
C SER A 38 -3.97 -2.27 -7.74
N ASN A 39 -3.40 -2.89 -8.77
CA ASN A 39 -3.70 -4.27 -9.10
C ASN A 39 -3.09 -5.22 -8.07
N MET A 40 -1.84 -4.94 -7.68
CA MET A 40 -1.17 -5.79 -6.72
C MET A 40 -1.82 -5.67 -5.35
N PHE A 41 -2.23 -4.45 -5.01
CA PHE A 41 -2.86 -4.21 -3.72
C PHE A 41 -4.13 -5.05 -3.61
N SER A 42 -4.81 -5.25 -4.72
CA SER A 42 -6.02 -6.06 -4.69
C SER A 42 -5.65 -7.47 -4.24
N SER A 43 -4.53 -7.95 -4.76
CA SER A 43 -4.01 -9.28 -4.45
C SER A 43 -3.50 -9.38 -3.02
N PHE A 44 -3.28 -8.23 -2.40
CA PHE A 44 -2.74 -8.19 -1.05
C PHE A 44 -3.48 -9.12 -0.09
N THR A 45 -4.74 -9.45 -0.40
CA THR A 45 -5.52 -10.36 0.45
C THR A 45 -5.90 -11.61 -0.31
N MET A 46 -6.33 -11.45 -1.56
CA MET A 46 -6.72 -12.59 -2.37
C MET A 46 -5.54 -13.53 -2.58
N GLY A 47 -5.79 -14.82 -2.46
CA GLY A 47 -4.74 -15.81 -2.62
C GLY A 47 -5.33 -17.19 -2.88
N LYS A 48 -4.48 -18.11 -3.34
CA LYS A 48 -4.93 -19.45 -3.63
C LYS A 48 -5.40 -20.13 -2.34
N HIS A 49 -4.70 -19.87 -1.24
CA HIS A 49 -5.06 -20.46 0.04
C HIS A 49 -4.71 -19.52 1.19
N GLY A 50 -5.62 -19.43 2.16
CA GLY A 50 -5.41 -18.58 3.32
C GLY A 50 -6.50 -17.52 3.43
N GLY A 51 -6.82 -17.13 4.67
CA GLY A 51 -7.85 -16.12 4.90
C GLY A 51 -9.25 -16.70 4.74
N GLU A 52 -9.33 -18.02 4.72
CA GLU A 52 -10.60 -18.71 4.56
C GLU A 52 -11.54 -18.45 5.75
N GLU A 53 -10.99 -17.89 6.81
CA GLU A 53 -11.78 -17.61 8.01
C GLU A 53 -12.63 -16.36 7.85
N GLY A 54 -12.73 -15.87 6.61
CA GLY A 54 -13.53 -14.67 6.35
C GLY A 54 -12.66 -13.43 6.39
N MET A 55 -11.40 -13.62 6.77
CA MET A 55 -10.49 -12.49 6.86
C MET A 55 -10.40 -11.79 5.51
N ILE A 56 -10.83 -12.48 4.46
CA ILE A 56 -10.80 -11.92 3.12
C ILE A 56 -12.12 -11.23 2.78
N ASP A 57 -13.22 -11.75 3.30
CA ASP A 57 -14.52 -11.18 3.05
C ASP A 57 -14.99 -10.35 4.24
N PHE A 58 -14.18 -10.34 5.27
CA PHE A 58 -14.52 -9.60 6.49
C PHE A 58 -13.88 -8.21 6.47
N MET A 59 -12.59 -8.16 6.17
CA MET A 59 -11.88 -6.88 6.12
C MET A 59 -12.07 -6.22 4.74
N ASN A 60 -12.65 -6.94 3.80
CA ASN A 60 -12.88 -6.40 2.46
C ASN A 60 -14.18 -5.59 2.41
N GLU A 61 -15.23 -6.13 3.01
CA GLU A 61 -16.53 -5.47 3.02
C GLU A 61 -16.46 -4.14 3.77
N ARG A 62 -15.42 -3.97 4.57
CA ARG A 62 -15.23 -2.73 5.32
C ARG A 62 -14.08 -1.92 4.74
N LYS A 63 -13.34 -2.55 3.83
CA LYS A 63 -12.22 -1.86 3.20
C LYS A 63 -12.76 -0.62 2.47
N LEU A 64 -13.77 -0.84 1.63
CA LEU A 64 -14.38 0.24 0.87
C LEU A 64 -15.10 1.22 1.81
N MET A 65 -16.06 0.71 2.57
CA MET A 65 -16.83 1.56 3.47
C MET A 65 -15.95 2.25 4.49
N ASP A 66 -14.83 1.66 4.87
CA ASP A 66 -13.95 2.31 5.82
C ASP A 66 -13.24 3.49 5.18
N LEU A 67 -12.83 3.30 3.93
CA LEU A 67 -12.13 4.35 3.19
C LEU A 67 -13.00 5.57 3.03
N VAL A 68 -14.21 5.36 2.53
CA VAL A 68 -15.13 6.46 2.34
C VAL A 68 -15.66 6.96 3.69
N ASN A 69 -16.01 6.03 4.57
CA ASN A 69 -16.50 6.42 5.90
C ASN A 69 -15.37 7.13 6.64
N SER A 70 -14.17 6.56 6.50
CA SER A 70 -12.98 7.13 7.12
C SER A 70 -12.14 7.81 6.04
N TRP A 71 -12.78 8.67 5.28
CA TRP A 71 -12.11 9.38 4.21
C TRP A 71 -11.10 10.37 4.74
N ASP A 72 -10.85 10.29 6.04
CA ASP A 72 -9.91 11.18 6.68
C ASP A 72 -8.53 10.52 6.72
N TYR A 73 -8.44 9.34 6.10
CA TYR A 73 -7.19 8.59 6.03
C TYR A 73 -6.68 8.55 4.60
N VAL A 74 -5.35 8.57 4.43
CA VAL A 74 -4.76 8.57 3.09
C VAL A 74 -3.50 7.67 3.06
N PRO A 75 -3.21 6.99 1.97
CA PRO A 75 -1.99 6.13 1.87
C PRO A 75 -0.73 6.87 2.29
N SER A 76 0.20 6.16 2.92
CA SER A 76 1.44 6.79 3.36
C SER A 76 2.59 5.79 3.32
N TYR A 77 3.79 6.30 3.05
CA TYR A 77 4.98 5.44 2.96
C TYR A 77 6.14 6.03 3.77
N GLU A 78 7.11 5.19 4.11
CA GLU A 78 8.27 5.64 4.87
C GLU A 78 9.44 5.86 3.92
N ASN A 79 10.23 6.89 4.20
CA ASN A 79 11.38 7.19 3.36
C ASN A 79 12.64 6.54 3.90
N LYS A 80 13.75 6.78 3.23
CA LYS A 80 15.02 6.20 3.64
C LYS A 80 15.41 6.67 5.03
N ASP A 81 14.96 7.88 5.39
CA ASP A 81 15.24 8.43 6.70
C ASP A 81 14.45 7.66 7.75
N GLY A 82 13.21 7.31 7.39
CA GLY A 82 12.34 6.57 8.29
C GLY A 82 11.19 7.44 8.79
N ASN A 83 10.90 8.50 8.04
CA ASN A 83 9.80 9.39 8.40
C ASN A 83 8.57 9.01 7.59
N TRP A 84 7.39 9.32 8.09
CA TRP A 84 6.17 8.99 7.35
C TRP A 84 5.77 10.13 6.41
N MET A 85 5.43 9.75 5.18
CA MET A 85 5.03 10.74 4.17
C MET A 85 3.81 10.27 3.39
N LEU A 86 2.78 11.10 3.35
CA LEU A 86 1.59 10.74 2.63
C LEU A 86 1.92 10.66 1.15
N VAL A 87 1.29 9.72 0.45
CA VAL A 87 1.55 9.56 -0.98
C VAL A 87 1.37 10.89 -1.72
N GLY A 88 2.36 11.24 -2.52
CA GLY A 88 2.31 12.47 -3.29
C GLY A 88 2.87 13.63 -2.47
N ASP A 89 3.09 13.38 -1.18
CA ASP A 89 3.63 14.42 -0.31
C ASP A 89 5.03 14.85 -0.75
N VAL A 90 5.84 13.87 -1.15
CA VAL A 90 7.20 14.14 -1.60
C VAL A 90 7.33 13.92 -3.11
N PRO A 91 8.29 14.55 -3.76
CA PRO A 91 8.52 14.38 -5.21
C PRO A 91 8.53 12.91 -5.62
N TRP A 92 8.48 12.65 -6.91
CA TRP A 92 8.53 11.28 -7.40
C TRP A 92 9.94 10.71 -7.30
N PRO A 93 10.98 11.39 -7.77
CA PRO A 93 12.37 10.86 -7.69
C PRO A 93 12.79 10.54 -6.26
N MET A 94 12.33 11.36 -5.32
CA MET A 94 12.65 11.11 -3.93
C MET A 94 11.90 9.87 -3.48
N PHE A 95 10.65 9.78 -3.93
CA PHE A 95 9.81 8.65 -3.57
C PHE A 95 10.38 7.35 -4.11
N VAL A 96 10.59 7.29 -5.42
CA VAL A 96 11.11 6.10 -6.07
C VAL A 96 12.53 5.80 -5.61
N ASP A 97 13.19 6.81 -5.09
CA ASP A 97 14.56 6.64 -4.64
C ASP A 97 14.61 6.33 -3.15
N THR A 98 13.65 6.87 -2.42
CA THR A 98 13.59 6.67 -0.97
C THR A 98 12.55 5.62 -0.64
N CYS A 99 11.78 5.20 -1.64
CA CYS A 99 10.74 4.21 -1.42
C CYS A 99 11.33 2.96 -0.77
N LYS A 100 11.15 2.82 0.55
CA LYS A 100 11.68 1.63 1.25
C LYS A 100 10.54 0.80 1.84
N ARG A 101 9.65 1.46 2.58
CA ARG A 101 8.53 0.78 3.19
C ARG A 101 7.24 1.51 2.83
N LEU A 102 6.24 0.77 2.38
CA LEU A 102 4.98 1.38 1.99
C LEU A 102 3.82 0.69 2.67
N ARG A 103 2.99 1.48 3.33
CA ARG A 103 1.83 0.92 4.02
C ARG A 103 0.63 1.83 3.82
N LEU A 104 -0.48 1.24 3.40
CA LEU A 104 -1.69 2.02 3.19
C LEU A 104 -2.33 2.29 4.54
N MET A 105 -2.60 3.55 4.84
CA MET A 105 -3.21 3.87 6.12
C MET A 105 -4.70 3.69 5.98
N LYS A 106 -5.24 2.74 6.76
CA LYS A 106 -6.65 2.43 6.70
C LYS A 106 -7.29 2.51 8.08
N GLY A 107 -8.34 3.31 8.20
CA GLY A 107 -9.05 3.45 9.47
C GLY A 107 -9.83 2.18 9.75
N SER A 108 -9.88 1.29 8.77
CA SER A 108 -10.60 0.03 8.89
C SER A 108 -9.99 -0.84 9.95
N ASP A 109 -8.75 -0.60 10.26
CA ASP A 109 -8.10 -1.43 11.24
C ASP A 109 -8.95 -1.48 12.49
N ALA A 110 -9.76 -0.46 12.67
CA ALA A 110 -10.64 -0.41 13.83
C ALA A 110 -12.03 -0.94 13.49
N ILE A 111 -12.42 -0.79 12.23
CA ILE A 111 -13.74 -1.23 11.79
C ILE A 111 -13.67 -2.62 11.17
N GLY A 112 -12.74 -2.79 10.25
CA GLY A 112 -12.57 -4.08 9.58
C GLY A 112 -12.18 -5.17 10.57
N LEU A 113 -11.33 -4.80 11.52
CA LEU A 113 -10.88 -5.74 12.53
C LEU A 113 -11.49 -5.39 13.89
N GLY A 1 20.67 8.16 -10.12
CA GLY A 1 21.26 6.86 -9.68
C GLY A 1 20.24 6.09 -8.86
N GLY A 2 18.98 6.18 -9.25
CA GLY A 2 17.91 5.49 -8.54
C GLY A 2 17.84 4.03 -8.96
N PRO A 3 16.95 3.29 -8.35
CA PRO A 3 16.77 1.84 -8.66
C PRO A 3 16.86 1.54 -10.16
N GLU A 4 15.77 1.81 -10.90
CA GLU A 4 15.76 1.57 -12.34
C GLU A 4 16.55 0.31 -12.67
N ALA A 5 16.36 -0.73 -11.84
CA ALA A 5 17.07 -1.99 -12.03
C ALA A 5 17.08 -2.79 -10.73
N ALA A 6 16.87 -2.09 -9.61
CA ALA A 6 16.84 -2.76 -8.32
C ALA A 6 16.13 -1.91 -7.27
N ALA A 7 14.84 -2.20 -7.06
CA ALA A 7 14.04 -1.48 -6.08
C ALA A 7 13.18 -2.48 -5.31
N PHE A 8 13.06 -2.27 -4.02
CA PHE A 8 12.23 -3.17 -3.21
C PHE A 8 11.53 -2.40 -2.11
N VAL A 9 10.23 -2.56 -2.04
CA VAL A 9 9.46 -1.90 -1.02
C VAL A 9 8.40 -2.84 -0.48
N LYS A 10 8.30 -2.91 0.83
CA LYS A 10 7.33 -3.79 1.45
C LYS A 10 5.94 -3.18 1.33
N VAL A 11 4.93 -4.00 1.55
CA VAL A 11 3.56 -3.54 1.43
C VAL A 11 2.74 -4.04 2.62
N SER A 12 2.32 -3.11 3.47
CA SER A 12 1.55 -3.47 4.66
C SER A 12 0.37 -2.52 4.86
N MET A 13 -0.65 -3.00 5.56
CA MET A 13 -1.83 -2.19 5.84
C MET A 13 -2.14 -2.26 7.33
N ASP A 14 -2.22 -1.12 7.99
CA ASP A 14 -2.51 -1.11 9.41
C ASP A 14 -3.83 -1.82 9.70
N GLY A 15 -3.82 -2.67 10.72
CA GLY A 15 -5.03 -3.42 11.09
C GLY A 15 -5.13 -4.75 10.34
N ALA A 16 -5.68 -4.70 9.14
CA ALA A 16 -5.84 -5.91 8.35
C ALA A 16 -4.47 -6.46 7.94
N PRO A 17 -4.34 -7.77 7.78
CA PRO A 17 -3.04 -8.39 7.41
C PRO A 17 -2.66 -8.13 5.95
N TYR A 18 -1.40 -7.72 5.75
CA TYR A 18 -0.88 -7.45 4.41
C TYR A 18 0.63 -7.66 4.42
N LEU A 19 1.13 -8.53 3.54
CA LEU A 19 2.57 -8.75 3.46
C LEU A 19 2.97 -9.02 2.02
N ARG A 20 3.59 -8.04 1.39
CA ARG A 20 4.03 -8.20 0.00
C ARG A 20 5.09 -7.17 -0.37
N LYS A 21 5.96 -7.52 -1.30
CA LYS A 21 7.02 -6.63 -1.77
C LYS A 21 6.74 -6.25 -3.22
N ILE A 22 7.17 -5.06 -3.64
CA ILE A 22 6.95 -4.63 -5.03
C ILE A 22 8.19 -3.91 -5.57
N ASP A 23 8.29 -3.80 -6.90
CA ASP A 23 9.44 -3.14 -7.52
C ASP A 23 8.99 -1.87 -8.23
N LEU A 24 9.55 -0.73 -7.81
CA LEU A 24 9.21 0.55 -8.43
C LEU A 24 10.06 0.77 -9.68
N ARG A 25 11.12 0.00 -9.82
CA ARG A 25 11.99 0.14 -10.99
C ARG A 25 11.23 -0.24 -12.24
N MET A 26 10.20 -1.05 -12.05
CA MET A 26 9.36 -1.48 -13.15
C MET A 26 8.56 -0.28 -13.66
N TYR A 27 8.17 0.57 -12.71
CA TYR A 27 7.40 1.74 -13.02
C TYR A 27 8.15 2.98 -12.57
N LYS A 28 8.68 3.71 -13.53
CA LYS A 28 9.46 4.90 -13.23
C LYS A 28 8.53 6.09 -13.00
N SER A 29 7.23 5.88 -13.22
CA SER A 29 6.28 6.95 -13.03
C SER A 29 5.29 6.60 -11.94
N TYR A 30 4.83 7.60 -11.23
CA TYR A 30 3.88 7.37 -10.16
C TYR A 30 2.57 6.83 -10.72
N ASP A 31 2.23 7.18 -11.96
CA ASP A 31 1.00 6.68 -12.54
C ASP A 31 1.02 5.16 -12.65
N GLU A 32 2.07 4.61 -13.26
CA GLU A 32 2.13 3.17 -13.42
C GLU A 32 2.37 2.50 -12.07
N LEU A 33 3.12 3.13 -11.19
CA LEU A 33 3.38 2.53 -9.89
C LEU A 33 2.08 2.33 -9.17
N SER A 34 1.32 3.40 -9.09
CA SER A 34 0.08 3.34 -8.38
C SER A 34 -0.81 2.27 -8.97
N ASN A 35 -0.70 2.08 -10.28
CA ASN A 35 -1.50 1.06 -10.95
C ASN A 35 -0.99 -0.33 -10.61
N ALA A 36 0.32 -0.52 -10.71
CA ALA A 36 0.90 -1.83 -10.41
C ALA A 36 0.61 -2.21 -8.98
N LEU A 37 0.79 -1.24 -8.08
CA LEU A 37 0.54 -1.47 -6.66
C LEU A 37 -0.95 -1.62 -6.38
N SER A 38 -1.76 -0.76 -6.97
CA SER A 38 -3.20 -0.81 -6.74
C SER A 38 -3.74 -2.19 -7.13
N ASN A 39 -3.23 -2.73 -8.22
CA ASN A 39 -3.66 -4.04 -8.67
C ASN A 39 -2.97 -5.16 -7.88
N MET A 40 -1.66 -5.00 -7.66
CA MET A 40 -0.90 -6.04 -6.96
C MET A 40 -1.24 -6.14 -5.48
N PHE A 41 -1.38 -5.01 -4.80
CA PHE A 41 -1.67 -5.05 -3.37
C PHE A 41 -3.09 -5.56 -3.14
N SER A 42 -4.01 -5.22 -4.05
CA SER A 42 -5.37 -5.68 -3.92
C SER A 42 -5.45 -7.18 -4.22
N SER A 43 -4.48 -7.66 -4.99
CA SER A 43 -4.44 -9.07 -5.35
C SER A 43 -4.11 -9.93 -4.14
N PHE A 44 -3.37 -9.35 -3.19
CA PHE A 44 -3.00 -10.08 -1.98
C PHE A 44 -4.23 -10.54 -1.20
N THR A 45 -5.15 -9.62 -0.97
CA THR A 45 -6.37 -9.95 -0.23
C THR A 45 -7.25 -10.91 -1.04
N MET A 46 -6.92 -11.08 -2.32
CA MET A 46 -7.68 -11.97 -3.18
C MET A 46 -6.96 -13.31 -3.31
N GLY A 47 -7.68 -14.39 -3.03
CA GLY A 47 -7.10 -15.72 -3.11
C GLY A 47 -8.14 -16.74 -3.56
N LYS A 48 -7.65 -17.81 -4.18
CA LYS A 48 -8.55 -18.87 -4.65
C LYS A 48 -9.25 -19.48 -3.44
N HIS A 49 -8.51 -19.61 -2.35
CA HIS A 49 -9.05 -20.17 -1.12
C HIS A 49 -8.41 -19.49 0.08
N GLY A 50 -9.08 -19.58 1.23
CA GLY A 50 -8.58 -18.97 2.45
C GLY A 50 -9.28 -17.63 2.71
N GLY A 51 -9.39 -17.26 3.98
CA GLY A 51 -10.04 -16.00 4.34
C GLY A 51 -11.55 -16.13 4.18
N GLU A 52 -12.02 -17.37 4.10
CA GLU A 52 -13.44 -17.64 3.95
C GLU A 52 -14.24 -17.11 5.13
N GLU A 53 -13.54 -16.77 6.20
CA GLU A 53 -14.18 -16.25 7.41
C GLU A 53 -14.81 -14.90 7.11
N GLY A 54 -14.70 -14.47 5.85
CA GLY A 54 -15.24 -13.18 5.45
C GLY A 54 -14.18 -12.12 5.46
N MET A 55 -13.00 -12.46 5.94
CA MET A 55 -11.91 -11.49 5.99
C MET A 55 -11.67 -10.90 4.61
N ILE A 56 -12.14 -11.59 3.58
CA ILE A 56 -11.97 -11.13 2.22
C ILE A 56 -13.09 -10.19 1.79
N ASP A 57 -14.30 -10.47 2.25
CA ASP A 57 -15.46 -9.65 1.92
C ASP A 57 -15.88 -8.79 3.09
N PHE A 58 -15.15 -8.90 4.19
CA PHE A 58 -15.47 -8.13 5.39
C PHE A 58 -14.60 -6.89 5.45
N MET A 59 -13.30 -7.10 5.64
CA MET A 59 -12.35 -5.99 5.71
C MET A 59 -12.23 -5.24 4.38
N ASN A 60 -12.31 -5.96 3.28
CA ASN A 60 -12.21 -5.32 1.97
C ASN A 60 -13.32 -4.31 1.80
N GLU A 61 -14.52 -4.74 2.17
CA GLU A 61 -15.71 -3.91 2.05
C GLU A 61 -15.68 -2.74 3.03
N ARG A 62 -15.08 -2.96 4.19
CA ARG A 62 -15.02 -1.93 5.20
C ARG A 62 -14.04 -0.83 4.80
N LYS A 63 -13.04 -1.18 4.00
CA LYS A 63 -12.06 -0.19 3.56
C LYS A 63 -12.74 1.00 2.91
N LEU A 64 -13.65 0.74 1.98
CA LEU A 64 -14.34 1.82 1.28
C LEU A 64 -15.13 2.67 2.27
N MET A 65 -15.92 2.03 3.12
CA MET A 65 -16.70 2.76 4.11
C MET A 65 -15.78 3.46 5.08
N ASP A 66 -14.72 2.77 5.50
CA ASP A 66 -13.76 3.34 6.43
C ASP A 66 -13.03 4.53 5.82
N LEU A 67 -12.66 4.43 4.55
CA LEU A 67 -11.95 5.53 3.90
C LEU A 67 -12.80 6.78 3.90
N VAL A 68 -13.99 6.67 3.36
CA VAL A 68 -14.89 7.82 3.32
C VAL A 68 -15.35 8.17 4.74
N ASN A 69 -15.77 7.15 5.49
CA ASN A 69 -16.20 7.39 6.86
C ASN A 69 -15.05 7.99 7.66
N SER A 70 -13.87 7.42 7.47
CA SER A 70 -12.66 7.90 8.13
C SER A 70 -11.80 8.60 7.11
N TRP A 71 -12.36 9.65 6.51
CA TRP A 71 -11.67 10.41 5.49
C TRP A 71 -10.49 11.18 6.06
N ASP A 72 -10.18 10.90 7.31
CA ASP A 72 -9.06 11.54 7.98
C ASP A 72 -7.78 10.76 7.68
N TYR A 73 -7.96 9.58 7.09
CA TYR A 73 -6.84 8.71 6.74
C TYR A 73 -6.47 8.81 5.27
N VAL A 74 -5.18 8.82 4.99
CA VAL A 74 -4.67 8.90 3.63
C VAL A 74 -3.43 8.00 3.50
N PRO A 75 -3.23 7.31 2.38
CA PRO A 75 -2.02 6.43 2.22
C PRO A 75 -0.74 7.18 2.54
N SER A 76 0.17 6.54 3.28
CA SER A 76 1.43 7.18 3.63
C SER A 76 2.58 6.17 3.53
N TYR A 77 3.73 6.63 3.06
CA TYR A 77 4.89 5.76 2.87
C TYR A 77 6.07 6.19 3.75
N GLU A 78 7.01 5.26 3.94
CA GLU A 78 8.19 5.52 4.76
C GLU A 78 9.44 5.67 3.89
N ASN A 79 10.13 6.79 4.06
CA ASN A 79 11.33 7.08 3.28
C ASN A 79 12.56 6.45 3.93
N LYS A 80 13.72 6.67 3.30
CA LYS A 80 14.97 6.14 3.81
C LYS A 80 15.23 6.68 5.21
N ASP A 81 14.69 7.86 5.49
CA ASP A 81 14.83 8.46 6.80
C ASP A 81 14.01 7.66 7.80
N GLY A 82 12.87 7.15 7.33
CA GLY A 82 12.00 6.36 8.18
C GLY A 82 10.80 7.17 8.65
N ASN A 83 10.64 8.36 8.10
CA ASN A 83 9.52 9.21 8.46
C ASN A 83 8.34 8.87 7.54
N TRP A 84 7.12 9.08 8.02
CA TRP A 84 5.96 8.79 7.20
C TRP A 84 5.59 10.01 6.36
N MET A 85 5.29 9.81 5.08
CA MET A 85 4.93 10.91 4.20
C MET A 85 3.67 10.52 3.42
N LEU A 86 2.72 11.43 3.35
CA LEU A 86 1.49 11.14 2.64
C LEU A 86 1.79 10.95 1.15
N VAL A 87 1.08 10.01 0.54
CA VAL A 87 1.29 9.74 -0.89
C VAL A 87 1.27 11.01 -1.71
N GLY A 88 2.30 11.17 -2.55
CA GLY A 88 2.40 12.34 -3.41
C GLY A 88 2.94 13.54 -2.65
N ASP A 89 3.16 13.36 -1.35
CA ASP A 89 3.69 14.46 -0.54
C ASP A 89 5.08 14.88 -1.03
N VAL A 90 5.95 13.89 -1.27
CA VAL A 90 7.30 14.18 -1.73
C VAL A 90 7.43 13.91 -3.24
N PRO A 91 8.37 14.54 -3.91
CA PRO A 91 8.58 14.33 -5.39
C PRO A 91 8.72 12.85 -5.72
N TRP A 92 8.14 12.44 -6.85
CA TRP A 92 8.23 11.04 -7.25
C TRP A 92 9.68 10.59 -7.32
N PRO A 93 10.58 11.38 -7.89
CA PRO A 93 12.02 10.98 -7.98
C PRO A 93 12.61 10.65 -6.60
N MET A 94 12.26 11.46 -5.61
CA MET A 94 12.74 11.22 -4.27
C MET A 94 12.07 9.99 -3.70
N PHE A 95 10.78 9.85 -3.98
CA PHE A 95 10.00 8.71 -3.48
C PHE A 95 10.50 7.38 -4.01
N VAL A 96 10.71 7.31 -5.32
CA VAL A 96 11.13 6.07 -5.96
C VAL A 96 12.48 5.60 -5.46
N ASP A 97 13.37 6.53 -5.18
CA ASP A 97 14.70 6.18 -4.72
C ASP A 97 14.68 5.86 -3.23
N THR A 98 14.15 6.80 -2.46
CA THR A 98 14.07 6.63 -1.01
C THR A 98 13.06 5.54 -0.68
N CYS A 99 12.26 5.18 -1.68
CA CYS A 99 11.25 4.16 -1.51
C CYS A 99 11.77 2.96 -0.71
N LYS A 100 11.37 2.86 0.55
CA LYS A 100 11.81 1.74 1.39
C LYS A 100 10.64 0.89 1.88
N ARG A 101 9.64 1.54 2.48
CA ARG A 101 8.47 0.83 2.99
C ARG A 101 7.21 1.57 2.60
N LEU A 102 6.23 0.85 2.07
CA LEU A 102 4.97 1.44 1.64
C LEU A 102 3.80 0.80 2.36
N ARG A 103 2.91 1.63 2.88
CA ARG A 103 1.73 1.09 3.55
C ARG A 103 0.58 2.06 3.45
N LEU A 104 -0.64 1.53 3.44
CA LEU A 104 -1.81 2.36 3.36
C LEU A 104 -2.34 2.63 4.76
N MET A 105 -2.62 3.89 5.05
CA MET A 105 -3.13 4.24 6.36
C MET A 105 -4.64 4.14 6.33
N LYS A 106 -5.17 3.23 7.12
CA LYS A 106 -6.60 3.01 7.16
C LYS A 106 -7.15 3.08 8.58
N GLY A 107 -8.28 3.77 8.74
CA GLY A 107 -8.93 3.88 10.03
C GLY A 107 -9.80 2.65 10.26
N SER A 108 -9.83 1.78 9.26
CA SER A 108 -10.62 0.57 9.32
C SER A 108 -10.05 -0.41 10.31
N ASP A 109 -8.80 -0.23 10.63
CA ASP A 109 -8.18 -1.16 11.53
C ASP A 109 -9.06 -1.37 12.76
N ALA A 110 -9.89 -0.37 13.03
CA ALA A 110 -10.80 -0.46 14.17
C ALA A 110 -12.18 -0.94 13.73
N ILE A 111 -12.51 -0.68 12.47
CA ILE A 111 -13.82 -1.06 11.94
C ILE A 111 -13.73 -2.38 11.17
N GLY A 112 -12.78 -2.45 10.26
CA GLY A 112 -12.60 -3.66 9.44
C GLY A 112 -12.24 -4.84 10.32
N LEU A 113 -11.38 -4.60 11.29
CA LEU A 113 -10.95 -5.68 12.19
C LEU A 113 -11.67 -5.56 13.53
N GLY A 1 18.75 4.55 -4.14
CA GLY A 1 19.57 5.52 -4.92
C GLY A 1 19.32 5.33 -6.41
N GLY A 2 18.11 5.69 -6.85
CA GLY A 2 17.77 5.56 -8.26
C GLY A 2 17.80 4.10 -8.69
N PRO A 3 17.00 3.26 -8.07
CA PRO A 3 16.94 1.81 -8.40
C PRO A 3 17.06 1.54 -9.89
N GLU A 4 15.97 1.76 -10.64
CA GLU A 4 16.00 1.54 -12.08
C GLU A 4 16.80 0.29 -12.40
N ALA A 5 16.63 -0.75 -11.60
CA ALA A 5 17.37 -2.00 -11.80
C ALA A 5 17.30 -2.87 -10.54
N ALA A 6 17.08 -2.23 -9.40
CA ALA A 6 16.98 -2.98 -8.14
C ALA A 6 16.24 -2.17 -7.08
N ALA A 7 14.96 -2.50 -6.89
CA ALA A 7 14.13 -1.82 -5.91
C ALA A 7 13.35 -2.82 -5.08
N PHE A 8 13.14 -2.50 -3.81
CA PHE A 8 12.42 -3.40 -2.91
C PHE A 8 11.67 -2.61 -1.85
N VAL A 9 10.34 -2.69 -1.88
CA VAL A 9 9.51 -2.00 -0.91
C VAL A 9 8.48 -2.97 -0.34
N LYS A 10 8.37 -3.00 0.98
CA LYS A 10 7.42 -3.91 1.63
C LYS A 10 6.04 -3.26 1.68
N VAL A 11 4.98 -4.08 1.74
CA VAL A 11 3.62 -3.54 1.81
C VAL A 11 2.84 -4.14 2.96
N SER A 12 2.48 -3.27 3.90
CA SER A 12 1.73 -3.67 5.09
C SER A 12 0.49 -2.78 5.25
N MET A 13 -0.59 -3.36 5.76
CA MET A 13 -1.83 -2.62 5.98
C MET A 13 -2.20 -2.64 7.46
N ASP A 14 -2.32 -1.47 8.06
CA ASP A 14 -2.64 -1.39 9.48
C ASP A 14 -3.91 -2.19 9.78
N GLY A 15 -3.80 -3.13 10.71
CA GLY A 15 -4.94 -3.96 11.09
C GLY A 15 -5.04 -5.23 10.25
N ALA A 16 -5.58 -5.10 9.05
CA ALA A 16 -5.75 -6.26 8.19
C ALA A 16 -4.38 -6.80 7.76
N PRO A 17 -4.28 -8.07 7.47
CA PRO A 17 -2.98 -8.69 7.07
C PRO A 17 -2.55 -8.29 5.66
N TYR A 18 -1.29 -7.89 5.52
CA TYR A 18 -0.73 -7.50 4.24
C TYR A 18 0.78 -7.67 4.26
N LEU A 19 1.33 -8.53 3.41
CA LEU A 19 2.79 -8.71 3.37
C LEU A 19 3.25 -9.06 1.96
N ARG A 20 3.85 -8.10 1.29
CA ARG A 20 4.36 -8.34 -0.06
C ARG A 20 5.39 -7.30 -0.51
N LYS A 21 6.46 -7.78 -1.13
CA LYS A 21 7.51 -6.89 -1.62
C LYS A 21 7.24 -6.56 -3.08
N ILE A 22 7.68 -5.37 -3.49
CA ILE A 22 7.45 -4.92 -4.86
C ILE A 22 8.70 -4.22 -5.39
N ASP A 23 8.72 -3.94 -6.70
CA ASP A 23 9.85 -3.25 -7.29
C ASP A 23 9.37 -1.96 -7.92
N LEU A 24 9.87 -0.85 -7.44
CA LEU A 24 9.49 0.46 -7.95
C LEU A 24 10.27 0.78 -9.21
N ARG A 25 11.36 0.05 -9.43
CA ARG A 25 12.20 0.26 -10.60
C ARG A 25 11.44 -0.09 -11.87
N MET A 26 10.45 -0.95 -11.73
CA MET A 26 9.64 -1.37 -12.85
C MET A 26 8.86 -0.19 -13.36
N TYR A 27 8.40 0.62 -12.42
CA TYR A 27 7.61 1.78 -12.74
C TYR A 27 8.38 3.04 -12.39
N LYS A 28 8.83 3.73 -13.43
CA LYS A 28 9.60 4.96 -13.26
C LYS A 28 8.66 6.14 -13.14
N SER A 29 7.35 5.88 -13.20
CA SER A 29 6.38 6.96 -13.08
C SER A 29 5.34 6.63 -12.02
N TYR A 30 4.89 7.65 -11.32
CA TYR A 30 3.92 7.44 -10.27
C TYR A 30 2.64 6.80 -10.81
N ASP A 31 2.30 7.07 -12.06
CA ASP A 31 1.08 6.49 -12.62
C ASP A 31 1.16 4.96 -12.66
N GLU A 32 2.24 4.42 -13.22
CA GLU A 32 2.33 2.97 -13.30
C GLU A 32 2.54 2.38 -11.92
N LEU A 33 3.28 3.05 -11.07
CA LEU A 33 3.49 2.54 -9.73
C LEU A 33 2.17 2.36 -9.04
N SER A 34 1.40 3.41 -9.03
CA SER A 34 0.11 3.38 -8.38
C SER A 34 -0.77 2.30 -8.99
N ASN A 35 -0.72 2.15 -10.31
CA ASN A 35 -1.53 1.14 -10.97
C ASN A 35 -1.04 -0.27 -10.65
N ALA A 36 0.28 -0.45 -10.70
CA ALA A 36 0.86 -1.75 -10.40
C ALA A 36 0.55 -2.13 -8.97
N LEU A 37 0.74 -1.18 -8.07
CA LEU A 37 0.48 -1.41 -6.65
C LEU A 37 -1.02 -1.53 -6.39
N SER A 38 -1.82 -0.73 -7.08
CA SER A 38 -3.26 -0.79 -6.90
C SER A 38 -3.79 -2.17 -7.26
N ASN A 39 -3.30 -2.72 -8.35
CA ASN A 39 -3.72 -4.04 -8.80
C ASN A 39 -3.03 -5.15 -8.00
N MET A 40 -1.74 -4.96 -7.73
CA MET A 40 -0.97 -5.96 -7.01
C MET A 40 -1.37 -6.08 -5.54
N PHE A 41 -1.58 -4.96 -4.86
CA PHE A 41 -1.93 -5.02 -3.45
C PHE A 41 -3.37 -5.48 -3.28
N SER A 42 -4.26 -5.06 -4.19
CA SER A 42 -5.65 -5.47 -4.12
C SER A 42 -5.76 -6.96 -4.38
N SER A 43 -4.86 -7.44 -5.22
CA SER A 43 -4.81 -8.85 -5.58
C SER A 43 -4.55 -9.73 -4.36
N PHE A 44 -3.64 -9.27 -3.49
CA PHE A 44 -3.30 -10.04 -2.30
C PHE A 44 -4.52 -10.30 -1.42
N THR A 45 -5.29 -9.25 -1.14
CA THR A 45 -6.48 -9.40 -0.29
C THR A 45 -7.61 -10.10 -1.05
N MET A 46 -7.61 -9.99 -2.37
CA MET A 46 -8.64 -10.61 -3.17
C MET A 46 -8.14 -11.92 -3.77
N GLY A 47 -8.81 -13.02 -3.45
CA GLY A 47 -8.42 -14.32 -3.97
C GLY A 47 -9.52 -15.36 -3.74
N LYS A 48 -9.51 -16.41 -4.55
CA LYS A 48 -10.49 -17.47 -4.40
C LYS A 48 -10.28 -18.13 -3.03
N HIS A 49 -9.01 -18.25 -2.66
CA HIS A 49 -8.65 -18.85 -1.38
C HIS A 49 -7.67 -17.95 -0.63
N GLY A 50 -7.63 -18.12 0.68
CA GLY A 50 -6.75 -17.32 1.53
C GLY A 50 -7.51 -16.19 2.21
N GLY A 51 -8.72 -15.93 1.74
CA GLY A 51 -9.55 -14.89 2.31
C GLY A 51 -11.01 -15.32 2.36
N GLU A 52 -11.27 -16.54 1.93
CA GLU A 52 -12.63 -17.09 1.91
C GLU A 52 -13.17 -17.30 3.32
N GLU A 53 -12.28 -17.26 4.31
CA GLU A 53 -12.67 -17.46 5.70
C GLU A 53 -13.68 -16.39 6.10
N GLY A 54 -13.71 -15.32 5.33
CA GLY A 54 -14.62 -14.21 5.61
C GLY A 54 -13.89 -12.88 5.48
N MET A 55 -12.57 -12.96 5.35
CA MET A 55 -11.77 -11.76 5.22
C MET A 55 -12.13 -11.04 3.93
N ILE A 56 -12.91 -11.74 3.11
CA ILE A 56 -13.35 -11.20 1.84
C ILE A 56 -14.73 -10.57 1.95
N ASP A 57 -15.45 -10.92 3.01
CA ASP A 57 -16.78 -10.39 3.23
C ASP A 57 -16.84 -9.65 4.56
N PHE A 58 -15.77 -9.77 5.34
CA PHE A 58 -15.71 -9.13 6.64
C PHE A 58 -14.93 -7.83 6.59
N MET A 59 -13.62 -7.92 6.35
CA MET A 59 -12.78 -6.73 6.29
C MET A 59 -12.86 -6.05 4.93
N ASN A 60 -13.31 -6.79 3.93
CA ASN A 60 -13.46 -6.22 2.60
C ASN A 60 -14.61 -5.23 2.61
N GLU A 61 -15.67 -5.63 3.28
CA GLU A 61 -16.87 -4.82 3.41
C GLU A 61 -16.61 -3.59 4.27
N ARG A 62 -15.59 -3.67 5.11
CA ARG A 62 -15.25 -2.56 5.99
C ARG A 62 -14.10 -1.76 5.38
N LYS A 63 -13.36 -2.39 4.48
CA LYS A 63 -12.24 -1.71 3.84
C LYS A 63 -12.74 -0.49 3.09
N LEU A 64 -13.64 -0.69 2.14
CA LEU A 64 -14.17 0.43 1.37
C LEU A 64 -14.92 1.39 2.29
N MET A 65 -15.85 0.86 3.08
CA MET A 65 -16.64 1.68 3.97
C MET A 65 -15.80 2.41 4.99
N ASP A 66 -14.71 1.81 5.44
CA ASP A 66 -13.85 2.48 6.39
C ASP A 66 -13.13 3.65 5.75
N LEU A 67 -12.69 3.45 4.51
CA LEU A 67 -11.97 4.50 3.79
C LEU A 67 -12.85 5.70 3.57
N VAL A 68 -14.01 5.46 2.99
CA VAL A 68 -14.95 6.55 2.75
C VAL A 68 -15.51 7.07 4.07
N ASN A 69 -15.87 6.16 4.98
CA ASN A 69 -16.37 6.58 6.27
C ASN A 69 -15.27 7.33 7.02
N SER A 70 -14.06 6.77 6.95
CA SER A 70 -12.90 7.38 7.58
C SER A 70 -12.05 8.00 6.49
N TRP A 71 -12.63 8.93 5.77
CA TRP A 71 -11.94 9.59 4.68
C TRP A 71 -10.83 10.49 5.18
N ASP A 72 -10.54 10.38 6.46
CA ASP A 72 -9.48 11.16 7.07
C ASP A 72 -8.15 10.42 6.86
N TYR A 73 -8.26 9.14 6.51
CA TYR A 73 -7.08 8.30 6.29
C TYR A 73 -6.68 8.29 4.82
N VAL A 74 -5.37 8.35 4.58
CA VAL A 74 -4.85 8.35 3.22
C VAL A 74 -3.59 7.48 3.15
N PRO A 75 -3.21 6.95 2.00
CA PRO A 75 -1.98 6.11 1.90
C PRO A 75 -0.76 6.89 2.39
N SER A 76 0.15 6.20 3.07
CA SER A 76 1.35 6.86 3.57
C SER A 76 2.55 5.93 3.45
N TYR A 77 3.71 6.49 3.12
CA TYR A 77 4.93 5.70 2.92
C TYR A 77 6.09 6.23 3.76
N GLU A 78 7.10 5.38 3.98
CA GLU A 78 8.29 5.78 4.75
C GLU A 78 9.50 5.89 3.84
N ASN A 79 10.27 6.95 4.03
CA ASN A 79 11.47 7.19 3.24
C ASN A 79 12.67 6.53 3.89
N LYS A 80 13.83 6.74 3.28
CA LYS A 80 15.06 6.17 3.79
C LYS A 80 15.39 6.76 5.16
N ASP A 81 14.93 7.98 5.39
CA ASP A 81 15.15 8.64 6.68
C ASP A 81 14.29 7.94 7.74
N GLY A 82 13.09 7.54 7.33
CA GLY A 82 12.18 6.86 8.23
C GLY A 82 11.01 7.73 8.67
N ASN A 83 10.80 8.83 7.96
CA ASN A 83 9.69 9.72 8.28
C ASN A 83 8.44 9.29 7.50
N TRP A 84 7.26 9.68 7.97
CA TRP A 84 6.03 9.33 7.28
C TRP A 84 5.60 10.45 6.32
N MET A 85 5.30 10.07 5.08
CA MET A 85 4.86 11.03 4.07
C MET A 85 3.64 10.52 3.34
N LEU A 86 2.60 11.33 3.29
CA LEU A 86 1.40 10.93 2.60
C LEU A 86 1.68 10.90 1.10
N VAL A 87 1.05 9.99 0.40
CA VAL A 87 1.26 9.89 -1.04
C VAL A 87 1.09 11.25 -1.70
N GLY A 88 2.07 11.63 -2.50
CA GLY A 88 2.04 12.91 -3.17
C GLY A 88 2.67 13.97 -2.29
N ASP A 89 2.94 13.61 -1.04
CA ASP A 89 3.55 14.54 -0.09
C ASP A 89 5.06 14.57 -0.28
N VAL A 90 5.56 13.65 -1.12
CA VAL A 90 6.99 13.57 -1.40
C VAL A 90 7.22 13.55 -2.92
N PRO A 91 8.20 14.24 -3.46
CA PRO A 91 8.47 14.22 -4.93
C PRO A 91 8.62 12.81 -5.46
N TRP A 92 8.05 12.54 -6.64
CA TRP A 92 8.16 11.20 -7.21
C TRP A 92 9.61 10.74 -7.29
N PRO A 93 10.53 11.57 -7.71
CA PRO A 93 11.96 11.16 -7.82
C PRO A 93 12.51 10.73 -6.47
N MET A 94 12.17 11.47 -5.42
CA MET A 94 12.63 11.11 -4.10
C MET A 94 11.92 9.85 -3.64
N PHE A 95 10.63 9.76 -3.95
CA PHE A 95 9.85 8.59 -3.54
C PHE A 95 10.35 7.31 -4.16
N VAL A 96 10.54 7.32 -5.47
CA VAL A 96 10.97 6.14 -6.18
C VAL A 96 12.37 5.72 -5.76
N ASP A 97 13.13 6.67 -5.28
CA ASP A 97 14.49 6.40 -4.85
C ASP A 97 14.54 5.99 -3.39
N THR A 98 13.96 6.83 -2.53
CA THR A 98 13.92 6.56 -1.11
C THR A 98 12.91 5.47 -0.80
N CYS A 99 12.11 5.13 -1.81
CA CYS A 99 11.09 4.12 -1.65
C CYS A 99 11.61 2.90 -0.88
N LYS A 100 11.32 2.86 0.43
CA LYS A 100 11.77 1.76 1.27
C LYS A 100 10.60 0.97 1.87
N ARG A 101 9.67 1.67 2.51
CA ARG A 101 8.51 1.03 3.11
C ARG A 101 7.23 1.71 2.67
N LEU A 102 6.27 0.90 2.24
CA LEU A 102 4.98 1.41 1.78
C LEU A 102 3.86 0.77 2.57
N ARG A 103 2.91 1.56 3.01
CA ARG A 103 1.79 1.02 3.75
C ARG A 103 0.56 1.90 3.59
N LEU A 104 -0.61 1.29 3.66
CA LEU A 104 -1.84 2.03 3.54
C LEU A 104 -2.43 2.26 4.92
N MET A 105 -2.70 3.51 5.25
CA MET A 105 -3.27 3.83 6.54
C MET A 105 -4.76 3.64 6.47
N LYS A 106 -5.27 2.70 7.24
CA LYS A 106 -6.69 2.40 7.24
C LYS A 106 -7.28 2.44 8.65
N GLY A 107 -8.31 3.26 8.83
CA GLY A 107 -8.98 3.36 10.12
C GLY A 107 -9.78 2.09 10.38
N SER A 108 -9.87 1.24 9.36
CA SER A 108 -10.62 0.00 9.45
C SER A 108 -10.01 -0.94 10.46
N ASP A 109 -8.73 -0.76 10.71
CA ASP A 109 -8.06 -1.65 11.62
C ASP A 109 -8.89 -1.81 12.87
N ALA A 110 -9.71 -0.83 13.16
CA ALA A 110 -10.57 -0.89 14.34
C ALA A 110 -11.96 -1.40 13.96
N ILE A 111 -12.34 -1.19 12.71
CA ILE A 111 -13.67 -1.61 12.25
C ILE A 111 -13.59 -2.94 11.51
N GLY A 112 -12.67 -3.03 10.55
CA GLY A 112 -12.49 -4.26 9.78
C GLY A 112 -12.04 -5.39 10.68
N LEU A 113 -11.16 -5.06 11.61
CA LEU A 113 -10.63 -6.06 12.54
C LEU A 113 -11.16 -5.80 13.95
#